data_8V9D
#
_entry.id   8V9D
#
_cell.length_a   1.00
_cell.length_b   1.00
_cell.length_c   1.00
_cell.angle_alpha   90.00
_cell.angle_beta   90.00
_cell.angle_gamma   90.00
#
_symmetry.space_group_name_H-M   'P 1'
#
loop_
_entity.id
_entity.type
_entity.pdbx_description
1 polymer Aquaporin-4
2 polymer 'rAB 186 Heavy Chain'
3 polymer 'rAB 186 Light Chain'
4 water water
#
loop_
_entity_poly.entity_id
_entity_poly.type
_entity_poly.pdbx_seq_one_letter_code
_entity_poly.pdbx_strand_id
1 'polypeptide(L)'
;MHHHHHHHHDYKDDDDKLVPRGSEFMSDRPTARRWGKCGPLCTRENIMVAFKGVWTQAFWKAVTAEFLAMLIFVLLSLGS
TINWGGTEKPLPVDMVLISLCFGLSIATMVQCFGHISGGHINPAVTVAMVCTRKISIAKSVFYIAAQCLGAIIGAGILYL
VTPPSVVGGLGVTMVHGNLTAGHGLLVELIITFQLVFTIFASCDSKRTDVTGSIALAIGFSVAIGHLFAINYTGASMNPA
RSFGPAVIMGNWENHWIYWVGPIIGAVLAGGLYEYVFCPDVEFKRRFKEAFSKAAQQTKGSYMEVEDNRSQVETDDLILK
PGVVHVIDVDRGEEKKGKDQSGEVLSSV
;
A,B,C,D
2 'polypeptide(L)'
;SQVQLQESGPGLVKPSQTLPLTCTVSGGYISSGSHQWGWIRQPAGKGLEWIGRIYTSGSTNYNPSLKSRVTISVDTSKNQ
FSLKLSSVTAADTAVYYCARVNYDLLTGRANFFDPWGQGTPVTVSSASTKGPSVFPLAPSSKSTSGGTAALGCLVKDYFP
EPVTVSWNSGALTSGVHTFPAVLQSSGLYSLSSVVTVPSSSLGTQTYICNVNHKPSNTKVDKKVEPKSCDKTH
;
I,K,M
3 'polypeptide(L)'
;EIVLTQSPGTLSLSPGERATLSCRASQSVSSRSVAWYQQKPGQAPRLLIYGASNRATGIPDRFSGSGSGTDFTLTISRLE
PEDFVVFYCQQYGSSPLTFGGGTKVEIKRTVAAPSVFIFPPSDEQLKSGTASVVCLLNNFYPREAKVQWKVDNALQSGNS
QESVTEQDSKDSTYSLSSTLTLSKADYEKHKVYACEVTHQGLSSPVTKSFNRGEC
;
J,L,N
#
# COMPACT_ATOMS: atom_id res chain seq x y z
N GLN A 57 -39.78 -28.12 -42.48
CA GLN A 57 -39.62 -26.88 -43.22
C GLN A 57 -38.29 -26.22 -42.89
N ALA A 58 -37.51 -25.91 -43.93
CA ALA A 58 -36.24 -25.23 -43.72
C ALA A 58 -36.42 -23.80 -43.28
N PHE A 59 -37.59 -23.20 -43.50
CA PHE A 59 -37.83 -21.83 -43.06
C PHE A 59 -37.99 -21.75 -41.55
N TRP A 60 -38.78 -22.66 -40.98
CA TRP A 60 -39.02 -22.63 -39.54
C TRP A 60 -37.80 -23.02 -38.73
N LYS A 61 -36.87 -23.76 -39.33
CA LYS A 61 -35.60 -24.03 -38.67
C LYS A 61 -34.69 -22.80 -38.69
N ALA A 62 -34.78 -21.99 -39.74
CA ALA A 62 -33.99 -20.77 -39.79
C ALA A 62 -34.51 -19.73 -38.80
N VAL A 63 -35.82 -19.63 -38.66
CA VAL A 63 -36.40 -18.67 -37.71
C VAL A 63 -36.11 -19.08 -36.28
N THR A 64 -36.14 -20.38 -36.00
CA THR A 64 -35.85 -20.86 -34.65
C THR A 64 -34.40 -20.62 -34.27
N ALA A 65 -33.47 -20.76 -35.22
CA ALA A 65 -32.06 -20.51 -34.94
C ALA A 65 -31.82 -19.04 -34.61
N GLU A 66 -32.51 -18.13 -35.33
CA GLU A 66 -32.36 -16.71 -35.05
C GLU A 66 -32.89 -16.36 -33.66
N PHE A 67 -34.00 -16.97 -33.26
CA PHE A 67 -34.52 -16.75 -31.91
C PHE A 67 -33.56 -17.31 -30.86
N LEU A 68 -33.03 -18.51 -31.09
CA LEU A 68 -32.16 -19.13 -30.09
C LEU A 68 -30.79 -18.49 -30.07
N ALA A 69 -30.26 -18.10 -31.24
CA ALA A 69 -28.97 -17.42 -31.28
C ALA A 69 -29.03 -16.09 -30.56
N MET A 70 -30.12 -15.35 -30.72
CA MET A 70 -30.24 -14.04 -30.10
C MET A 70 -30.43 -14.16 -28.59
N LEU A 71 -31.07 -15.23 -28.13
CA LEU A 71 -31.28 -15.43 -26.70
C LEU A 71 -29.96 -15.65 -25.97
N ILE A 72 -29.10 -16.51 -26.53
CA ILE A 72 -27.84 -16.82 -25.87
C ILE A 72 -26.89 -15.62 -25.92
N PHE A 73 -26.85 -14.91 -27.05
CA PHE A 73 -25.99 -13.75 -27.17
C PHE A 73 -26.35 -12.69 -26.13
N VAL A 74 -27.64 -12.44 -25.94
CA VAL A 74 -28.07 -11.38 -25.03
C VAL A 74 -27.79 -11.76 -23.58
N LEU A 75 -28.05 -13.01 -23.21
CA LEU A 75 -27.87 -13.43 -21.82
C LEU A 75 -26.41 -13.35 -21.40
N LEU A 76 -25.51 -13.98 -22.17
CA LEU A 76 -24.11 -14.01 -21.79
C LEU A 76 -23.46 -12.64 -21.95
N SER A 77 -23.82 -11.90 -23.00
CA SER A 77 -23.20 -10.60 -23.25
C SER A 77 -23.63 -9.57 -22.22
N LEU A 78 -24.92 -9.50 -21.92
CA LEU A 78 -25.39 -8.53 -20.93
C LEU A 78 -24.95 -8.90 -19.52
N GLY A 79 -24.76 -10.19 -19.24
CA GLY A 79 -24.28 -10.59 -17.93
C GLY A 79 -22.89 -10.09 -17.64
N SER A 80 -22.06 -9.92 -18.67
CA SER A 80 -20.72 -9.40 -18.49
C SER A 80 -20.71 -7.93 -18.06
N THR A 81 -21.81 -7.22 -18.25
CA THR A 81 -21.89 -5.81 -17.88
C THR A 81 -22.30 -5.58 -16.44
N ILE A 82 -22.65 -6.63 -15.70
CA ILE A 82 -23.13 -6.46 -14.34
C ILE A 82 -22.00 -5.93 -13.47
N ASN A 83 -22.30 -4.89 -12.69
CA ASN A 83 -21.35 -4.33 -11.73
C ASN A 83 -21.58 -5.02 -10.39
N TRP A 84 -20.64 -5.88 -10.00
CA TRP A 84 -20.78 -6.73 -8.84
C TRP A 84 -20.41 -6.03 -7.54
N GLY A 85 -19.94 -4.78 -7.62
CA GLY A 85 -19.69 -4.00 -6.42
C GLY A 85 -20.91 -3.32 -5.84
N GLY A 86 -22.05 -3.43 -6.52
CA GLY A 86 -23.28 -2.84 -6.03
C GLY A 86 -23.34 -1.36 -6.29
N THR A 87 -24.43 -0.76 -5.83
CA THR A 87 -24.60 0.69 -5.92
C THR A 87 -23.89 1.43 -4.80
N GLU A 88 -23.49 0.72 -3.74
CA GLU A 88 -22.82 1.38 -2.61
C GLU A 88 -21.40 1.77 -2.98
N LYS A 89 -20.58 0.80 -3.37
CA LYS A 89 -19.18 1.01 -3.71
C LYS A 89 -18.92 0.35 -5.06
N PRO A 90 -19.31 0.99 -6.15
CA PRO A 90 -19.15 0.37 -7.47
C PRO A 90 -17.70 0.02 -7.77
N LEU A 91 -17.50 -1.12 -8.40
CA LEU A 91 -16.17 -1.54 -8.83
C LEU A 91 -15.81 -0.86 -10.15
N PRO A 92 -14.52 -0.66 -10.41
CA PRO A 92 -14.12 -0.09 -11.71
C PRO A 92 -14.57 -0.96 -12.86
N VAL A 93 -14.95 -0.31 -13.96
CA VAL A 93 -15.44 -1.02 -15.14
C VAL A 93 -14.27 -1.56 -15.94
N ASP A 94 -14.36 -2.83 -16.33
CA ASP A 94 -13.35 -3.48 -17.17
C ASP A 94 -13.87 -3.47 -18.60
N MET A 95 -13.32 -2.56 -19.42
CA MET A 95 -13.80 -2.44 -20.81
C MET A 95 -13.35 -3.62 -21.66
N VAL A 96 -12.20 -4.21 -21.35
CA VAL A 96 -11.74 -5.38 -22.10
C VAL A 96 -12.64 -6.58 -21.85
N LEU A 97 -13.15 -6.71 -20.62
CA LEU A 97 -14.04 -7.81 -20.30
C LEU A 97 -15.33 -7.73 -21.12
N ILE A 98 -15.92 -6.54 -21.19
CA ILE A 98 -17.20 -6.39 -21.88
C ILE A 98 -17.03 -6.52 -23.38
N SER A 99 -15.96 -5.94 -23.93
CA SER A 99 -15.76 -5.97 -25.37
C SER A 99 -15.52 -7.38 -25.87
N LEU A 100 -14.71 -8.17 -25.15
CA LEU A 100 -14.41 -9.52 -25.58
C LEU A 100 -15.63 -10.43 -25.50
N CYS A 101 -16.44 -10.26 -24.45
CA CYS A 101 -17.63 -11.11 -24.31
C CYS A 101 -18.62 -10.83 -25.43
N PHE A 102 -18.83 -9.55 -25.77
CA PHE A 102 -19.72 -9.23 -26.87
C PHE A 102 -19.17 -9.74 -28.20
N GLY A 103 -17.89 -9.48 -28.45
CA GLY A 103 -17.29 -9.91 -29.72
C GLY A 103 -17.21 -11.41 -29.86
N LEU A 104 -16.76 -12.11 -28.82
CA LEU A 104 -16.63 -13.56 -28.89
C LEU A 104 -17.96 -14.28 -28.81
N SER A 105 -19.00 -13.63 -28.29
CA SER A 105 -20.33 -14.21 -28.33
C SER A 105 -20.90 -14.17 -29.75
N ILE A 106 -20.62 -13.09 -30.49
CA ILE A 106 -21.04 -13.00 -31.87
C ILE A 106 -20.31 -14.01 -32.73
N ALA A 107 -19.00 -14.17 -32.51
CA ALA A 107 -18.23 -15.15 -33.26
C ALA A 107 -18.71 -16.56 -33.00
N THR A 108 -19.28 -16.81 -31.82
CA THR A 108 -19.70 -18.16 -31.45
C THR A 108 -21.05 -18.52 -32.04
N MET A 109 -21.99 -17.58 -32.07
CA MET A 109 -23.31 -17.87 -32.64
C MET A 109 -23.27 -17.93 -34.16
N VAL A 110 -22.36 -17.18 -34.79
CA VAL A 110 -22.19 -17.29 -36.24
C VAL A 110 -21.63 -18.67 -36.60
N GLN A 111 -20.68 -19.17 -35.80
CA GLN A 111 -20.16 -20.51 -36.01
C GLN A 111 -21.26 -21.57 -35.84
N CYS A 112 -22.08 -21.43 -34.80
CA CYS A 112 -23.07 -22.46 -34.49
C CYS A 112 -24.22 -22.45 -35.50
N PHE A 113 -24.75 -21.27 -35.81
CA PHE A 113 -25.98 -21.15 -36.58
C PHE A 113 -25.76 -20.55 -37.96
N GLY A 114 -24.51 -20.38 -38.38
CA GLY A 114 -24.25 -19.72 -39.65
C GLY A 114 -24.82 -20.47 -40.84
N HIS A 115 -24.79 -21.81 -40.78
CA HIS A 115 -25.29 -22.63 -41.87
C HIS A 115 -26.76 -22.97 -41.75
N ILE A 116 -27.42 -22.57 -40.66
CA ILE A 116 -28.82 -22.89 -40.44
C ILE A 116 -29.72 -21.71 -40.80
N SER A 117 -29.35 -20.50 -40.38
CA SER A 117 -30.19 -19.32 -40.58
C SER A 117 -29.49 -18.19 -41.32
N GLY A 118 -28.17 -18.25 -41.51
CA GLY A 118 -27.42 -17.17 -42.10
C GLY A 118 -26.61 -16.35 -41.12
N GLY A 119 -26.84 -16.51 -39.83
CA GLY A 119 -26.03 -15.85 -38.82
C GLY A 119 -26.13 -14.33 -38.81
N HIS A 120 -27.35 -13.81 -38.90
CA HIS A 120 -27.54 -12.36 -38.83
C HIS A 120 -27.47 -11.88 -37.38
N ILE A 121 -28.38 -12.33 -36.54
CA ILE A 121 -28.41 -12.00 -35.12
C ILE A 121 -28.33 -10.47 -35.03
N ASN A 122 -28.96 -9.79 -35.98
CA ASN A 122 -28.96 -8.33 -35.96
C ASN A 122 -30.04 -7.79 -36.86
N PRO A 123 -31.01 -7.04 -36.33
CA PRO A 123 -32.03 -6.45 -37.20
C PRO A 123 -31.48 -5.50 -38.24
N ALA A 124 -30.35 -4.84 -37.96
CA ALA A 124 -29.76 -3.95 -38.95
C ALA A 124 -29.11 -4.73 -40.09
N VAL A 125 -28.51 -5.87 -39.79
CA VAL A 125 -27.92 -6.70 -40.83
C VAL A 125 -29.02 -7.31 -41.70
N THR A 126 -30.14 -7.69 -41.10
CA THR A 126 -31.25 -8.23 -41.87
C THR A 126 -31.81 -7.20 -42.83
N VAL A 127 -31.88 -5.93 -42.40
CA VAL A 127 -32.40 -4.88 -43.27
C VAL A 127 -31.46 -4.64 -44.45
N ALA A 128 -30.15 -4.70 -44.20
CA ALA A 128 -29.18 -4.50 -45.27
C ALA A 128 -29.29 -5.60 -46.33
N MET A 129 -29.49 -6.85 -45.90
CA MET A 129 -29.58 -7.96 -46.84
C MET A 129 -30.82 -7.82 -47.74
N VAL A 130 -31.93 -7.35 -47.17
CA VAL A 130 -33.14 -7.18 -47.97
C VAL A 130 -32.93 -6.15 -49.06
N CYS A 131 -32.32 -5.01 -48.72
CA CYS A 131 -32.13 -3.95 -49.69
C CYS A 131 -31.22 -4.39 -50.83
N THR A 132 -30.20 -5.18 -50.53
CA THR A 132 -29.28 -5.70 -51.53
C THR A 132 -29.83 -6.95 -52.22
N ARG A 133 -31.08 -7.32 -51.93
CA ARG A 133 -31.75 -8.44 -52.59
C ARG A 133 -31.02 -9.76 -52.31
N LYS A 134 -30.74 -10.01 -51.04
CA LYS A 134 -30.19 -11.29 -50.60
C LYS A 134 -31.20 -12.14 -49.83
N ILE A 135 -32.27 -11.54 -49.30
CA ILE A 135 -33.39 -12.27 -48.73
C ILE A 135 -34.66 -11.53 -49.08
N SER A 136 -35.77 -12.26 -49.04
CA SER A 136 -37.07 -11.70 -49.41
C SER A 136 -37.64 -10.88 -48.28
N ILE A 137 -38.64 -10.05 -48.61
CA ILE A 137 -39.30 -9.22 -47.61
C ILE A 137 -40.02 -10.09 -46.59
N ALA A 138 -40.70 -11.14 -47.06
CA ALA A 138 -41.43 -12.02 -46.15
C ALA A 138 -40.48 -12.75 -45.20
N LYS A 139 -39.34 -13.22 -45.71
CA LYS A 139 -38.41 -13.93 -44.86
C LYS A 139 -37.84 -13.03 -43.77
N SER A 140 -37.58 -11.76 -44.09
CA SER A 140 -36.92 -10.85 -43.16
C SER A 140 -37.86 -10.29 -42.11
N VAL A 141 -39.17 -10.37 -42.32
CA VAL A 141 -40.10 -9.93 -41.28
C VAL A 141 -40.05 -10.88 -40.10
N PHE A 142 -39.90 -12.18 -40.36
CA PHE A 142 -39.86 -13.17 -39.30
C PHE A 142 -38.53 -13.21 -38.57
N TYR A 143 -37.42 -12.92 -39.27
CA TYR A 143 -36.15 -12.79 -38.55
C TYR A 143 -36.17 -11.63 -37.57
N ILE A 144 -36.68 -10.47 -37.99
CA ILE A 144 -36.67 -9.31 -37.12
C ILE A 144 -37.56 -9.53 -35.91
N ALA A 145 -38.73 -10.15 -36.11
CA ALA A 145 -39.59 -10.48 -34.98
C ALA A 145 -38.93 -11.48 -34.06
N ALA A 146 -38.26 -12.50 -34.62
CA ALA A 146 -37.60 -13.50 -33.80
C ALA A 146 -36.44 -12.89 -33.01
N GLN A 147 -35.66 -12.01 -33.64
CA GLN A 147 -34.53 -11.40 -32.95
C GLN A 147 -34.99 -10.55 -31.77
N CYS A 148 -36.06 -9.77 -31.94
CA CYS A 148 -36.56 -8.95 -30.85
C CYS A 148 -37.12 -9.80 -29.72
N LEU A 149 -37.81 -10.89 -30.05
CA LEU A 149 -38.32 -11.80 -29.04
C LEU A 149 -37.19 -12.46 -28.25
N GLY A 150 -36.13 -12.87 -28.95
CA GLY A 150 -35.02 -13.50 -28.27
C GLY A 150 -34.34 -12.57 -27.29
N ALA A 151 -34.19 -11.30 -27.66
CA ALA A 151 -33.57 -10.33 -26.77
C ALA A 151 -34.42 -10.10 -25.52
N ILE A 152 -35.74 -10.04 -25.67
CA ILE A 152 -36.61 -9.87 -24.51
C ILE A 152 -36.51 -11.06 -23.58
N ILE A 153 -36.52 -12.27 -24.14
CA ILE A 153 -36.44 -13.47 -23.31
C ILE A 153 -35.07 -13.57 -22.66
N GLY A 154 -34.01 -13.27 -23.40
CA GLY A 154 -32.67 -13.34 -22.84
C GLY A 154 -32.46 -12.36 -21.71
N ALA A 155 -32.99 -11.14 -21.85
CA ALA A 155 -32.88 -10.16 -20.77
C ALA A 155 -33.79 -10.50 -19.60
N GLY A 156 -34.92 -11.16 -19.86
CA GLY A 156 -35.77 -11.59 -18.77
C GLY A 156 -35.13 -12.66 -17.90
N ILE A 157 -34.42 -13.60 -18.51
CA ILE A 157 -33.75 -14.66 -17.76
C ILE A 157 -32.62 -14.08 -16.93
N LEU A 158 -31.88 -13.13 -17.49
CA LEU A 158 -30.80 -12.48 -16.74
C LEU A 158 -31.34 -11.80 -15.50
N TYR A 159 -32.52 -11.20 -15.60
CA TYR A 159 -33.09 -10.50 -14.45
C TYR A 159 -33.50 -11.46 -13.35
N LEU A 160 -33.92 -12.68 -13.72
CA LEU A 160 -34.40 -13.63 -12.72
C LEU A 160 -33.26 -14.20 -11.89
N VAL A 161 -32.12 -14.52 -12.52
CA VAL A 161 -31.01 -15.15 -11.80
C VAL A 161 -30.10 -14.15 -11.12
N THR A 162 -30.21 -12.87 -11.43
CA THR A 162 -29.34 -11.86 -10.86
C THR A 162 -29.91 -11.33 -9.55
N PRO A 163 -29.13 -11.26 -8.48
CA PRO A 163 -29.63 -10.71 -7.22
C PRO A 163 -30.11 -9.29 -7.39
N PRO A 164 -31.18 -8.90 -6.69
CA PRO A 164 -31.70 -7.53 -6.85
C PRO A 164 -30.71 -6.45 -6.47
N SER A 165 -29.67 -6.77 -5.68
CA SER A 165 -28.72 -5.76 -5.25
C SER A 165 -27.77 -5.34 -6.36
N VAL A 166 -27.58 -6.16 -7.39
CA VAL A 166 -26.60 -5.90 -8.44
C VAL A 166 -27.23 -5.76 -9.81
N VAL A 167 -28.56 -5.77 -9.91
CA VAL A 167 -29.19 -5.69 -11.23
C VAL A 167 -28.80 -4.41 -11.94
N GLY A 168 -28.85 -3.29 -11.23
CA GLY A 168 -28.46 -2.02 -11.84
C GLY A 168 -29.32 -1.70 -13.04
N GLY A 169 -28.67 -1.30 -14.14
CA GLY A 169 -29.37 -0.96 -15.35
C GLY A 169 -29.71 -2.13 -16.25
N LEU A 170 -29.24 -3.33 -15.92
CA LEU A 170 -29.47 -4.52 -16.73
C LEU A 170 -28.91 -4.36 -18.14
N GLY A 171 -27.79 -3.66 -18.27
CA GLY A 171 -27.13 -3.55 -19.56
C GLY A 171 -27.83 -2.68 -20.57
N VAL A 172 -28.67 -1.75 -20.13
CA VAL A 172 -29.38 -0.87 -21.05
C VAL A 172 -28.42 0.19 -21.56
N THR A 173 -28.42 0.42 -22.87
CA THR A 173 -27.56 1.42 -23.48
C THR A 173 -28.11 2.82 -23.27
N MET A 174 -27.24 3.75 -22.86
CA MET A 174 -27.62 5.14 -22.67
C MET A 174 -26.57 6.04 -23.31
N VAL A 175 -27.03 7.20 -23.77
CA VAL A 175 -26.12 8.21 -24.30
C VAL A 175 -25.45 8.95 -23.16
N HIS A 176 -24.19 9.30 -23.35
CA HIS A 176 -23.46 10.00 -22.30
C HIS A 176 -24.14 11.33 -21.98
N GLY A 177 -24.04 11.74 -20.72
CA GLY A 177 -24.77 12.93 -20.29
C GLY A 177 -24.35 14.17 -21.08
N ASN A 178 -23.08 14.29 -21.41
CA ASN A 178 -22.55 15.47 -22.06
C ASN A 178 -22.64 15.42 -23.59
N LEU A 179 -23.17 14.34 -24.16
CA LEU A 179 -23.30 14.21 -25.61
C LEU A 179 -24.74 14.47 -26.03
N THR A 180 -24.91 15.30 -27.05
CA THR A 180 -26.22 15.50 -27.64
C THR A 180 -26.65 14.23 -28.38
N ALA A 181 -27.97 14.07 -28.51
CA ALA A 181 -28.48 12.95 -29.29
C ALA A 181 -28.00 13.00 -30.73
N GLY A 182 -27.64 14.19 -31.21
CA GLY A 182 -27.07 14.29 -32.55
C GLY A 182 -25.72 13.63 -32.67
N HIS A 183 -24.86 13.82 -31.66
CA HIS A 183 -23.57 13.13 -31.68
C HIS A 183 -23.72 11.64 -31.42
N GLY A 184 -24.67 11.26 -30.57
CA GLY A 184 -24.90 9.85 -30.32
C GLY A 184 -25.36 9.11 -31.57
N LEU A 185 -26.21 9.77 -32.38
CA LEU A 185 -26.66 9.15 -33.62
C LEU A 185 -25.50 8.98 -34.60
N LEU A 186 -24.59 9.95 -34.64
CA LEU A 186 -23.44 9.85 -35.53
C LEU A 186 -22.49 8.75 -35.09
N VAL A 187 -22.30 8.59 -33.78
CA VAL A 187 -21.42 7.53 -33.28
C VAL A 187 -21.97 6.16 -33.64
N GLU A 188 -23.28 5.96 -33.46
CA GLU A 188 -23.88 4.67 -33.77
C GLU A 188 -23.83 4.36 -35.26
N LEU A 189 -23.85 5.39 -36.10
CA LEU A 189 -23.87 5.17 -37.55
C LEU A 189 -22.52 4.70 -38.08
N ILE A 190 -21.43 5.02 -37.38
CA ILE A 190 -20.09 4.70 -37.86
C ILE A 190 -19.64 3.32 -37.40
N ILE A 191 -19.84 2.99 -36.11
CA ILE A 191 -19.44 1.68 -35.64
C ILE A 191 -20.28 0.58 -36.28
N THR A 192 -21.46 0.91 -36.78
CA THR A 192 -22.27 -0.07 -37.51
C THR A 192 -21.92 -0.13 -38.99
N PHE A 193 -21.42 0.98 -39.55
CA PHE A 193 -21.03 0.96 -40.95
C PHE A 193 -19.90 -0.02 -41.21
N GLN A 194 -18.89 -0.02 -40.34
CA GLN A 194 -17.74 -0.92 -40.51
C GLN A 194 -18.07 -2.36 -40.14
N LEU A 195 -19.11 -2.60 -39.36
CA LEU A 195 -19.51 -3.96 -39.05
C LEU A 195 -20.16 -4.63 -40.25
N VAL A 196 -21.07 -3.93 -40.93
CA VAL A 196 -21.78 -4.53 -42.05
C VAL A 196 -20.88 -4.62 -43.28
N PHE A 197 -19.91 -3.70 -43.41
CA PHE A 197 -18.94 -3.81 -44.49
C PHE A 197 -18.08 -5.06 -44.32
N THR A 198 -17.73 -5.38 -43.07
CA THR A 198 -16.97 -6.60 -42.79
C THR A 198 -17.77 -7.85 -43.12
N ILE A 199 -19.07 -7.84 -42.80
CA ILE A 199 -19.90 -9.02 -43.07
C ILE A 199 -20.01 -9.25 -44.56
N PHE A 200 -20.26 -8.19 -45.33
CA PHE A 200 -20.37 -8.33 -46.78
C PHE A 200 -19.05 -8.75 -47.40
N ALA A 201 -17.94 -8.17 -46.94
CA ALA A 201 -16.64 -8.49 -47.52
C ALA A 201 -16.22 -9.92 -47.19
N SER A 202 -16.43 -10.36 -45.95
CA SER A 202 -16.03 -11.71 -45.56
C SER A 202 -16.85 -12.77 -46.29
N CYS A 203 -18.14 -12.52 -46.47
CA CYS A 203 -19.05 -13.50 -47.05
C CYS A 203 -19.20 -13.35 -48.56
N ASP A 204 -18.35 -12.55 -49.20
CA ASP A 204 -18.46 -12.30 -50.63
C ASP A 204 -17.99 -13.53 -51.40
N SER A 205 -18.87 -14.08 -52.24
CA SER A 205 -18.58 -15.32 -52.95
C SER A 205 -17.62 -15.13 -54.12
N LYS A 206 -17.45 -13.90 -54.61
CA LYS A 206 -16.53 -13.65 -55.70
C LYS A 206 -15.08 -13.59 -55.25
N ARG A 207 -14.83 -13.39 -53.95
CA ARG A 207 -13.47 -13.31 -53.45
C ARG A 207 -12.80 -14.68 -53.46
N THR A 208 -11.49 -14.67 -53.68
CA THR A 208 -10.67 -15.86 -53.56
C THR A 208 -9.52 -15.68 -52.58
N ASP A 209 -9.42 -14.54 -51.91
CA ASP A 209 -8.31 -14.23 -51.02
C ASP A 209 -8.72 -14.20 -49.55
N VAL A 210 -9.94 -14.63 -49.22
CA VAL A 210 -10.38 -14.64 -47.84
C VAL A 210 -9.78 -15.85 -47.13
N THR A 211 -9.11 -15.60 -46.02
CA THR A 211 -8.41 -16.65 -45.27
C THR A 211 -8.86 -16.61 -43.82
N GLY A 212 -8.72 -17.75 -43.14
CA GLY A 212 -9.06 -17.83 -41.74
C GLY A 212 -10.54 -17.99 -41.49
N SER A 213 -10.93 -17.71 -40.25
CA SER A 213 -12.31 -17.88 -39.81
C SER A 213 -13.12 -16.64 -40.14
N ILE A 214 -14.23 -16.82 -40.86
CA ILE A 214 -15.14 -15.71 -41.12
C ILE A 214 -15.87 -15.30 -39.85
N ALA A 215 -16.28 -16.28 -39.04
CA ALA A 215 -17.01 -15.97 -37.81
C ALA A 215 -16.14 -15.15 -36.85
N LEU A 216 -14.86 -15.49 -36.74
CA LEU A 216 -13.98 -14.76 -35.85
C LEU A 216 -13.63 -13.39 -36.40
N ALA A 217 -13.63 -13.23 -37.73
CA ALA A 217 -13.42 -11.91 -38.32
C ALA A 217 -14.55 -10.97 -37.95
N ILE A 218 -15.79 -11.44 -38.00
CA ILE A 218 -16.93 -10.62 -37.63
C ILE A 218 -16.93 -10.32 -36.14
N GLY A 219 -16.49 -11.27 -35.32
CA GLY A 219 -16.46 -11.04 -33.88
C GLY A 219 -15.52 -9.93 -33.48
N PHE A 220 -14.31 -9.92 -34.05
CA PHE A 220 -13.35 -8.85 -33.77
C PHE A 220 -13.80 -7.50 -34.30
N SER A 221 -14.72 -7.48 -35.26
CA SER A 221 -15.29 -6.21 -35.70
C SER A 221 -16.25 -5.65 -34.67
N VAL A 222 -17.00 -6.53 -34.00
CA VAL A 222 -17.87 -6.08 -32.92
C VAL A 222 -17.05 -5.62 -31.72
N ALA A 223 -15.91 -6.27 -31.47
CA ALA A 223 -15.09 -5.93 -30.31
C ALA A 223 -14.51 -4.52 -30.43
N ILE A 224 -14.02 -4.14 -31.60
CA ILE A 224 -13.41 -2.82 -31.76
C ILE A 224 -14.46 -1.73 -31.64
N GLY A 225 -15.69 -1.99 -32.11
CA GLY A 225 -16.75 -1.02 -31.89
C GLY A 225 -17.07 -0.80 -30.44
N HIS A 226 -16.94 -1.85 -29.61
CA HIS A 226 -17.15 -1.70 -28.18
C HIS A 226 -15.97 -1.03 -27.50
N LEU A 227 -14.76 -1.33 -27.94
CA LEU A 227 -13.58 -0.71 -27.34
C LEU A 227 -13.57 0.80 -27.53
N PHE A 228 -14.38 1.31 -28.46
CA PHE A 228 -14.45 2.73 -28.77
C PHE A 228 -15.61 3.44 -28.08
N ALA A 229 -16.83 2.91 -28.20
CA ALA A 229 -18.03 3.70 -27.94
C ALA A 229 -18.84 3.22 -26.73
N ILE A 230 -18.22 2.48 -25.81
CA ILE A 230 -18.97 2.10 -24.60
C ILE A 230 -19.32 3.33 -23.78
N ASN A 231 -18.39 4.28 -23.65
CA ASN A 231 -18.63 5.49 -22.87
C ASN A 231 -19.28 6.60 -23.68
N TYR A 232 -19.50 6.42 -24.97
CA TYR A 232 -20.19 7.42 -25.79
C TYR A 232 -21.70 7.16 -25.83
N THR A 233 -22.09 5.98 -26.31
CA THR A 233 -23.50 5.64 -26.45
C THR A 233 -23.83 4.23 -25.98
N GLY A 234 -22.88 3.53 -25.35
CA GLY A 234 -23.09 2.16 -24.94
C GLY A 234 -22.72 1.12 -25.97
N ALA A 235 -22.40 1.54 -27.20
CA ALA A 235 -21.97 0.63 -28.26
C ALA A 235 -23.02 -0.43 -28.54
N SER A 236 -24.20 0.02 -28.97
CA SER A 236 -25.27 -0.91 -29.29
C SER A 236 -24.95 -1.70 -30.57
N MET A 237 -24.88 -1.00 -31.70
CA MET A 237 -24.58 -1.62 -32.98
C MET A 237 -25.66 -2.61 -33.38
N ASN A 238 -26.71 -2.73 -32.57
CA ASN A 238 -27.72 -3.76 -32.74
C ASN A 238 -29.06 -3.27 -32.21
N PRO A 239 -30.04 -3.02 -33.07
CA PRO A 239 -31.35 -2.54 -32.58
C PRO A 239 -32.02 -3.50 -31.61
N ALA A 240 -31.88 -4.81 -31.83
CA ALA A 240 -32.54 -5.79 -30.96
C ALA A 240 -31.83 -5.96 -29.63
N ARG A 241 -30.52 -5.72 -29.59
CA ARG A 241 -29.79 -5.80 -28.33
C ARG A 241 -30.22 -4.70 -27.36
N SER A 242 -30.65 -3.56 -27.88
CA SER A 242 -31.15 -2.48 -27.05
C SER A 242 -32.62 -2.62 -26.72
N PHE A 243 -33.39 -3.28 -27.59
CA PHE A 243 -34.83 -3.43 -27.37
C PHE A 243 -35.13 -4.35 -26.20
N GLY A 244 -34.33 -5.40 -26.00
CA GLY A 244 -34.57 -6.36 -24.96
C GLY A 244 -34.56 -5.77 -23.56
N PRO A 245 -33.39 -5.30 -23.11
CA PRO A 245 -33.30 -4.76 -21.75
C PRO A 245 -34.20 -3.57 -21.50
N ALA A 246 -34.49 -2.76 -22.52
CA ALA A 246 -35.37 -1.61 -22.32
C ALA A 246 -36.79 -2.06 -21.96
N VAL A 247 -37.29 -3.09 -22.63
CA VAL A 247 -38.65 -3.56 -22.37
C VAL A 247 -38.78 -4.06 -20.94
N ILE A 248 -37.77 -4.79 -20.46
CA ILE A 248 -37.84 -5.35 -19.11
C ILE A 248 -37.79 -4.24 -18.07
N MET A 249 -36.75 -3.41 -18.11
CA MET A 249 -36.56 -2.37 -17.11
C MET A 249 -37.35 -1.11 -17.39
N GLY A 250 -37.90 -0.96 -18.59
CA GLY A 250 -38.68 0.22 -18.93
C GLY A 250 -37.91 1.52 -19.00
N ASN A 251 -36.70 1.48 -19.57
CA ASN A 251 -35.90 2.69 -19.80
C ASN A 251 -35.93 2.96 -21.29
N TRP A 252 -36.54 4.08 -21.69
CA TRP A 252 -36.84 4.35 -23.09
C TRP A 252 -36.25 5.68 -23.55
N GLU A 253 -35.18 6.15 -22.90
CA GLU A 253 -34.63 7.47 -23.16
C GLU A 253 -33.68 7.43 -24.35
N ASN A 254 -33.91 8.31 -25.33
CA ASN A 254 -33.12 8.36 -26.55
C ASN A 254 -33.05 7.00 -27.23
N HIS A 255 -34.17 6.28 -27.20
CA HIS A 255 -34.20 4.94 -27.77
C HIS A 255 -34.32 4.94 -29.29
N TRP A 256 -34.67 6.08 -29.89
CA TRP A 256 -34.84 6.14 -31.34
C TRP A 256 -33.52 6.19 -32.09
N ILE A 257 -32.42 6.59 -31.44
CA ILE A 257 -31.14 6.67 -32.14
C ILE A 257 -30.53 5.29 -32.32
N TYR A 258 -30.98 4.30 -31.58
CA TYR A 258 -30.47 2.94 -31.69
C TYR A 258 -31.16 2.14 -32.78
N TRP A 259 -32.18 2.72 -33.41
CA TRP A 259 -32.83 2.15 -34.59
C TRP A 259 -32.49 2.92 -35.84
N VAL A 260 -32.54 4.25 -35.78
CA VAL A 260 -32.22 5.08 -36.93
C VAL A 260 -30.72 5.02 -37.24
N GLY A 261 -29.89 5.09 -36.21
CA GLY A 261 -28.45 5.06 -36.39
C GLY A 261 -27.96 3.76 -37.01
N PRO A 262 -28.11 2.65 -36.28
CA PRO A 262 -27.62 1.37 -36.80
C PRO A 262 -28.20 0.99 -38.15
N ILE A 263 -29.48 1.29 -38.40
CA ILE A 263 -30.09 0.91 -39.68
C ILE A 263 -29.52 1.75 -40.82
N ILE A 264 -29.31 3.04 -40.60
CA ILE A 264 -28.76 3.90 -41.64
C ILE A 264 -27.35 3.46 -42.01
N GLY A 265 -26.53 3.16 -40.99
CA GLY A 265 -25.17 2.72 -41.25
C GLY A 265 -25.10 1.40 -41.98
N ALA A 266 -26.04 0.49 -41.70
CA ALA A 266 -26.04 -0.81 -42.36
C ALA A 266 -26.35 -0.68 -43.85
N VAL A 267 -27.32 0.16 -44.21
CA VAL A 267 -27.73 0.27 -45.61
C VAL A 267 -26.63 0.95 -46.43
N LEU A 268 -25.94 1.93 -45.84
CA LEU A 268 -24.85 2.57 -46.56
C LEU A 268 -23.72 1.59 -46.84
N ALA A 269 -23.35 0.79 -45.84
CA ALA A 269 -22.29 -0.20 -46.04
C ALA A 269 -22.71 -1.27 -47.04
N GLY A 270 -23.94 -1.76 -46.93
CA GLY A 270 -24.39 -2.79 -47.85
C GLY A 270 -24.52 -2.27 -49.28
N GLY A 271 -25.12 -1.10 -49.45
CA GLY A 271 -25.25 -0.52 -50.77
C GLY A 271 -23.92 -0.07 -51.35
N LEU A 272 -23.06 0.50 -50.52
CA LEU A 272 -21.77 0.99 -51.00
C LEU A 272 -20.88 -0.15 -51.46
N TYR A 273 -20.85 -1.25 -50.72
CA TYR A 273 -20.10 -2.42 -51.14
C TYR A 273 -20.73 -3.08 -52.37
N GLU A 274 -22.03 -3.33 -52.30
CA GLU A 274 -22.66 -4.20 -53.29
C GLU A 274 -22.82 -3.52 -54.64
N TYR A 275 -22.79 -2.18 -54.69
CA TYR A 275 -23.13 -1.46 -55.90
C TYR A 275 -22.04 -0.53 -56.41
N VAL A 276 -21.00 -0.27 -55.61
CA VAL A 276 -19.94 0.67 -55.97
C VAL A 276 -18.58 0.00 -56.01
N PHE A 277 -18.21 -0.69 -54.93
CA PHE A 277 -16.87 -1.25 -54.84
C PHE A 277 -16.76 -2.57 -55.59
N CYS A 278 -17.62 -3.53 -55.27
CA CYS A 278 -17.57 -4.87 -55.86
C CYS A 278 -18.95 -5.23 -56.40
N PRO A 279 -19.35 -4.62 -57.52
CA PRO A 279 -20.65 -4.86 -58.15
C PRO A 279 -20.70 -6.17 -58.93
N GLN B 2 -36.98 4.58 10.48
CA GLN B 2 -35.92 3.58 10.53
C GLN B 2 -36.51 2.18 10.60
N VAL B 3 -35.66 1.19 10.32
CA VAL B 3 -36.10 -0.20 10.26
C VAL B 3 -36.30 -0.73 11.67
N GLN B 4 -37.37 -1.49 11.86
CA GLN B 4 -37.69 -2.07 13.16
C GLN B 4 -38.13 -3.51 12.98
N LEU B 5 -37.84 -4.32 13.99
CA LEU B 5 -38.14 -5.75 13.96
C LEU B 5 -38.82 -6.15 15.27
N GLN B 6 -39.78 -7.07 15.17
CA GLN B 6 -40.56 -7.49 16.32
C GLN B 6 -40.76 -8.99 16.26
N GLU B 7 -40.34 -9.70 17.30
CA GLU B 7 -40.48 -11.15 17.35
C GLU B 7 -41.89 -11.54 17.80
N SER B 8 -42.21 -12.82 17.67
CA SER B 8 -43.49 -13.35 18.08
C SER B 8 -43.44 -14.86 18.16
N GLY B 9 -43.85 -15.44 19.28
CA GLY B 9 -43.76 -16.87 19.48
C GLY B 9 -44.49 -17.34 20.72
N PRO B 10 -44.47 -18.65 20.96
CA PRO B 10 -45.21 -19.22 22.10
C PRO B 10 -44.62 -18.82 23.44
N GLY B 11 -43.31 -19.03 23.61
CA GLY B 11 -42.64 -18.73 24.85
C GLY B 11 -42.58 -19.88 25.84
N LEU B 12 -43.24 -21.00 25.56
CA LEU B 12 -43.19 -22.16 26.45
C LEU B 12 -43.55 -23.39 25.63
N VAL B 13 -42.56 -24.24 25.36
CA VAL B 13 -42.73 -25.42 24.53
C VAL B 13 -42.27 -26.64 25.32
N LYS B 14 -43.10 -27.68 25.36
CA LYS B 14 -42.69 -28.91 26.01
C LYS B 14 -41.63 -29.61 25.16
N PRO B 15 -40.82 -30.47 25.76
CA PRO B 15 -39.73 -31.10 25.01
C PRO B 15 -40.26 -31.92 23.83
N SER B 16 -39.46 -31.96 22.77
CA SER B 16 -39.64 -32.77 21.57
C SER B 16 -40.61 -32.16 20.55
N GLN B 17 -41.14 -30.95 20.76
CA GLN B 17 -41.94 -30.30 19.75
C GLN B 17 -41.05 -29.41 18.90
N THR B 18 -41.67 -28.56 18.08
CA THR B 18 -40.98 -27.56 17.28
C THR B 18 -41.18 -26.18 17.87
N LEU B 19 -40.27 -25.28 17.54
CA LEU B 19 -40.29 -23.91 18.06
C LEU B 19 -40.58 -22.94 16.92
N PRO B 20 -41.82 -22.49 16.74
CA PRO B 20 -42.09 -21.51 15.68
C PRO B 20 -41.95 -20.08 16.17
N LEU B 21 -41.12 -19.30 15.48
CA LEU B 21 -40.93 -17.88 15.78
C LEU B 21 -41.06 -17.08 14.49
N THR B 22 -41.64 -15.89 14.60
CA THR B 22 -41.85 -15.01 13.47
C THR B 22 -41.34 -13.62 13.80
N CYS B 23 -40.65 -13.01 12.84
CA CYS B 23 -40.12 -11.65 12.98
C CYS B 23 -40.77 -10.79 11.92
N THR B 24 -41.40 -9.70 12.35
CA THR B 24 -42.13 -8.81 11.46
C THR B 24 -41.33 -7.52 11.29
N VAL B 25 -41.11 -7.13 10.04
CA VAL B 25 -40.27 -5.97 9.72
C VAL B 25 -41.16 -4.79 9.38
N SER B 26 -40.83 -3.63 9.95
CA SER B 26 -41.48 -2.38 9.63
C SER B 26 -40.41 -1.31 9.42
N GLY B 27 -40.74 -0.31 8.60
CA GLY B 27 -39.77 0.70 8.23
C GLY B 27 -38.84 0.30 7.12
N GLY B 28 -38.98 -0.91 6.58
CA GLY B 28 -38.16 -1.36 5.48
C GLY B 28 -38.81 -2.55 4.81
N TYR B 29 -38.40 -2.79 3.56
CA TYR B 29 -38.95 -3.87 2.76
C TYR B 29 -37.90 -4.95 2.56
N ILE B 30 -38.31 -6.20 2.80
CA ILE B 30 -37.37 -7.32 2.71
C ILE B 30 -36.86 -7.47 1.28
N SER B 31 -37.76 -7.36 0.30
CA SER B 31 -37.37 -7.59 -1.09
C SER B 31 -36.42 -6.52 -1.59
N SER B 32 -36.77 -5.25 -1.41
CA SER B 32 -35.95 -4.15 -1.91
C SER B 32 -34.93 -3.79 -0.83
N GLY B 33 -33.75 -4.36 -0.95
CA GLY B 33 -32.69 -4.06 0.01
C GLY B 33 -31.50 -4.96 -0.22
N SER B 34 -30.39 -4.53 0.37
CA SER B 34 -29.12 -5.25 0.30
C SER B 34 -28.79 -5.87 1.65
N HIS B 35 -29.80 -6.42 2.32
CA HIS B 35 -29.66 -7.03 3.61
C HIS B 35 -30.30 -8.41 3.61
N GLN B 36 -29.75 -9.30 4.41
CA GLN B 36 -30.35 -10.59 4.73
C GLN B 36 -30.96 -10.50 6.12
N TRP B 37 -31.68 -11.54 6.51
CA TRP B 37 -32.39 -11.54 7.77
C TRP B 37 -32.17 -12.88 8.46
N GLY B 38 -31.70 -12.83 9.71
CA GLY B 38 -31.30 -14.03 10.41
C GLY B 38 -31.73 -13.99 11.87
N TRP B 39 -31.39 -15.06 12.57
CA TRP B 39 -31.77 -15.27 13.96
C TRP B 39 -30.54 -15.55 14.80
N ILE B 40 -30.56 -15.04 16.04
CA ILE B 40 -29.53 -15.28 17.02
C ILE B 40 -30.20 -15.63 18.34
N ARG B 41 -29.47 -16.33 19.20
CA ARG B 41 -29.97 -16.64 20.54
C ARG B 41 -28.86 -16.42 21.55
N GLN B 42 -29.25 -16.49 22.83
CA GLN B 42 -28.33 -16.22 23.94
C GLN B 42 -28.79 -17.00 25.14
N PRO B 43 -28.27 -18.22 25.34
CA PRO B 43 -28.69 -18.99 26.51
C PRO B 43 -28.35 -18.27 27.80
N ALA B 44 -29.18 -18.49 28.81
CA ALA B 44 -29.03 -17.79 30.08
C ALA B 44 -27.61 -17.95 30.61
N GLY B 45 -27.00 -16.81 30.94
CA GLY B 45 -25.63 -16.82 31.46
C GLY B 45 -24.62 -17.35 30.48
N LYS B 46 -24.77 -17.02 29.20
CA LYS B 46 -23.81 -17.43 28.18
C LYS B 46 -23.78 -16.36 27.09
N GLY B 47 -23.01 -16.63 26.03
CA GLY B 47 -22.81 -15.67 24.97
C GLY B 47 -23.74 -15.91 23.78
N LEU B 48 -23.65 -14.99 22.83
CA LEU B 48 -24.51 -15.03 21.65
C LEU B 48 -24.12 -16.19 20.74
N GLU B 49 -25.12 -16.82 20.13
CA GLU B 49 -24.91 -17.94 19.22
C GLU B 49 -25.72 -17.73 17.95
N TRP B 50 -25.06 -17.83 16.80
CA TRP B 50 -25.73 -17.66 15.53
C TRP B 50 -26.59 -18.87 15.20
N ILE B 51 -27.62 -18.66 14.39
CA ILE B 51 -28.53 -19.73 14.00
C ILE B 51 -28.53 -19.87 12.47
N GLY B 52 -28.95 -18.82 11.78
CA GLY B 52 -29.03 -18.88 10.33
C GLY B 52 -29.54 -17.59 9.76
N ARG B 53 -29.68 -17.57 8.44
CA ARG B 53 -30.12 -16.38 7.71
C ARG B 53 -31.07 -16.81 6.59
N ILE B 54 -31.53 -15.82 5.82
CA ILE B 54 -32.33 -16.07 4.63
C ILE B 54 -32.30 -14.82 3.77
N TYR B 55 -32.45 -14.99 2.46
CA TYR B 55 -32.52 -13.90 1.51
C TYR B 55 -33.90 -13.86 0.87
N THR B 56 -34.18 -12.73 0.20
CA THR B 56 -35.46 -12.59 -0.48
C THR B 56 -35.64 -13.65 -1.56
N SER B 57 -34.55 -14.09 -2.18
CA SER B 57 -34.62 -15.12 -3.19
C SER B 57 -34.97 -16.48 -2.61
N GLY B 58 -34.89 -16.66 -1.30
CA GLY B 58 -35.20 -17.92 -0.66
C GLY B 58 -33.98 -18.75 -0.28
N SER B 59 -32.78 -18.26 -0.55
CA SER B 59 -31.57 -18.98 -0.18
C SER B 59 -31.25 -18.74 1.29
N THR B 60 -30.77 -19.79 1.96
CA THR B 60 -30.55 -19.77 3.39
C THR B 60 -29.16 -20.30 3.71
N ASN B 61 -28.65 -19.89 4.88
CA ASN B 61 -27.43 -20.44 5.45
C ASN B 61 -27.66 -20.67 6.93
N TYR B 62 -27.21 -21.83 7.41
CA TYR B 62 -27.46 -22.25 8.78
C TYR B 62 -26.14 -22.52 9.50
N ASN B 63 -26.22 -22.52 10.83
CA ASN B 63 -25.08 -22.91 11.64
C ASN B 63 -24.79 -24.40 11.44
N PRO B 64 -23.54 -24.79 11.19
CA PRO B 64 -23.28 -26.23 10.97
C PRO B 64 -23.72 -27.11 12.12
N SER B 65 -23.61 -26.62 13.36
CA SER B 65 -24.06 -27.39 14.51
C SER B 65 -25.57 -27.42 14.65
N LEU B 66 -26.30 -26.62 13.88
CA LEU B 66 -27.75 -26.58 13.93
C LEU B 66 -28.39 -26.80 12.57
N LYS B 67 -27.61 -27.16 11.55
CA LYS B 67 -28.14 -27.27 10.19
C LYS B 67 -29.21 -28.34 10.09
N SER B 68 -29.13 -29.40 10.90
CA SER B 68 -30.07 -30.50 10.78
C SER B 68 -31.45 -30.15 11.32
N ARG B 69 -31.52 -29.30 12.34
CA ARG B 69 -32.80 -28.98 12.99
C ARG B 69 -33.37 -27.64 12.55
N VAL B 70 -32.53 -26.69 12.13
CA VAL B 70 -32.99 -25.34 11.84
C VAL B 70 -33.68 -25.29 10.49
N THR B 71 -34.69 -24.42 10.38
CA THR B 71 -35.38 -24.17 9.13
C THR B 71 -35.92 -22.75 9.17
N ILE B 72 -35.57 -21.95 8.17
CA ILE B 72 -35.95 -20.54 8.11
C ILE B 72 -36.66 -20.30 6.78
N SER B 73 -37.76 -19.56 6.83
CA SER B 73 -38.55 -19.25 5.64
C SER B 73 -38.88 -17.76 5.63
N VAL B 74 -39.18 -17.25 4.44
CA VAL B 74 -39.44 -15.83 4.22
C VAL B 74 -40.80 -15.68 3.56
N ASP B 75 -41.56 -14.68 4.00
CA ASP B 75 -42.87 -14.34 3.45
C ASP B 75 -42.83 -12.87 3.08
N THR B 76 -42.36 -12.56 1.87
CA THR B 76 -42.19 -11.17 1.46
C THR B 76 -43.53 -10.46 1.32
N SER B 77 -44.60 -11.20 1.07
CA SER B 77 -45.91 -10.57 0.90
C SER B 77 -46.32 -9.83 2.17
N LYS B 78 -46.13 -10.46 3.33
CA LYS B 78 -46.47 -9.84 4.60
C LYS B 78 -45.26 -9.18 5.27
N ASN B 79 -44.08 -9.25 4.65
CA ASN B 79 -42.87 -8.66 5.23
C ASN B 79 -42.51 -9.34 6.55
N GLN B 80 -42.31 -10.66 6.48
CA GLN B 80 -41.99 -11.46 7.65
C GLN B 80 -41.01 -12.55 7.26
N PHE B 81 -40.28 -13.04 8.26
CA PHE B 81 -39.50 -14.28 8.13
C PHE B 81 -39.64 -15.05 9.43
N SER B 82 -39.58 -16.38 9.33
CA SER B 82 -39.90 -17.26 10.43
C SER B 82 -38.76 -18.23 10.72
N LEU B 83 -38.82 -18.84 11.89
CA LEU B 83 -37.87 -19.87 12.32
C LEU B 83 -38.63 -21.10 12.78
N LYS B 84 -38.06 -22.27 12.51
CA LYS B 84 -38.66 -23.54 12.91
C LYS B 84 -37.54 -24.44 13.43
N LEU B 85 -37.42 -24.51 14.75
CA LEU B 85 -36.42 -25.36 15.40
C LEU B 85 -37.13 -26.61 15.92
N SER B 86 -36.65 -27.78 15.50
CA SER B 86 -37.28 -29.04 15.80
C SER B 86 -36.52 -29.80 16.88
N SER B 87 -37.22 -30.74 17.52
CA SER B 87 -36.65 -31.57 18.57
C SER B 87 -36.05 -30.71 19.68
N VAL B 88 -36.85 -29.75 20.17
CA VAL B 88 -36.38 -28.86 21.21
C VAL B 88 -36.06 -29.66 22.47
N THR B 89 -35.09 -29.17 23.24
CA THR B 89 -34.65 -29.80 24.47
C THR B 89 -34.42 -28.71 25.50
N ALA B 90 -34.32 -29.12 26.77
CA ALA B 90 -34.12 -28.15 27.85
C ALA B 90 -32.87 -27.31 27.64
N ALA B 91 -31.89 -27.82 26.89
CA ALA B 91 -30.70 -27.04 26.58
C ALA B 91 -30.97 -25.90 25.60
N ASP B 92 -32.14 -25.88 24.96
CA ASP B 92 -32.47 -24.85 24.00
C ASP B 92 -33.12 -23.62 24.63
N THR B 93 -33.30 -23.61 25.94
CA THR B 93 -33.82 -22.42 26.61
C THR B 93 -32.89 -21.24 26.38
N ALA B 94 -33.44 -20.13 25.91
CA ALA B 94 -32.63 -18.96 25.59
C ALA B 94 -33.51 -17.78 25.21
N VAL B 95 -32.90 -16.65 24.90
CA VAL B 95 -33.58 -15.48 24.39
C VAL B 95 -33.23 -15.37 22.90
N TYR B 96 -34.26 -15.36 22.06
CA TYR B 96 -34.09 -15.41 20.61
C TYR B 96 -34.27 -14.01 20.02
N TYR B 97 -33.32 -13.62 19.17
CA TYR B 97 -33.33 -12.32 18.51
C TYR B 97 -33.41 -12.51 17.00
N CYS B 98 -34.08 -11.58 16.34
CA CYS B 98 -34.06 -11.48 14.88
C CYS B 98 -33.42 -10.16 14.50
N ALA B 99 -32.43 -10.21 13.62
CA ALA B 99 -31.63 -9.05 13.24
C ALA B 99 -31.68 -8.87 11.73
N ARG B 100 -30.96 -7.85 11.26
CA ARG B 100 -30.84 -7.54 9.84
C ARG B 100 -29.39 -7.77 9.45
N VAL B 101 -29.13 -8.83 8.70
CA VAL B 101 -27.75 -9.25 8.42
C VAL B 101 -27.22 -8.46 7.24
N ASN B 102 -26.05 -7.87 7.41
CA ASN B 102 -25.30 -7.31 6.30
C ASN B 102 -24.58 -8.42 5.56
N TYR B 103 -24.17 -8.14 4.33
CA TYR B 103 -23.50 -9.15 3.52
C TYR B 103 -22.65 -8.48 2.45
N ASP B 104 -21.78 -9.28 1.85
CA ASP B 104 -20.87 -8.82 0.82
C ASP B 104 -21.46 -9.12 -0.54
N LEU B 105 -21.49 -8.11 -1.42
CA LEU B 105 -22.14 -8.27 -2.72
C LEU B 105 -21.44 -9.33 -3.55
N LEU B 106 -20.11 -9.35 -3.52
CA LEU B 106 -19.36 -10.25 -4.39
C LEU B 106 -19.66 -11.71 -4.08
N THR B 107 -19.67 -12.08 -2.79
CA THR B 107 -19.82 -13.48 -2.39
C THR B 107 -21.17 -13.79 -1.74
N GLY B 108 -21.85 -12.80 -1.19
CA GLY B 108 -23.14 -13.03 -0.57
C GLY B 108 -23.08 -13.67 0.80
N ARG B 109 -21.97 -13.52 1.50
CA ARG B 109 -21.83 -14.10 2.84
C ARG B 109 -22.26 -13.09 3.91
N ALA B 110 -22.60 -13.62 5.08
CA ALA B 110 -23.24 -12.84 6.12
C ALA B 110 -22.21 -12.05 6.92
N ASN B 111 -22.36 -10.73 6.95
CA ASN B 111 -21.55 -9.81 7.72
C ASN B 111 -22.25 -9.52 9.05
N PHE B 112 -21.84 -8.44 9.72
CA PHE B 112 -22.34 -8.08 11.04
C PHE B 112 -23.86 -7.93 11.04
N PHE B 113 -24.42 -7.73 12.25
CA PHE B 113 -25.82 -8.01 12.54
C PHE B 113 -26.61 -6.80 13.01
N ASP B 114 -26.48 -5.66 12.35
CA ASP B 114 -27.19 -4.47 12.81
C ASP B 114 -28.34 -4.12 11.87
N PRO B 115 -29.52 -3.73 12.41
CA PRO B 115 -29.96 -3.67 13.80
C PRO B 115 -30.53 -4.99 14.32
N TRP B 116 -30.88 -5.00 15.60
CA TRP B 116 -31.42 -6.19 16.27
C TRP B 116 -32.88 -5.97 16.63
N GLY B 117 -33.54 -7.07 17.01
CA GLY B 117 -34.89 -7.02 17.52
C GLY B 117 -34.92 -6.80 19.01
N GLN B 118 -36.13 -6.91 19.57
CA GLN B 118 -36.30 -6.72 21.01
C GLN B 118 -35.92 -7.96 21.81
N GLY B 119 -36.09 -9.14 21.24
CA GLY B 119 -35.82 -10.39 21.92
C GLY B 119 -37.08 -10.98 22.51
N THR B 120 -37.08 -12.31 22.65
CA THR B 120 -38.24 -13.01 23.19
C THR B 120 -37.79 -14.27 23.93
N PRO B 121 -37.96 -14.35 25.24
CA PRO B 121 -37.51 -15.55 25.96
C PRO B 121 -38.34 -16.77 25.61
N VAL B 122 -37.68 -17.93 25.64
CA VAL B 122 -38.31 -19.21 25.40
C VAL B 122 -37.84 -20.18 26.47
N THR B 123 -38.77 -20.90 27.08
CA THR B 123 -38.47 -21.92 28.09
C THR B 123 -38.92 -23.27 27.59
N VAL B 124 -38.05 -24.27 27.69
CA VAL B 124 -38.33 -25.63 27.23
C VAL B 124 -38.35 -26.52 28.47
N SER B 125 -39.56 -26.85 28.94
CA SER B 125 -39.70 -27.74 30.08
C SER B 125 -41.10 -28.34 30.06
N SER B 126 -41.23 -29.52 30.68
CA SER B 126 -42.49 -30.23 30.77
C SER B 126 -43.28 -29.92 32.04
N ALA B 127 -42.72 -29.11 32.94
CA ALA B 127 -43.41 -28.80 34.19
C ALA B 127 -44.69 -28.02 33.92
N SER B 128 -45.71 -28.27 34.73
CA SER B 128 -46.98 -27.59 34.63
C SER B 128 -46.99 -26.34 35.51
N THR B 129 -47.87 -25.40 35.17
CA THR B 129 -47.97 -24.17 35.94
C THR B 129 -48.34 -24.45 37.38
N LYS B 130 -47.71 -23.72 38.30
CA LYS B 130 -47.98 -23.88 39.71
C LYS B 130 -47.71 -22.56 40.42
N GLY B 131 -48.48 -22.29 41.47
CA GLY B 131 -48.31 -21.09 42.25
C GLY B 131 -47.16 -21.21 43.22
N PRO B 132 -46.79 -20.08 43.82
CA PRO B 132 -45.67 -20.08 44.76
C PRO B 132 -46.11 -20.50 46.16
N SER B 133 -45.11 -20.73 47.02
CA SER B 133 -45.33 -21.08 48.42
C SER B 133 -44.52 -20.11 49.27
N VAL B 134 -45.16 -19.00 49.65
CA VAL B 134 -44.46 -17.96 50.40
C VAL B 134 -44.21 -18.44 51.83
N PHE B 135 -42.98 -18.24 52.31
CA PHE B 135 -42.63 -18.54 53.68
C PHE B 135 -41.85 -17.37 54.28
N PRO B 136 -42.02 -17.10 55.57
CA PRO B 136 -41.33 -15.94 56.17
C PRO B 136 -39.94 -16.28 56.70
N LEU B 137 -38.96 -15.46 56.33
CA LEU B 137 -37.62 -15.55 56.91
C LEU B 137 -37.55 -14.57 58.08
N ALA B 138 -38.13 -14.97 59.20
CA ALA B 138 -38.28 -14.08 60.32
C ALA B 138 -36.92 -13.65 60.86
N PRO B 139 -36.75 -12.39 61.25
CA PRO B 139 -35.47 -11.96 61.80
C PRO B 139 -35.20 -12.58 63.17
N SER B 140 -33.92 -12.66 63.50
CA SER B 140 -33.50 -13.24 64.77
C SER B 140 -32.16 -12.62 65.17
N SER B 141 -31.78 -12.85 66.43
CA SER B 141 -30.50 -12.33 66.91
C SER B 141 -29.33 -12.84 66.07
N LYS B 142 -29.49 -14.02 65.45
CA LYS B 142 -28.45 -14.54 64.58
C LYS B 142 -28.27 -13.67 63.35
N SER B 143 -29.34 -13.05 62.87
CA SER B 143 -29.30 -12.19 61.69
C SER B 143 -29.15 -10.72 62.03
N THR B 144 -28.91 -10.40 63.31
CA THR B 144 -28.77 -9.01 63.76
C THR B 144 -27.31 -8.77 64.12
N SER B 145 -26.73 -7.73 63.51
CA SER B 145 -25.33 -7.39 63.75
C SER B 145 -25.21 -5.88 63.88
N GLY B 146 -24.60 -5.44 64.99
CA GLY B 146 -24.36 -4.02 65.19
C GLY B 146 -25.62 -3.18 65.18
N GLY B 147 -26.70 -3.68 65.77
CA GLY B 147 -27.95 -2.96 65.82
C GLY B 147 -28.76 -2.99 64.55
N THR B 148 -28.31 -3.71 63.52
CA THR B 148 -29.01 -3.82 62.25
C THR B 148 -29.45 -5.26 62.05
N ALA B 149 -30.72 -5.44 61.73
CA ALA B 149 -31.30 -6.76 61.51
C ALA B 149 -31.70 -6.93 60.04
N ALA B 150 -31.78 -8.18 59.61
CA ALA B 150 -32.19 -8.53 58.26
C ALA B 150 -33.35 -9.51 58.32
N LEU B 151 -34.13 -9.52 57.25
CA LEU B 151 -35.26 -10.43 57.14
C LEU B 151 -35.67 -10.53 55.67
N GLY B 152 -36.42 -11.58 55.35
CA GLY B 152 -36.82 -11.79 53.98
C GLY B 152 -38.07 -12.62 53.91
N CYS B 153 -38.55 -12.80 52.68
CA CYS B 153 -39.76 -13.56 52.39
C CYS B 153 -39.41 -14.57 51.31
N LEU B 154 -39.62 -15.86 51.61
CA LEU B 154 -39.11 -16.95 50.78
C LEU B 154 -40.19 -17.42 49.83
N VAL B 155 -39.84 -17.56 48.55
CA VAL B 155 -40.72 -18.10 47.52
C VAL B 155 -40.12 -19.41 47.01
N LYS B 156 -40.95 -20.44 46.91
CA LYS B 156 -40.48 -21.76 46.51
C LYS B 156 -41.56 -22.46 45.70
N ASP B 157 -41.12 -23.32 44.77
CA ASP B 157 -41.99 -24.19 43.99
C ASP B 157 -43.02 -23.36 43.20
N TYR B 158 -42.49 -22.55 42.28
CA TYR B 158 -43.31 -21.82 41.32
C TYR B 158 -42.76 -22.03 39.92
N PHE B 159 -43.65 -21.94 38.93
CA PHE B 159 -43.26 -22.09 37.55
C PHE B 159 -44.39 -21.61 36.64
N PRO B 160 -44.10 -20.86 35.57
CA PRO B 160 -42.80 -20.32 35.12
C PRO B 160 -42.55 -18.90 35.63
N GLU B 161 -41.50 -18.26 35.11
CA GLU B 161 -41.21 -16.89 35.45
C GLU B 161 -42.23 -15.94 34.82
N PRO B 162 -42.33 -14.70 35.33
CA PRO B 162 -41.60 -14.12 36.45
C PRO B 162 -42.44 -14.02 37.72
N VAL B 163 -41.79 -13.63 38.82
CA VAL B 163 -42.46 -13.37 40.09
C VAL B 163 -42.05 -11.98 40.56
N THR B 164 -43.03 -11.12 40.79
CA THR B 164 -42.78 -9.75 41.25
C THR B 164 -42.99 -9.71 42.77
N VAL B 165 -41.95 -9.28 43.49
CA VAL B 165 -41.98 -9.20 44.94
C VAL B 165 -41.74 -7.76 45.35
N SER B 166 -42.65 -7.22 46.16
CA SER B 166 -42.53 -5.84 46.63
C SER B 166 -42.84 -5.81 48.12
N TRP B 167 -42.30 -4.80 48.79
CA TRP B 167 -42.43 -4.64 50.23
C TRP B 167 -43.30 -3.42 50.52
N ASN B 168 -44.33 -3.61 51.34
CA ASN B 168 -45.22 -2.53 51.75
C ASN B 168 -45.81 -1.81 50.54
N SER B 169 -46.18 -2.58 49.53
CA SER B 169 -46.79 -2.03 48.31
C SER B 169 -45.89 -0.98 47.67
N GLY B 170 -44.59 -1.21 47.73
CA GLY B 170 -43.62 -0.29 47.17
C GLY B 170 -43.21 0.85 48.07
N ALA B 171 -43.81 0.97 49.27
CA ALA B 171 -43.43 2.04 50.17
C ALA B 171 -41.98 1.90 50.61
N LEU B 172 -41.54 0.68 50.89
CA LEU B 172 -40.17 0.40 51.30
C LEU B 172 -39.38 -0.05 50.07
N THR B 173 -38.35 0.70 49.72
CA THR B 173 -37.54 0.40 48.55
C THR B 173 -36.06 0.33 48.92
N SER B 174 -35.67 1.07 49.95
CA SER B 174 -34.27 1.08 50.38
C SER B 174 -33.90 -0.25 51.02
N GLY B 175 -32.75 -0.79 50.60
CA GLY B 175 -32.27 -2.04 51.17
C GLY B 175 -32.94 -3.29 50.64
N VAL B 176 -33.77 -3.17 49.60
CA VAL B 176 -34.51 -4.32 49.08
C VAL B 176 -33.63 -5.06 48.09
N HIS B 177 -33.45 -6.36 48.32
CA HIS B 177 -32.66 -7.23 47.44
C HIS B 177 -33.55 -8.35 46.94
N THR B 178 -33.56 -8.54 45.61
CA THR B 178 -34.35 -9.59 44.97
C THR B 178 -33.38 -10.55 44.27
N PHE B 179 -33.23 -11.74 44.83
CA PHE B 179 -32.28 -12.70 44.29
C PHE B 179 -32.82 -13.29 42.99
N PRO B 180 -32.01 -13.38 41.94
CA PRO B 180 -32.49 -14.04 40.71
C PRO B 180 -32.87 -15.49 40.97
N ALA B 181 -33.90 -15.94 40.27
CA ALA B 181 -34.40 -17.29 40.45
C ALA B 181 -33.38 -18.32 39.98
N VAL B 182 -33.45 -19.51 40.59
CA VAL B 182 -32.55 -20.62 40.29
C VAL B 182 -33.39 -21.84 39.96
N LEU B 183 -33.03 -22.54 38.89
CA LEU B 183 -33.67 -23.80 38.57
C LEU B 183 -33.27 -24.88 39.57
N GLN B 184 -34.23 -25.71 39.94
CA GLN B 184 -34.02 -26.82 40.86
C GLN B 184 -34.05 -28.15 40.12
N SER B 185 -33.63 -29.20 40.81
CA SER B 185 -33.62 -30.53 40.21
C SER B 185 -35.02 -30.97 39.80
N SER B 186 -36.02 -30.66 40.62
CA SER B 186 -37.40 -31.01 40.32
C SER B 186 -37.95 -30.27 39.10
N GLY B 187 -37.26 -29.24 38.63
CA GLY B 187 -37.75 -28.45 37.52
C GLY B 187 -38.53 -27.23 37.91
N LEU B 188 -38.50 -26.83 39.18
CA LEU B 188 -39.23 -25.69 39.69
C LEU B 188 -38.26 -24.61 40.13
N TYR B 189 -38.65 -23.36 39.94
CA TYR B 189 -37.84 -22.21 40.29
C TYR B 189 -38.10 -21.81 41.75
N SER B 190 -37.16 -21.05 42.30
CA SER B 190 -37.29 -20.55 43.66
C SER B 190 -36.33 -19.40 43.88
N LEU B 191 -36.78 -18.40 44.62
CA LEU B 191 -35.96 -17.22 44.90
C LEU B 191 -36.31 -16.68 46.28
N SER B 192 -35.37 -15.92 46.85
CA SER B 192 -35.54 -15.35 48.18
C SER B 192 -35.30 -13.85 48.10
N SER B 193 -36.20 -13.08 48.71
CA SER B 193 -36.09 -11.62 48.77
C SER B 193 -35.83 -11.22 50.21
N VAL B 194 -34.75 -10.47 50.43
CA VAL B 194 -34.31 -10.07 51.77
C VAL B 194 -34.10 -8.57 51.79
N VAL B 195 -34.59 -7.91 52.84
CA VAL B 195 -34.42 -6.47 53.03
C VAL B 195 -33.85 -6.25 54.42
N THR B 196 -32.83 -5.40 54.52
CA THR B 196 -32.20 -5.09 55.79
C THR B 196 -32.88 -3.88 56.41
N VAL B 197 -33.23 -3.99 57.68
CA VAL B 197 -33.89 -2.91 58.41
C VAL B 197 -33.26 -2.76 59.79
N PRO B 198 -33.32 -1.58 60.41
CA PRO B 198 -32.75 -1.43 61.76
C PRO B 198 -33.42 -2.37 62.75
N SER B 199 -32.61 -2.87 63.69
CA SER B 199 -33.12 -3.77 64.71
C SER B 199 -34.16 -3.08 65.58
N SER B 200 -33.92 -1.83 65.95
CA SER B 200 -34.84 -1.12 66.83
C SER B 200 -36.23 -0.99 66.22
N SER B 201 -36.33 -1.05 64.90
CA SER B 201 -37.60 -0.91 64.21
C SER B 201 -38.37 -2.23 64.08
N LEU B 202 -37.78 -3.34 64.54
CA LEU B 202 -38.48 -4.62 64.43
C LEU B 202 -39.77 -4.62 65.24
N GLY B 203 -39.74 -4.05 66.44
CA GLY B 203 -40.91 -3.96 67.28
C GLY B 203 -41.82 -2.79 67.00
N THR B 204 -41.61 -2.09 65.89
CA THR B 204 -42.43 -0.95 65.51
C THR B 204 -43.21 -1.17 64.23
N GLN B 205 -42.63 -1.84 63.24
CA GLN B 205 -43.27 -2.09 61.96
C GLN B 205 -43.30 -3.59 61.69
N THR B 206 -44.46 -4.07 61.21
CA THR B 206 -44.63 -5.46 60.78
C THR B 206 -44.59 -5.46 59.25
N TYR B 207 -43.43 -5.80 58.70
CA TYR B 207 -43.24 -5.72 57.26
C TYR B 207 -44.10 -6.75 56.53
N ILE B 208 -44.33 -6.48 55.24
CA ILE B 208 -45.21 -7.29 54.40
C ILE B 208 -44.50 -7.55 53.08
N CYS B 209 -44.52 -8.80 52.64
CA CYS B 209 -43.93 -9.19 51.36
C CYS B 209 -45.07 -9.46 50.38
N ASN B 210 -45.20 -8.59 49.38
CA ASN B 210 -46.25 -8.71 48.37
C ASN B 210 -45.73 -9.59 47.24
N VAL B 211 -46.35 -10.77 47.08
CA VAL B 211 -45.95 -11.75 46.07
C VAL B 211 -47.08 -11.88 45.06
N ASN B 212 -46.76 -11.70 43.79
CA ASN B 212 -47.74 -11.80 42.71
C ASN B 212 -47.17 -12.69 41.61
N HIS B 213 -48.04 -13.49 41.00
CA HIS B 213 -47.61 -14.48 40.00
C HIS B 213 -48.59 -14.42 38.84
N LYS B 214 -48.21 -13.71 37.78
CA LYS B 214 -49.08 -13.58 36.61
C LYS B 214 -49.41 -14.92 35.96
N PRO B 215 -48.46 -15.81 35.70
CA PRO B 215 -48.80 -17.03 34.94
C PRO B 215 -49.92 -17.84 35.55
N SER B 216 -49.97 -17.94 36.88
CA SER B 216 -51.05 -18.64 37.56
C SER B 216 -52.12 -17.69 38.09
N ASN B 217 -51.99 -16.39 37.86
CA ASN B 217 -52.97 -15.41 38.33
C ASN B 217 -53.18 -15.54 39.84
N THR B 218 -52.08 -15.74 40.57
CA THR B 218 -52.12 -15.92 42.01
C THR B 218 -51.46 -14.72 42.68
N LYS B 219 -52.18 -14.12 43.65
CA LYS B 219 -51.68 -12.99 44.42
C LYS B 219 -51.78 -13.33 45.89
N VAL B 220 -50.64 -13.33 46.58
CA VAL B 220 -50.55 -13.73 47.97
C VAL B 220 -49.73 -12.70 48.75
N ASP B 221 -50.16 -12.40 49.96
CA ASP B 221 -49.45 -11.48 50.85
C ASP B 221 -49.19 -12.20 52.17
N LYS B 222 -47.94 -12.14 52.63
CA LYS B 222 -47.54 -12.77 53.88
C LYS B 222 -46.79 -11.75 54.74
N LYS B 223 -47.11 -11.74 56.03
CA LYS B 223 -46.52 -10.81 56.98
C LYS B 223 -45.33 -11.46 57.65
N VAL B 224 -44.21 -10.72 57.73
CA VAL B 224 -42.98 -11.20 58.33
C VAL B 224 -42.79 -10.50 59.67
N GLU B 225 -42.63 -11.29 60.72
CA GLU B 225 -42.41 -10.79 62.06
C GLU B 225 -41.39 -11.67 62.75
N PRO B 226 -40.69 -11.16 63.77
CA PRO B 226 -39.72 -12.00 64.47
C PRO B 226 -40.39 -13.22 65.09
N LYS B 227 -39.68 -14.35 65.07
CA LYS B 227 -40.24 -15.58 65.60
C LYS B 227 -40.45 -15.46 67.10
N SER B 228 -41.58 -16.00 67.57
CA SER B 228 -41.89 -15.96 69.00
C SER B 228 -40.91 -16.80 69.82
N CYS B 229 -40.18 -17.71 69.19
CA CYS B 229 -39.22 -18.54 69.89
C CYS B 229 -37.88 -17.84 70.04
N GLU C 1 -13.42 -23.45 11.82
CA GLU C 1 -13.97 -22.19 12.32
C GLU C 1 -12.97 -21.48 13.21
N ILE C 2 -12.95 -20.16 13.11
CA ILE C 2 -12.08 -19.33 13.94
C ILE C 2 -12.66 -19.24 15.33
N VAL C 3 -11.87 -19.60 16.33
CA VAL C 3 -12.29 -19.54 17.73
C VAL C 3 -11.77 -18.24 18.33
N LEU C 4 -12.68 -17.41 18.82
CA LEU C 4 -12.34 -16.10 19.35
C LEU C 4 -12.28 -16.17 20.87
N THR C 5 -11.21 -15.61 21.44
CA THR C 5 -11.03 -15.59 22.89
C THR C 5 -10.90 -14.14 23.33
N GLN C 6 -11.65 -13.78 24.37
CA GLN C 6 -11.70 -12.42 24.89
C GLN C 6 -11.18 -12.43 26.31
N SER C 7 -10.20 -11.58 26.60
CA SER C 7 -9.63 -11.45 27.92
C SER C 7 -9.44 -9.97 28.23
N PRO C 8 -9.46 -9.59 29.52
CA PRO C 8 -9.75 -10.44 30.68
C PRO C 8 -11.22 -10.84 30.76
N GLY C 9 -11.51 -11.90 31.51
CA GLY C 9 -12.90 -12.28 31.70
C GLY C 9 -13.74 -11.16 32.30
N THR C 10 -13.17 -10.45 33.28
CA THR C 10 -13.78 -9.27 33.86
C THR C 10 -12.75 -8.16 33.93
N LEU C 11 -13.19 -6.92 33.69
CA LEU C 11 -12.33 -5.76 33.70
C LEU C 11 -12.89 -4.75 34.69
N SER C 12 -12.09 -4.33 35.66
CA SER C 12 -12.51 -3.45 36.73
C SER C 12 -11.77 -2.12 36.62
N LEU C 13 -12.52 -1.01 36.68
CA LEU C 13 -11.93 0.32 36.65
C LEU C 13 -12.87 1.29 37.33
N SER C 14 -12.31 2.42 37.74
CA SER C 14 -13.12 3.55 38.17
C SER C 14 -13.70 4.27 36.98
N PRO C 15 -14.74 5.07 37.17
CA PRO C 15 -15.19 5.95 36.09
C PRO C 15 -14.09 6.93 35.69
N GLY C 16 -14.00 7.18 34.38
CA GLY C 16 -13.14 8.22 33.84
C GLY C 16 -11.84 7.75 33.23
N GLU C 17 -11.32 6.60 33.65
CA GLU C 17 -10.06 6.09 33.11
C GLU C 17 -10.27 5.51 31.71
N ARG C 18 -9.22 4.89 31.17
CA ARG C 18 -9.24 4.28 29.85
C ARG C 18 -9.41 2.78 29.99
N ALA C 19 -10.31 2.22 29.19
CA ALA C 19 -10.57 0.78 29.15
C ALA C 19 -10.17 0.24 27.78
N THR C 20 -9.43 -0.86 27.77
CA THR C 20 -9.00 -1.52 26.54
C THR C 20 -9.35 -3.00 26.62
N LEU C 21 -9.99 -3.52 25.57
CA LEU C 21 -10.43 -4.90 25.51
C LEU C 21 -9.73 -5.62 24.37
N SER C 22 -9.47 -6.90 24.55
CA SER C 22 -8.71 -7.70 23.60
C SER C 22 -9.55 -8.87 23.11
N CYS C 23 -9.56 -9.09 21.80
CA CYS C 23 -10.21 -10.23 21.17
C CYS C 23 -9.20 -10.88 20.23
N ARG C 24 -8.69 -12.05 20.61
CA ARG C 24 -7.65 -12.74 19.86
C ARG C 24 -8.23 -13.92 19.10
N ALA C 25 -7.88 -14.03 17.81
CA ALA C 25 -8.43 -15.04 16.93
C ALA C 25 -7.47 -16.22 16.79
N SER C 26 -8.04 -17.42 16.75
CA SER C 26 -7.23 -18.63 16.66
C SER C 26 -6.49 -18.76 15.34
N GLN C 27 -6.91 -18.04 14.30
CA GLN C 27 -6.20 -18.05 13.03
C GLN C 27 -6.55 -16.77 12.28
N SER C 28 -5.80 -16.51 11.22
CA SER C 28 -5.87 -15.21 10.55
C SER C 28 -7.29 -14.90 10.10
N VAL C 29 -7.69 -13.65 10.29
CA VAL C 29 -9.00 -13.14 9.88
C VAL C 29 -8.80 -12.26 8.65
N SER C 30 -9.51 -12.58 7.57
CA SER C 30 -9.26 -11.92 6.30
C SER C 30 -9.85 -10.51 6.29
N SER C 31 -9.10 -9.58 5.69
CA SER C 31 -9.58 -8.23 5.39
C SER C 31 -10.11 -7.51 6.63
N ARG C 32 -9.48 -7.74 7.78
CA ARG C 32 -9.83 -7.03 9.02
C ARG C 32 -11.33 -7.09 9.27
N SER C 33 -11.88 -8.30 9.19
CA SER C 33 -13.32 -8.52 9.32
C SER C 33 -13.63 -8.90 10.77
N VAL C 34 -13.76 -7.87 11.61
CA VAL C 34 -14.15 -8.04 13.01
C VAL C 34 -15.10 -6.92 13.39
N ALA C 35 -16.10 -7.26 14.19
CA ALA C 35 -17.09 -6.29 14.68
C ALA C 35 -17.28 -6.47 16.18
N TRP C 36 -17.70 -5.39 16.84
CA TRP C 36 -17.87 -5.35 18.28
C TRP C 36 -19.31 -4.99 18.63
N TYR C 37 -19.83 -5.63 19.68
CA TYR C 37 -21.19 -5.36 20.14
C TYR C 37 -21.18 -5.08 21.64
N GLN C 38 -22.14 -4.29 22.07
CA GLN C 38 -22.31 -3.92 23.48
C GLN C 38 -23.74 -4.22 23.89
N GLN C 39 -23.92 -5.07 24.88
CA GLN C 39 -25.24 -5.50 25.34
C GLN C 39 -25.47 -5.02 26.77
N LYS C 40 -26.52 -4.25 26.97
CA LYS C 40 -26.96 -3.92 28.32
C LYS C 40 -27.66 -5.14 28.92
N PRO C 41 -27.39 -5.46 30.19
CA PRO C 41 -28.03 -6.64 30.77
C PRO C 41 -29.55 -6.55 30.66
N GLY C 42 -30.14 -7.60 30.08
CA GLY C 42 -31.58 -7.60 29.87
C GLY C 42 -32.05 -6.78 28.69
N GLN C 43 -31.20 -6.60 27.68
CA GLN C 43 -31.55 -5.83 26.50
C GLN C 43 -30.85 -6.41 25.28
N ALA C 44 -31.37 -6.09 24.11
CA ALA C 44 -30.77 -6.58 22.88
C ALA C 44 -29.38 -5.97 22.68
N PRO C 45 -28.45 -6.70 22.06
CA PRO C 45 -27.13 -6.13 21.79
C PRO C 45 -27.17 -4.92 20.86
N ARG C 46 -25.99 -4.34 20.62
CA ARG C 46 -25.84 -3.12 19.86
C ARG C 46 -24.56 -3.22 19.05
N LEU C 47 -24.49 -2.51 17.93
CA LEU C 47 -23.32 -2.52 17.06
C LEU C 47 -22.50 -1.26 17.30
N LEU C 48 -21.21 -1.45 17.56
CA LEU C 48 -20.28 -0.34 17.79
C LEU C 48 -19.28 -0.18 16.65
N ILE C 49 -18.54 -1.23 16.32
CA ILE C 49 -17.46 -1.17 15.34
C ILE C 49 -17.65 -2.30 14.34
N TYR C 50 -17.40 -2.01 13.07
CA TYR C 50 -17.39 -3.02 12.03
C TYR C 50 -16.16 -2.82 11.15
N GLY C 51 -15.54 -3.93 10.75
CA GLY C 51 -14.28 -3.86 10.05
C GLY C 51 -13.09 -3.63 10.95
N ALA C 52 -13.28 -3.58 12.27
CA ALA C 52 -12.29 -3.38 13.31
C ALA C 52 -11.81 -1.93 13.39
N SER C 53 -12.23 -1.06 12.49
CA SER C 53 -11.82 0.34 12.54
C SER C 53 -12.92 1.34 12.25
N ASN C 54 -14.06 0.93 11.71
CA ASN C 54 -15.13 1.84 11.35
C ASN C 54 -16.19 1.89 12.44
N ARG C 55 -16.69 3.08 12.72
CA ARG C 55 -17.67 3.30 13.78
C ARG C 55 -19.07 3.41 13.19
N ALA C 56 -20.03 2.76 13.86
CA ALA C 56 -21.41 2.81 13.40
C ALA C 56 -22.00 4.20 13.59
N THR C 57 -23.08 4.48 12.87
CA THR C 57 -23.71 5.78 12.94
C THR C 57 -24.31 6.01 14.31
N GLY C 58 -24.08 7.19 14.87
CA GLY C 58 -24.65 7.56 16.16
C GLY C 58 -23.94 7.00 17.36
N ILE C 59 -22.76 6.41 17.19
CA ILE C 59 -22.01 5.86 18.31
C ILE C 59 -21.11 6.95 18.87
N PRO C 60 -21.03 7.10 20.20
CA PRO C 60 -20.17 8.16 20.76
C PRO C 60 -18.74 8.03 20.28
N ASP C 61 -18.09 9.18 20.09
CA ASP C 61 -16.72 9.20 19.56
C ASP C 61 -15.71 8.61 20.52
N ARG C 62 -16.08 8.37 21.78
CA ARG C 62 -15.15 7.76 22.73
C ARG C 62 -14.91 6.29 22.43
N PHE C 63 -15.68 5.68 21.54
CA PHE C 63 -15.46 4.29 21.15
C PHE C 63 -14.61 4.23 19.90
N SER C 64 -13.50 3.49 19.97
CA SER C 64 -12.62 3.32 18.83
C SER C 64 -11.94 1.95 18.93
N GLY C 65 -11.74 1.32 17.77
CA GLY C 65 -11.08 0.03 17.71
C GLY C 65 -10.06 0.01 16.60
N SER C 66 -9.14 -0.95 16.70
CA SER C 66 -8.07 -1.10 15.73
C SER C 66 -7.47 -2.49 15.88
N GLY C 67 -6.62 -2.85 14.93
CA GLY C 67 -5.95 -4.13 14.91
C GLY C 67 -5.99 -4.77 13.55
N SER C 68 -5.41 -5.95 13.47
CA SER C 68 -5.37 -6.74 12.24
C SER C 68 -4.73 -8.08 12.57
N GLY C 69 -4.79 -9.00 11.62
CA GLY C 69 -4.17 -10.29 11.78
C GLY C 69 -4.98 -11.22 12.68
N THR C 70 -4.49 -11.45 13.90
CA THR C 70 -5.18 -12.28 14.87
C THR C 70 -5.30 -11.57 16.22
N ASP C 71 -5.22 -10.24 16.25
CA ASP C 71 -5.35 -9.47 17.48
C ASP C 71 -6.07 -8.17 17.16
N PHE C 72 -7.20 -7.95 17.83
CA PHE C 72 -7.98 -6.73 17.67
C PHE C 72 -8.31 -6.17 19.05
N THR C 73 -8.36 -4.85 19.13
CA THR C 73 -8.52 -4.16 20.41
C THR C 73 -9.62 -3.11 20.32
N LEU C 74 -10.41 -3.01 21.38
CA LEU C 74 -11.39 -1.95 21.55
C LEU C 74 -10.97 -1.07 22.72
N THR C 75 -10.88 0.24 22.47
CA THR C 75 -10.42 1.19 23.46
C THR C 75 -11.46 2.28 23.65
N ILE C 76 -11.70 2.64 24.92
CA ILE C 76 -12.62 3.70 25.29
C ILE C 76 -11.80 4.80 25.95
N SER C 77 -11.90 6.02 25.41
CA SER C 77 -11.10 7.12 25.92
C SER C 77 -11.46 7.44 27.37
N ARG C 78 -12.75 7.60 27.65
CA ARG C 78 -13.21 7.94 28.98
C ARG C 78 -14.49 7.18 29.27
N LEU C 79 -14.49 6.38 30.33
CA LEU C 79 -15.68 5.62 30.66
C LEU C 79 -16.81 6.52 31.10
N GLU C 80 -18.01 5.97 31.08
CA GLU C 80 -19.24 6.63 31.50
C GLU C 80 -20.00 5.69 32.41
N PRO C 81 -20.96 6.20 33.17
CA PRO C 81 -21.73 5.31 34.06
C PRO C 81 -22.43 4.18 33.32
N GLU C 82 -22.77 4.39 32.04
CA GLU C 82 -23.48 3.41 31.25
C GLU C 82 -22.57 2.55 30.39
N ASP C 83 -21.24 2.69 30.51
CA ASP C 83 -20.31 1.88 29.74
C ASP C 83 -19.86 0.62 30.48
N PHE C 84 -20.37 0.37 31.68
CA PHE C 84 -20.04 -0.84 32.44
C PHE C 84 -21.05 -1.94 32.12
N VAL C 85 -20.86 -2.54 30.93
CA VAL C 85 -21.71 -3.62 30.45
C VAL C 85 -20.85 -4.61 29.67
N VAL C 86 -21.48 -5.71 29.25
CA VAL C 86 -20.75 -6.75 28.53
C VAL C 86 -20.41 -6.27 27.12
N PHE C 87 -19.34 -6.81 26.57
CA PHE C 87 -18.86 -6.47 25.23
C PHE C 87 -18.54 -7.75 24.48
N TYR C 88 -18.97 -7.84 23.23
CA TYR C 88 -18.77 -9.02 22.40
C TYR C 88 -18.00 -8.65 21.14
N CYS C 89 -17.17 -9.59 20.69
CA CYS C 89 -16.40 -9.44 19.45
C CYS C 89 -16.80 -10.52 18.47
N GLN C 90 -17.02 -10.13 17.22
CA GLN C 90 -17.43 -11.02 16.16
C GLN C 90 -16.42 -11.01 15.02
N GLN C 91 -16.26 -12.16 14.36
CA GLN C 91 -15.44 -12.28 13.17
C GLN C 91 -16.31 -12.79 12.03
N TYR C 92 -16.15 -12.18 10.84
CA TYR C 92 -16.86 -12.65 9.66
C TYR C 92 -15.94 -12.72 8.45
N GLY C 93 -14.68 -13.06 8.67
CA GLY C 93 -13.73 -13.21 7.58
C GLY C 93 -13.77 -14.59 6.96
N SER C 94 -14.30 -15.57 7.69
CA SER C 94 -14.40 -16.93 7.17
C SER C 94 -15.61 -17.61 7.81
N SER C 95 -16.45 -18.23 6.99
CA SER C 95 -17.62 -18.90 7.51
C SER C 95 -17.23 -20.17 8.27
N PRO C 96 -18.03 -20.57 9.27
CA PRO C 96 -19.25 -19.91 9.76
C PRO C 96 -18.95 -18.74 10.70
N LEU C 97 -19.95 -17.89 10.90
CA LEU C 97 -19.80 -16.77 11.83
C LEU C 97 -19.61 -17.28 13.26
N THR C 98 -18.77 -16.58 14.01
CA THR C 98 -18.51 -16.91 15.40
C THR C 98 -18.46 -15.64 16.23
N PHE C 99 -18.83 -15.76 17.50
CA PHE C 99 -18.81 -14.67 18.46
C PHE C 99 -17.70 -14.89 19.48
N GLY C 100 -17.49 -13.88 20.32
CA GLY C 100 -16.56 -13.98 21.41
C GLY C 100 -17.20 -14.62 22.63
N GLY C 101 -16.55 -14.42 23.78
CA GLY C 101 -17.05 -14.95 25.03
C GLY C 101 -17.78 -13.91 25.86
N GLY C 102 -17.33 -12.68 25.80
CA GLY C 102 -17.93 -11.59 26.56
C GLY C 102 -16.98 -11.11 27.64
N THR C 103 -16.84 -9.79 27.75
CA THR C 103 -15.91 -9.17 28.70
C THR C 103 -16.70 -8.16 29.53
N LYS C 104 -17.14 -8.58 30.72
CA LYS C 104 -17.88 -7.69 31.60
C LYS C 104 -16.96 -6.61 32.15
N VAL C 105 -17.50 -5.40 32.26
CA VAL C 105 -16.82 -4.26 32.86
C VAL C 105 -17.57 -3.84 34.11
N GLU C 106 -16.86 -3.73 35.23
CA GLU C 106 -17.47 -3.43 36.52
C GLU C 106 -16.78 -2.23 37.14
N ILE C 107 -17.52 -1.53 38.00
CA ILE C 107 -16.99 -0.35 38.67
C ILE C 107 -16.11 -0.81 39.83
N LYS C 108 -14.85 -0.40 39.81
CA LYS C 108 -13.92 -0.76 40.86
C LYS C 108 -14.22 0.05 42.12
N ARG C 109 -13.95 -0.55 43.27
CA ARG C 109 -14.27 0.08 44.55
C ARG C 109 -13.33 -0.45 45.62
N THR C 110 -13.24 0.29 46.72
CA THR C 110 -12.43 -0.14 47.85
C THR C 110 -12.96 -1.45 48.41
N VAL C 111 -12.04 -2.30 48.88
CA VAL C 111 -12.43 -3.61 49.37
C VAL C 111 -13.37 -3.48 50.56
N ALA C 112 -14.41 -4.31 50.57
CA ALA C 112 -15.37 -4.35 51.66
C ALA C 112 -15.64 -5.80 52.03
N ALA C 113 -16.04 -6.02 53.30
CA ALA C 113 -16.24 -7.37 53.80
C ALA C 113 -17.72 -7.70 53.91
N PRO C 114 -18.08 -8.97 53.75
CA PRO C 114 -19.49 -9.34 53.85
C PRO C 114 -19.99 -9.35 55.29
N SER C 115 -21.31 -9.20 55.42
CA SER C 115 -22.00 -9.34 56.71
C SER C 115 -22.80 -10.63 56.66
N VAL C 116 -22.35 -11.63 57.41
CA VAL C 116 -22.92 -12.97 57.34
C VAL C 116 -24.12 -13.06 58.27
N PHE C 117 -25.28 -13.37 57.70
CA PHE C 117 -26.51 -13.58 58.46
C PHE C 117 -27.02 -14.99 58.18
N ILE C 118 -27.68 -15.57 59.18
CA ILE C 118 -28.21 -16.92 59.07
C ILE C 118 -29.69 -16.89 59.40
N PHE C 119 -30.44 -17.82 58.82
CA PHE C 119 -31.88 -17.86 59.00
C PHE C 119 -32.36 -19.29 59.15
N PRO C 120 -32.94 -19.67 60.29
CA PRO C 120 -33.52 -21.01 60.43
C PRO C 120 -34.73 -21.18 59.53
N PRO C 121 -35.08 -22.42 59.19
CA PRO C 121 -36.25 -22.64 58.34
C PRO C 121 -37.54 -22.26 59.07
N SER C 122 -38.55 -21.89 58.28
CA SER C 122 -39.84 -21.50 58.82
C SER C 122 -40.71 -22.73 59.04
N ASP C 123 -41.62 -22.61 60.01
CA ASP C 123 -42.48 -23.74 60.35
C ASP C 123 -43.42 -24.10 59.20
N GLU C 124 -43.95 -23.10 58.50
CA GLU C 124 -44.91 -23.38 57.44
C GLU C 124 -44.30 -24.29 56.37
N GLN C 125 -43.05 -24.03 55.98
CA GLN C 125 -42.38 -24.92 55.04
C GLN C 125 -42.21 -26.32 55.61
N LEU C 126 -41.88 -26.41 56.90
CA LEU C 126 -41.69 -27.71 57.52
C LEU C 126 -42.96 -28.55 57.47
N LYS C 127 -44.12 -27.91 57.53
CA LYS C 127 -45.38 -28.66 57.46
C LYS C 127 -45.52 -29.39 56.13
N SER C 128 -44.90 -28.86 55.07
CA SER C 128 -44.98 -29.45 53.74
C SER C 128 -43.95 -30.55 53.53
N GLY C 129 -43.10 -30.83 54.51
CA GLY C 129 -42.10 -31.86 54.39
C GLY C 129 -40.79 -31.43 53.76
N THR C 130 -40.56 -30.12 53.61
CA THR C 130 -39.33 -29.59 53.04
C THR C 130 -38.73 -28.56 53.98
N ALA C 131 -37.40 -28.53 54.04
CA ALA C 131 -36.68 -27.60 54.90
C ALA C 131 -35.62 -26.88 54.08
N SER C 132 -35.50 -25.57 54.28
CA SER C 132 -34.56 -24.73 53.56
C SER C 132 -33.78 -23.88 54.54
N VAL C 133 -32.45 -23.85 54.37
CA VAL C 133 -31.55 -23.05 55.19
C VAL C 133 -30.71 -22.20 54.27
N VAL C 134 -30.65 -20.90 54.55
CA VAL C 134 -29.98 -19.93 53.69
C VAL C 134 -29.06 -19.07 54.55
N CYS C 135 -27.81 -18.89 54.08
CA CYS C 135 -26.86 -18.00 54.72
C CYS C 135 -26.54 -16.86 53.76
N LEU C 136 -26.58 -15.63 54.27
CA LEU C 136 -26.62 -14.43 53.44
C LEU C 136 -25.33 -13.64 53.58
N LEU C 137 -24.79 -13.18 52.45
CA LEU C 137 -23.65 -12.27 52.40
C LEU C 137 -24.12 -10.96 51.77
N ASN C 138 -23.83 -9.85 52.45
CA ASN C 138 -24.41 -8.56 52.09
C ASN C 138 -23.31 -7.51 51.95
N ASN C 139 -23.40 -6.68 50.92
CA ASN C 139 -22.47 -5.59 50.64
C ASN C 139 -21.01 -6.04 50.80
N PHE C 140 -20.59 -6.92 49.89
CA PHE C 140 -19.21 -7.37 49.83
C PHE C 140 -18.61 -7.03 48.46
N TYR C 141 -17.28 -7.02 48.42
CA TYR C 141 -16.53 -6.72 47.20
C TYR C 141 -15.09 -7.14 47.41
N PRO C 142 -14.42 -7.76 46.42
CA PRO C 142 -14.85 -8.15 45.06
C PRO C 142 -15.96 -9.20 45.02
N ARG C 143 -16.44 -9.49 43.81
CA ARG C 143 -17.56 -10.43 43.65
C ARG C 143 -17.18 -11.82 44.12
N GLU C 144 -15.97 -12.27 43.80
CA GLU C 144 -15.58 -13.64 44.06
C GLU C 144 -15.64 -13.96 45.55
N ALA C 145 -16.20 -15.12 45.87
CA ALA C 145 -16.29 -15.60 47.25
C ALA C 145 -16.71 -17.06 47.20
N LYS C 146 -16.42 -17.77 48.29
CA LYS C 146 -16.69 -19.20 48.37
C LYS C 146 -17.38 -19.51 49.70
N VAL C 147 -18.39 -20.38 49.64
CA VAL C 147 -19.21 -20.72 50.79
C VAL C 147 -19.47 -22.21 50.78
N GLN C 148 -19.48 -22.82 51.96
CA GLN C 148 -19.78 -24.24 52.10
C GLN C 148 -20.73 -24.46 53.26
N TRP C 149 -21.50 -25.54 53.17
CA TRP C 149 -22.49 -25.91 54.16
C TRP C 149 -22.00 -27.13 54.94
N LYS C 150 -22.06 -27.04 56.27
CA LYS C 150 -21.64 -28.12 57.14
C LYS C 150 -22.80 -28.57 58.00
N VAL C 151 -23.08 -29.86 58.01
CA VAL C 151 -24.13 -30.46 58.83
C VAL C 151 -23.46 -31.38 59.85
N ASP C 152 -23.60 -31.05 61.12
CA ASP C 152 -22.91 -31.77 62.19
C ASP C 152 -21.42 -31.85 61.89
N ASN C 153 -20.85 -30.75 61.39
CA ASN C 153 -19.44 -30.68 61.01
C ASN C 153 -19.12 -31.66 59.88
N ALA C 154 -20.08 -31.90 59.00
CA ALA C 154 -19.89 -32.73 57.82
C ALA C 154 -20.14 -31.89 56.57
N LEU C 155 -19.15 -31.85 55.69
CA LEU C 155 -19.26 -31.03 54.48
C LEU C 155 -20.39 -31.53 53.60
N GLN C 156 -21.15 -30.59 53.04
CA GLN C 156 -22.27 -30.89 52.16
C GLN C 156 -21.89 -30.55 50.73
N SER C 157 -22.08 -31.51 49.81
CA SER C 157 -21.73 -31.32 48.41
C SER C 157 -22.85 -31.87 47.53
N GLY C 158 -23.14 -31.17 46.44
CA GLY C 158 -24.14 -31.61 45.50
C GLY C 158 -25.57 -31.25 45.87
N ASN C 159 -25.77 -30.46 46.93
CA ASN C 159 -27.11 -30.10 47.35
C ASN C 159 -27.23 -28.64 47.74
N SER C 160 -26.30 -27.79 47.29
CA SER C 160 -26.30 -26.37 47.62
C SER C 160 -26.38 -25.54 46.35
N GLN C 161 -27.21 -24.50 46.38
CA GLN C 161 -27.40 -23.60 45.26
C GLN C 161 -26.92 -22.21 45.64
N GLU C 162 -26.38 -21.48 44.66
CA GLU C 162 -25.75 -20.19 44.89
C GLU C 162 -26.43 -19.13 44.03
N SER C 163 -26.61 -17.95 44.59
CA SER C 163 -27.22 -16.83 43.89
C SER C 163 -26.54 -15.53 44.30
N VAL C 164 -26.25 -14.68 43.31
CA VAL C 164 -25.61 -13.40 43.54
C VAL C 164 -26.37 -12.35 42.74
N THR C 165 -26.66 -11.21 43.36
CA THR C 165 -27.33 -10.13 42.68
C THR C 165 -26.34 -9.33 41.83
N GLU C 166 -26.89 -8.53 40.92
CA GLU C 166 -26.07 -7.67 40.08
C GLU C 166 -25.46 -6.56 40.92
N GLN C 167 -24.37 -5.99 40.40
CA GLN C 167 -23.70 -4.89 41.09
C GLN C 167 -24.68 -3.76 41.36
N ASP C 168 -24.68 -3.27 42.59
CA ASP C 168 -25.64 -2.25 43.01
C ASP C 168 -25.31 -0.92 42.34
N SER C 169 -26.34 -0.07 42.22
CA SER C 169 -26.20 1.23 41.59
C SER C 169 -25.84 2.34 42.56
N LYS C 170 -25.84 2.07 43.87
CA LYS C 170 -25.55 3.08 44.88
C LYS C 170 -24.16 2.89 45.47
N ASP C 171 -23.87 1.70 46.00
CA ASP C 171 -22.57 1.41 46.59
C ASP C 171 -21.75 0.44 45.76
N SER C 172 -22.29 -0.06 44.65
CA SER C 172 -21.58 -0.97 43.76
C SER C 172 -21.01 -2.16 44.53
N THR C 173 -21.90 -2.85 45.25
CA THR C 173 -21.54 -4.05 45.98
C THR C 173 -22.56 -5.15 45.68
N TYR C 174 -22.09 -6.39 45.73
CA TYR C 174 -22.93 -7.54 45.45
C TYR C 174 -23.55 -8.07 46.74
N SER C 175 -24.33 -9.15 46.61
CA SER C 175 -24.98 -9.76 47.76
C SER C 175 -25.20 -11.24 47.41
N LEU C 176 -24.38 -12.10 48.00
CA LEU C 176 -24.40 -13.53 47.71
C LEU C 176 -25.23 -14.27 48.74
N SER C 177 -25.69 -15.46 48.36
CA SER C 177 -26.47 -16.29 49.26
C SER C 177 -26.39 -17.74 48.78
N SER C 178 -26.27 -18.66 49.73
CA SER C 178 -26.27 -20.10 49.46
C SER C 178 -27.48 -20.71 50.15
N THR C 179 -28.24 -21.51 49.40
CA THR C 179 -29.46 -22.14 49.90
C THR C 179 -29.21 -23.64 50.06
N LEU C 180 -29.59 -24.17 51.23
CA LEU C 180 -29.46 -25.58 51.54
C LEU C 180 -30.84 -26.20 51.59
N THR C 181 -31.06 -27.21 50.76
CA THR C 181 -32.35 -27.90 50.68
C THR C 181 -32.19 -29.32 51.22
N LEU C 182 -32.97 -29.64 52.26
CA LEU C 182 -32.95 -30.96 52.86
C LEU C 182 -34.37 -31.34 53.26
N SER C 183 -34.72 -32.61 53.03
CA SER C 183 -36.05 -33.09 53.37
C SER C 183 -36.27 -32.99 54.88
N LYS C 184 -37.53 -33.21 55.28
CA LYS C 184 -37.88 -33.08 56.69
C LYS C 184 -37.12 -34.10 57.54
N ALA C 185 -36.99 -35.33 57.05
CA ALA C 185 -36.29 -36.36 57.81
C ALA C 185 -34.84 -35.99 58.05
N ASP C 186 -34.16 -35.47 57.03
CA ASP C 186 -32.76 -35.09 57.20
C ASP C 186 -32.63 -33.94 58.17
N TYR C 187 -33.52 -32.95 58.07
CA TYR C 187 -33.41 -31.77 58.94
C TYR C 187 -33.55 -32.13 60.41
N GLU C 188 -34.56 -32.94 60.74
CA GLU C 188 -34.81 -33.28 62.14
C GLU C 188 -33.68 -34.12 62.72
N LYS C 189 -33.12 -35.03 61.93
CA LYS C 189 -32.08 -35.91 62.44
C LYS C 189 -30.87 -35.12 62.92
N HIS C 190 -30.42 -34.15 62.13
CA HIS C 190 -29.26 -33.35 62.48
C HIS C 190 -29.68 -32.16 63.32
N LYS C 191 -28.74 -31.66 64.12
CA LYS C 191 -29.03 -30.66 65.14
C LYS C 191 -28.26 -29.35 64.97
N VAL C 192 -27.09 -29.38 64.34
CA VAL C 192 -26.22 -28.21 64.22
C VAL C 192 -25.94 -27.93 62.75
N TYR C 193 -25.99 -26.65 62.37
CA TYR C 193 -25.70 -26.22 61.01
C TYR C 193 -24.88 -24.94 61.08
N ALA C 194 -24.07 -24.70 60.05
CA ALA C 194 -23.21 -23.52 60.02
C ALA C 194 -22.81 -23.21 58.59
N CYS C 195 -22.70 -21.91 58.28
CA CYS C 195 -22.24 -21.42 56.99
C CYS C 195 -20.93 -20.67 57.18
N GLU C 196 -19.93 -21.01 56.37
CA GLU C 196 -18.61 -20.40 56.45
C GLU C 196 -18.35 -19.58 55.19
N VAL C 197 -17.69 -18.44 55.35
CA VAL C 197 -17.41 -17.51 54.26
C VAL C 197 -15.91 -17.26 54.21
N THR C 198 -15.35 -17.31 53.00
CA THR C 198 -13.96 -16.97 52.76
C THR C 198 -13.92 -15.83 51.74
N HIS C 199 -13.37 -14.68 52.15
CA HIS C 199 -13.33 -13.52 51.28
C HIS C 199 -12.08 -12.71 51.59
N GLN C 200 -11.63 -11.96 50.58
CA GLN C 200 -10.37 -11.22 50.71
C GLN C 200 -10.40 -10.28 51.91
N GLY C 201 -11.44 -9.45 52.01
CA GLY C 201 -11.51 -8.47 53.07
C GLY C 201 -11.46 -9.06 54.47
N LEU C 202 -11.89 -10.30 54.64
CA LEU C 202 -11.85 -10.96 55.94
C LEU C 202 -10.49 -11.62 56.14
N SER C 203 -9.81 -11.25 57.22
CA SER C 203 -8.51 -11.86 57.51
C SER C 203 -8.66 -13.36 57.77
N SER C 204 -9.69 -13.75 58.50
CA SER C 204 -9.96 -15.14 58.82
C SER C 204 -11.42 -15.45 58.54
N PRO C 205 -11.76 -16.70 58.22
CA PRO C 205 -13.16 -17.03 57.95
C PRO C 205 -14.04 -16.71 59.15
N VAL C 206 -15.25 -16.23 58.87
CA VAL C 206 -16.24 -15.88 59.89
C VAL C 206 -17.38 -16.88 59.78
N THR C 207 -17.75 -17.49 60.92
CA THR C 207 -18.76 -18.53 60.96
C THR C 207 -19.96 -18.06 61.76
N LYS C 208 -21.14 -18.20 61.17
CA LYS C 208 -22.41 -17.96 61.84
C LYS C 208 -23.23 -19.25 61.79
N SER C 209 -23.81 -19.62 62.93
CA SER C 209 -24.50 -20.90 63.06
C SER C 209 -25.70 -20.74 63.97
N PHE C 210 -26.62 -21.69 63.86
CA PHE C 210 -27.81 -21.75 64.69
C PHE C 210 -28.01 -23.19 65.16
N ASN C 211 -28.71 -23.33 66.28
CA ASN C 211 -29.01 -24.63 66.84
C ASN C 211 -30.51 -24.89 66.72
N ARG C 212 -30.86 -26.05 66.17
CA ARG C 212 -32.27 -26.35 65.91
C ARG C 212 -33.06 -26.35 67.20
N GLY C 213 -34.22 -25.69 67.18
CA GLY C 213 -35.12 -25.65 68.32
C GLY C 213 -34.78 -24.63 69.38
N GLU C 214 -33.68 -23.91 69.24
CA GLU C 214 -33.27 -22.92 70.23
C GLU C 214 -34.12 -21.67 70.07
N CYS C 215 -35.06 -21.46 71.00
CA CYS C 215 -35.92 -20.29 70.97
C CYS C 215 -35.11 -19.01 71.11
N GLN D 57 -2.33 -51.13 -29.38
CA GLN D 57 -3.76 -50.93 -29.16
C GLN D 57 -4.08 -49.44 -29.15
N ALA D 58 -4.90 -49.02 -30.11
CA ALA D 58 -5.29 -47.62 -30.20
C ALA D 58 -6.21 -47.20 -29.08
N PHE D 59 -6.85 -48.15 -28.39
CA PHE D 59 -7.79 -47.80 -27.34
C PHE D 59 -7.07 -47.27 -26.11
N TRP D 60 -5.97 -47.94 -25.71
CA TRP D 60 -5.21 -47.50 -24.55
C TRP D 60 -4.47 -46.20 -24.80
N LYS D 61 -4.22 -45.84 -26.07
CA LYS D 61 -3.63 -44.54 -26.37
C LYS D 61 -4.66 -43.42 -26.23
N ALA D 62 -5.91 -43.68 -26.62
CA ALA D 62 -6.94 -42.66 -26.48
C ALA D 62 -7.26 -42.38 -25.02
N VAL D 63 -7.27 -43.42 -24.19
CA VAL D 63 -7.53 -43.23 -22.76
C VAL D 63 -6.39 -42.48 -22.10
N THR D 64 -5.15 -42.74 -22.54
CA THR D 64 -4.00 -42.05 -21.96
C THR D 64 -4.01 -40.57 -22.29
N ALA D 65 -4.41 -40.20 -23.51
CA ALA D 65 -4.45 -38.80 -23.89
C ALA D 65 -5.52 -38.05 -23.10
N GLU D 66 -6.66 -38.70 -22.82
CA GLU D 66 -7.71 -38.06 -22.04
C GLU D 66 -7.24 -37.79 -20.62
N PHE D 67 -6.48 -38.72 -20.03
CA PHE D 67 -5.90 -38.49 -18.71
C PHE D 67 -4.85 -37.40 -18.76
N LEU D 68 -3.98 -37.43 -19.77
CA LEU D 68 -2.89 -36.46 -19.84
C LEU D 68 -3.39 -35.08 -20.26
N ALA D 69 -4.38 -35.04 -21.15
CA ALA D 69 -4.96 -33.76 -21.54
C ALA D 69 -5.65 -33.08 -20.37
N MET D 70 -6.38 -33.86 -19.57
CA MET D 70 -7.11 -33.28 -18.45
C MET D 70 -6.18 -32.87 -17.31
N LEU D 71 -5.06 -33.58 -17.15
CA LEU D 71 -4.10 -33.24 -16.09
C LEU D 71 -3.51 -31.85 -16.32
N ILE D 72 -3.09 -31.57 -17.56
CA ILE D 72 -2.48 -30.28 -17.87
C ILE D 72 -3.52 -29.16 -17.83
N PHE D 73 -4.72 -29.45 -18.31
CA PHE D 73 -5.77 -28.42 -18.33
C PHE D 73 -6.09 -27.93 -16.92
N VAL D 74 -6.23 -28.86 -15.97
CA VAL D 74 -6.62 -28.48 -14.62
C VAL D 74 -5.47 -27.75 -13.91
N LEU D 75 -4.24 -28.21 -14.10
CA LEU D 75 -3.11 -27.59 -13.40
C LEU D 75 -2.92 -26.15 -13.83
N LEU D 76 -2.84 -25.89 -15.14
CA LEU D 76 -2.62 -24.53 -15.62
C LEU D 76 -3.84 -23.65 -15.35
N SER D 77 -5.05 -24.19 -15.56
CA SER D 77 -6.25 -23.38 -15.43
C SER D 77 -6.50 -22.99 -13.97
N LEU D 78 -6.37 -23.95 -13.05
CA LEU D 78 -6.59 -23.63 -11.64
C LEU D 78 -5.46 -22.76 -11.08
N GLY D 79 -4.27 -22.84 -11.66
CA GLY D 79 -3.18 -22.00 -11.21
C GLY D 79 -3.43 -20.52 -11.44
N SER D 80 -4.14 -20.20 -12.52
CA SER D 80 -4.46 -18.81 -12.82
C SER D 80 -5.47 -18.20 -11.85
N THR D 81 -6.19 -19.03 -11.10
CA THR D 81 -7.19 -18.56 -10.15
C THR D 81 -6.61 -18.27 -8.77
N ILE D 82 -5.33 -18.58 -8.54
CA ILE D 82 -4.73 -18.36 -7.23
C ILE D 82 -4.64 -16.87 -6.95
N ASN D 83 -5.05 -16.47 -5.75
CA ASN D 83 -4.97 -15.08 -5.31
C ASN D 83 -3.65 -14.89 -4.59
N TRP D 84 -2.73 -14.15 -5.21
CA TRP D 84 -1.38 -13.96 -4.70
C TRP D 84 -1.29 -12.86 -3.66
N GLY D 85 -2.39 -12.19 -3.35
CA GLY D 85 -2.42 -11.24 -2.26
C GLY D 85 -2.63 -11.86 -0.89
N GLY D 86 -2.86 -13.16 -0.83
CA GLY D 86 -3.04 -13.83 0.44
C GLY D 86 -4.42 -13.61 1.03
N THR D 87 -4.60 -14.17 2.22
CA THR D 87 -5.83 -13.97 2.97
C THR D 87 -5.85 -12.66 3.73
N GLU D 88 -4.69 -12.00 3.88
CA GLU D 88 -4.64 -10.75 4.62
C GLU D 88 -5.21 -9.59 3.80
N LYS D 89 -4.62 -9.33 2.64
CA LYS D 89 -5.07 -8.26 1.74
C LYS D 89 -5.21 -8.85 0.34
N PRO D 90 -6.33 -9.51 0.06
CA PRO D 90 -6.51 -10.09 -1.27
C PRO D 90 -6.44 -9.03 -2.36
N LEU D 91 -5.84 -9.40 -3.48
CA LEU D 91 -5.78 -8.53 -4.64
C LEU D 91 -7.09 -8.59 -5.42
N PRO D 92 -7.41 -7.56 -6.19
CA PRO D 92 -8.59 -7.63 -7.05
C PRO D 92 -8.48 -8.79 -8.03
N VAL D 93 -9.61 -9.43 -8.29
CA VAL D 93 -9.66 -10.57 -9.19
C VAL D 93 -9.65 -10.09 -10.63
N ASP D 94 -8.78 -10.68 -11.45
CA ASP D 94 -8.69 -10.35 -12.87
C ASP D 94 -9.58 -11.33 -13.62
N MET D 95 -10.76 -10.86 -14.03
CA MET D 95 -11.72 -11.74 -14.68
C MET D 95 -11.25 -12.17 -16.06
N VAL D 96 -10.55 -11.28 -16.78
CA VAL D 96 -10.05 -11.62 -18.10
C VAL D 96 -8.95 -12.67 -18.01
N LEU D 97 -8.12 -12.58 -16.98
CA LEU D 97 -7.01 -13.53 -16.84
C LEU D 97 -7.52 -14.96 -16.69
N ILE D 98 -8.54 -15.16 -15.86
CA ILE D 98 -9.07 -16.50 -15.64
C ILE D 98 -9.80 -17.00 -16.88
N SER D 99 -10.57 -16.12 -17.53
CA SER D 99 -11.34 -16.53 -18.69
C SER D 99 -10.44 -16.95 -19.84
N LEU D 100 -9.38 -16.19 -20.10
CA LEU D 100 -8.51 -16.49 -21.23
C LEU D 100 -7.70 -17.76 -20.99
N CYS D 101 -7.24 -17.97 -19.75
CA CYS D 101 -6.46 -19.17 -19.46
C CYS D 101 -7.31 -20.42 -19.60
N PHE D 102 -8.54 -20.39 -19.08
CA PHE D 102 -9.44 -21.51 -19.25
C PHE D 102 -9.78 -21.74 -20.71
N GLY D 103 -10.10 -20.67 -21.43
CA GLY D 103 -10.46 -20.81 -22.83
C GLY D 103 -9.30 -21.25 -23.71
N LEU D 104 -8.12 -20.65 -23.51
CA LEU D 104 -6.96 -20.98 -24.32
C LEU D 104 -6.34 -22.32 -23.95
N SER D 105 -6.61 -22.83 -22.75
CA SER D 105 -6.12 -24.16 -22.38
C SER D 105 -6.89 -25.26 -23.10
N ILE D 106 -8.20 -25.06 -23.29
CA ILE D 106 -9.00 -26.03 -24.04
C ILE D 106 -8.63 -25.99 -25.52
N ALA D 107 -8.40 -24.80 -26.05
CA ALA D 107 -8.00 -24.70 -27.45
C ALA D 107 -6.67 -25.40 -27.70
N THR D 108 -5.83 -25.51 -26.67
CA THR D 108 -4.49 -26.06 -26.86
C THR D 108 -4.49 -27.58 -26.79
N MET D 109 -5.25 -28.16 -25.85
CA MET D 109 -5.29 -29.62 -25.74
C MET D 109 -6.14 -30.25 -26.84
N VAL D 110 -7.12 -29.52 -27.38
CA VAL D 110 -7.82 -30.00 -28.56
C VAL D 110 -6.88 -30.06 -29.75
N GLN D 111 -6.01 -29.05 -29.89
CA GLN D 111 -4.99 -29.08 -30.92
C GLN D 111 -4.03 -30.24 -30.72
N CYS D 112 -3.61 -30.47 -29.47
CA CYS D 112 -2.59 -31.46 -29.19
C CYS D 112 -3.13 -32.89 -29.31
N PHE D 113 -4.27 -33.16 -28.68
CA PHE D 113 -4.76 -34.52 -28.52
C PHE D 113 -6.03 -34.80 -29.31
N GLY D 114 -6.45 -33.86 -30.17
CA GLY D 114 -7.71 -34.03 -30.87
C GLY D 114 -7.73 -35.25 -31.78
N HIS D 115 -6.61 -35.54 -32.42
CA HIS D 115 -6.51 -36.65 -33.37
C HIS D 115 -6.15 -37.97 -32.70
N ILE D 116 -5.88 -37.97 -31.40
CA ILE D 116 -5.51 -39.17 -30.68
C ILE D 116 -6.69 -39.76 -29.91
N SER D 117 -7.45 -38.91 -29.22
CA SER D 117 -8.54 -39.37 -28.37
C SER D 117 -9.89 -38.77 -28.73
N GLY D 118 -9.95 -37.76 -29.59
CA GLY D 118 -11.18 -37.07 -29.90
C GLY D 118 -11.34 -35.73 -29.23
N GLY D 119 -10.50 -35.41 -28.24
CA GLY D 119 -10.52 -34.11 -27.61
C GLY D 119 -11.79 -33.77 -26.86
N HIS D 120 -12.28 -34.70 -26.03
CA HIS D 120 -13.45 -34.42 -25.21
C HIS D 120 -13.07 -33.58 -24.00
N ILE D 121 -12.24 -34.13 -23.12
CA ILE D 121 -11.72 -33.41 -21.95
C ILE D 121 -12.87 -32.91 -21.10
N ASN D 122 -14.04 -33.56 -21.21
CA ASN D 122 -15.22 -33.11 -20.49
C ASN D 122 -16.18 -34.27 -20.29
N PRO D 123 -16.50 -34.63 -19.05
CA PRO D 123 -17.47 -35.72 -18.85
C PRO D 123 -18.84 -35.42 -19.42
N ALA D 124 -19.21 -34.14 -19.54
CA ALA D 124 -20.49 -33.79 -20.14
C ALA D 124 -20.47 -33.99 -21.65
N VAL D 125 -19.36 -33.66 -22.30
CA VAL D 125 -19.24 -33.84 -23.74
C VAL D 125 -19.20 -35.33 -24.08
N THR D 126 -18.56 -36.14 -23.24
CA THR D 126 -18.50 -37.57 -23.50
C THR D 126 -19.88 -38.20 -23.45
N VAL D 127 -20.72 -37.76 -22.51
CA VAL D 127 -22.07 -38.31 -22.41
C VAL D 127 -22.91 -37.90 -23.62
N ALA D 128 -22.72 -36.67 -24.11
CA ALA D 128 -23.46 -36.23 -25.28
C ALA D 128 -23.12 -37.07 -26.51
N MET D 129 -21.84 -37.42 -26.67
CA MET D 129 -21.44 -38.25 -27.80
C MET D 129 -22.04 -39.65 -27.69
N VAL D 130 -22.15 -40.18 -26.47
CA VAL D 130 -22.72 -41.52 -26.29
C VAL D 130 -24.19 -41.52 -26.69
N CYS D 131 -24.95 -40.52 -26.25
CA CYS D 131 -26.39 -40.49 -26.53
C CYS D 131 -26.65 -40.41 -28.02
N THR D 132 -25.84 -39.65 -28.75
CA THR D 132 -25.97 -39.51 -30.20
C THR D 132 -25.27 -40.64 -30.95
N ARG D 133 -24.79 -41.66 -30.24
CA ARG D 133 -24.20 -42.84 -30.87
C ARG D 133 -22.93 -42.50 -31.65
N LYS D 134 -22.02 -41.78 -30.99
CA LYS D 134 -20.72 -41.47 -31.58
C LYS D 134 -19.56 -42.22 -30.91
N ILE D 135 -19.75 -42.71 -29.69
CA ILE D 135 -18.80 -43.62 -29.06
C ILE D 135 -19.58 -44.72 -28.35
N SER D 136 -18.90 -45.84 -28.11
CA SER D 136 -19.53 -46.97 -27.48
C SER D 136 -19.71 -46.72 -25.99
N ILE D 137 -20.59 -47.53 -25.37
CA ILE D 137 -20.80 -47.41 -23.94
C ILE D 137 -19.54 -47.79 -23.18
N ALA D 138 -18.86 -48.86 -23.62
CA ALA D 138 -17.62 -49.26 -22.97
C ALA D 138 -16.54 -48.19 -23.12
N LYS D 139 -16.40 -47.64 -24.32
CA LYS D 139 -15.36 -46.64 -24.55
C LYS D 139 -15.57 -45.39 -23.71
N SER D 140 -16.83 -45.07 -23.40
CA SER D 140 -17.15 -43.86 -22.65
C SER D 140 -16.97 -44.01 -21.15
N VAL D 141 -17.03 -45.23 -20.63
CA VAL D 141 -16.77 -45.44 -19.20
C VAL D 141 -15.31 -45.15 -18.88
N PHE D 142 -14.41 -45.49 -19.80
CA PHE D 142 -12.99 -45.28 -19.55
C PHE D 142 -12.57 -43.82 -19.73
N TYR D 143 -13.20 -43.10 -20.66
CA TYR D 143 -12.92 -41.66 -20.76
C TYR D 143 -13.36 -40.93 -19.50
N ILE D 144 -14.56 -41.24 -18.99
CA ILE D 144 -15.05 -40.55 -17.81
C ILE D 144 -14.17 -40.86 -16.60
N ALA D 145 -13.77 -42.12 -16.44
CA ALA D 145 -12.86 -42.47 -15.36
C ALA D 145 -11.50 -41.81 -15.54
N ALA D 146 -10.99 -41.80 -16.78
CA ALA D 146 -9.69 -41.20 -17.03
C ALA D 146 -9.71 -39.69 -16.79
N GLN D 147 -10.80 -39.03 -17.18
CA GLN D 147 -10.91 -37.60 -16.93
C GLN D 147 -10.94 -37.29 -15.43
N CYS D 148 -11.65 -38.12 -14.66
CA CYS D 148 -11.79 -37.85 -13.23
C CYS D 148 -10.46 -38.00 -12.50
N LEU D 149 -9.68 -39.04 -12.82
CA LEU D 149 -8.37 -39.19 -12.20
C LEU D 149 -7.43 -38.06 -12.60
N GLY D 150 -7.46 -37.68 -13.88
CA GLY D 150 -6.57 -36.62 -14.34
C GLY D 150 -6.82 -35.31 -13.61
N ALA D 151 -8.08 -34.98 -13.35
CA ALA D 151 -8.39 -33.76 -12.62
C ALA D 151 -7.86 -33.80 -11.19
N ILE D 152 -7.95 -34.96 -10.54
CA ILE D 152 -7.45 -35.08 -9.17
C ILE D 152 -5.94 -34.88 -9.13
N ILE D 153 -5.22 -35.51 -10.07
CA ILE D 153 -3.77 -35.41 -10.07
C ILE D 153 -3.32 -33.99 -10.39
N GLY D 154 -3.98 -33.36 -11.35
CA GLY D 154 -3.63 -31.99 -11.69
C GLY D 154 -3.82 -31.03 -10.53
N ALA D 155 -4.91 -31.21 -9.78
CA ALA D 155 -5.14 -30.37 -8.60
C ALA D 155 -4.20 -30.74 -7.46
N GLY D 156 -3.82 -32.01 -7.35
CA GLY D 156 -2.86 -32.40 -6.33
C GLY D 156 -1.48 -31.82 -6.55
N ILE D 157 -1.05 -31.77 -7.82
CA ILE D 157 0.25 -31.17 -8.13
C ILE D 157 0.23 -29.68 -7.85
N LEU D 158 -0.87 -29.01 -8.19
CA LEU D 158 -0.98 -27.58 -7.90
C LEU D 158 -0.89 -27.32 -6.40
N TYR D 159 -1.46 -28.21 -5.59
CA TYR D 159 -1.40 -28.05 -4.15
C TYR D 159 0.02 -28.21 -3.61
N LEU D 160 0.81 -29.10 -4.21
CA LEU D 160 2.15 -29.37 -3.69
C LEU D 160 3.10 -28.19 -3.95
N VAL D 161 3.01 -27.58 -5.14
CA VAL D 161 3.93 -26.52 -5.50
C VAL D 161 3.49 -25.14 -5.02
N THR D 162 2.25 -25.00 -4.56
CA THR D 162 1.74 -23.70 -4.13
C THR D 162 2.05 -23.47 -2.65
N PRO D 163 2.59 -22.31 -2.29
CA PRO D 163 2.82 -22.01 -0.87
C PRO D 163 1.53 -22.05 -0.08
N PRO D 164 1.57 -22.51 1.17
CA PRO D 164 0.32 -22.62 1.94
C PRO D 164 -0.38 -21.29 2.16
N SER D 165 0.32 -20.16 2.03
CA SER D 165 -0.28 -18.87 2.33
C SER D 165 -1.27 -18.41 1.25
N VAL D 166 -1.14 -18.92 0.02
CA VAL D 166 -1.94 -18.45 -1.10
C VAL D 166 -2.82 -19.54 -1.70
N VAL D 167 -2.84 -20.73 -1.10
CA VAL D 167 -3.65 -21.82 -1.66
C VAL D 167 -5.11 -21.43 -1.71
N GLY D 168 -5.62 -20.85 -0.62
CA GLY D 168 -7.01 -20.45 -0.60
C GLY D 168 -7.93 -21.64 -0.80
N GLY D 169 -8.91 -21.47 -1.70
CA GLY D 169 -9.85 -22.54 -1.99
C GLY D 169 -9.39 -23.54 -3.03
N LEU D 170 -8.24 -23.31 -3.66
CA LEU D 170 -7.72 -24.19 -4.71
C LEU D 170 -8.68 -24.28 -5.90
N GLY D 171 -9.39 -23.21 -6.18
CA GLY D 171 -10.19 -23.15 -7.39
C GLY D 171 -11.45 -23.99 -7.38
N VAL D 172 -12.00 -24.30 -6.22
CA VAL D 172 -13.25 -25.05 -6.14
C VAL D 172 -14.41 -24.13 -6.51
N THR D 173 -15.31 -24.62 -7.36
CA THR D 173 -16.45 -23.85 -7.79
C THR D 173 -17.52 -23.80 -6.71
N MET D 174 -18.06 -22.61 -6.47
CA MET D 174 -19.09 -22.42 -5.46
C MET D 174 -20.18 -21.50 -6.00
N VAL D 175 -21.41 -21.75 -5.56
CA VAL D 175 -22.55 -20.95 -5.99
C VAL D 175 -22.64 -19.68 -5.14
N HIS D 176 -23.09 -18.60 -5.75
CA HIS D 176 -23.17 -17.32 -5.05
C HIS D 176 -24.12 -17.46 -3.86
N GLY D 177 -23.78 -16.74 -2.78
CA GLY D 177 -24.54 -16.90 -1.54
C GLY D 177 -25.99 -16.49 -1.68
N ASN D 178 -26.25 -15.43 -2.43
CA ASN D 178 -27.61 -14.92 -2.60
C ASN D 178 -28.37 -15.63 -3.71
N LEU D 179 -27.74 -16.59 -4.38
CA LEU D 179 -28.33 -17.26 -5.54
C LEU D 179 -28.75 -18.67 -5.13
N THR D 180 -30.01 -19.01 -5.42
CA THR D 180 -30.55 -20.30 -5.04
C THR D 180 -29.90 -21.41 -5.86
N ALA D 181 -29.89 -22.63 -5.29
CA ALA D 181 -29.39 -23.78 -6.03
C ALA D 181 -30.22 -24.03 -7.28
N GLY D 182 -31.48 -23.61 -7.29
CA GLY D 182 -32.28 -23.70 -8.50
C GLY D 182 -31.78 -22.77 -9.58
N HIS D 183 -31.41 -21.55 -9.22
CA HIS D 183 -30.84 -20.62 -10.19
C HIS D 183 -29.45 -21.07 -10.64
N GLY D 184 -28.65 -21.59 -9.70
CA GLY D 184 -27.33 -22.05 -10.07
C GLY D 184 -27.35 -23.20 -11.06
N LEU D 185 -28.32 -24.10 -10.91
CA LEU D 185 -28.45 -25.21 -11.85
C LEU D 185 -28.82 -24.70 -13.24
N LEU D 186 -29.66 -23.68 -13.30
CA LEU D 186 -30.06 -23.13 -14.61
C LEU D 186 -28.89 -22.45 -15.31
N VAL D 187 -28.05 -21.73 -14.57
CA VAL D 187 -26.92 -21.04 -15.17
C VAL D 187 -25.94 -22.05 -15.77
N GLU D 188 -25.64 -23.12 -15.03
CA GLU D 188 -24.73 -24.14 -15.54
C GLU D 188 -25.31 -24.84 -16.76
N LEU D 189 -26.63 -24.91 -16.87
CA LEU D 189 -27.28 -25.61 -17.97
C LEU D 189 -27.16 -24.84 -19.28
N ILE D 190 -27.08 -23.52 -19.23
CA ILE D 190 -27.10 -22.69 -20.43
C ILE D 190 -25.70 -22.50 -21.00
N ILE D 191 -24.72 -22.22 -20.13
CA ILE D 191 -23.34 -22.06 -20.62
C ILE D 191 -22.80 -23.36 -21.17
N THR D 192 -23.34 -24.50 -20.73
CA THR D 192 -22.91 -25.79 -21.27
C THR D 192 -23.68 -26.17 -22.53
N PHE D 193 -24.90 -25.66 -22.70
CA PHE D 193 -25.65 -25.91 -23.92
C PHE D 193 -24.93 -25.31 -25.13
N GLN D 194 -24.45 -24.06 -24.99
CA GLN D 194 -23.75 -23.41 -26.08
C GLN D 194 -22.34 -23.93 -26.29
N LEU D 195 -21.74 -24.55 -25.27
CA LEU D 195 -20.42 -25.16 -25.45
C LEU D 195 -20.51 -26.42 -26.30
N VAL D 196 -21.48 -27.29 -26.01
CA VAL D 196 -21.59 -28.54 -26.74
C VAL D 196 -22.18 -28.30 -28.13
N PHE D 197 -22.99 -27.26 -28.30
CA PHE D 197 -23.52 -26.95 -29.62
C PHE D 197 -22.40 -26.51 -30.57
N THR D 198 -21.43 -25.76 -30.06
CA THR D 198 -20.27 -25.38 -30.87
C THR D 198 -19.43 -26.59 -31.25
N ILE D 199 -19.26 -27.54 -30.33
CA ILE D 199 -18.48 -28.73 -30.63
C ILE D 199 -19.15 -29.54 -31.74
N PHE D 200 -20.46 -29.73 -31.64
CA PHE D 200 -21.18 -30.48 -32.67
C PHE D 200 -21.21 -29.74 -34.00
N ALA D 201 -21.41 -28.42 -33.96
CA ALA D 201 -21.48 -27.65 -35.20
C ALA D 201 -20.13 -27.58 -35.90
N SER D 202 -19.06 -27.31 -35.15
CA SER D 202 -17.74 -27.17 -35.75
C SER D 202 -17.25 -28.49 -36.35
N CYS D 203 -17.51 -29.59 -35.67
CA CYS D 203 -17.00 -30.89 -36.07
C CYS D 203 -17.95 -31.66 -36.97
N ASP D 204 -19.00 -31.00 -37.48
CA ASP D 204 -19.98 -31.66 -38.34
C ASP D 204 -19.36 -31.87 -39.71
N SER D 205 -19.26 -33.13 -40.14
CA SER D 205 -18.57 -33.46 -41.38
C SER D 205 -19.40 -33.17 -42.62
N LYS D 206 -20.72 -32.99 -42.47
CA LYS D 206 -21.55 -32.65 -43.62
C LYS D 206 -21.40 -31.20 -44.03
N ARG D 207 -20.86 -30.36 -43.16
CA ARG D 207 -20.68 -28.95 -43.48
C ARG D 207 -19.57 -28.75 -44.50
N THR D 208 -19.73 -27.72 -45.32
CA THR D 208 -18.68 -27.28 -46.23
C THR D 208 -18.28 -25.82 -46.02
N ASP D 209 -18.83 -25.16 -45.00
CA ASP D 209 -18.61 -23.74 -44.78
C ASP D 209 -17.80 -23.46 -43.52
N VAL D 210 -17.22 -24.48 -42.90
CA VAL D 210 -16.43 -24.27 -41.68
C VAL D 210 -15.04 -23.78 -42.07
N THR D 211 -14.63 -22.65 -41.50
CA THR D 211 -13.35 -22.04 -41.78
C THR D 211 -12.61 -21.78 -40.49
N GLY D 212 -11.29 -21.68 -40.60
CA GLY D 212 -10.45 -21.39 -39.46
C GLY D 212 -10.18 -22.60 -38.59
N SER D 213 -9.71 -22.33 -37.37
CA SER D 213 -9.33 -23.37 -36.43
C SER D 213 -10.53 -23.82 -35.63
N ILE D 214 -10.83 -25.12 -35.68
CA ILE D 214 -11.91 -25.67 -34.86
C ILE D 214 -11.54 -25.64 -33.39
N ALA D 215 -10.27 -25.91 -33.07
CA ALA D 215 -9.84 -25.90 -31.68
C ALA D 215 -10.01 -24.52 -31.06
N LEU D 216 -9.68 -23.47 -31.80
CA LEU D 216 -9.80 -22.11 -31.27
C LEU D 216 -11.26 -21.69 -31.17
N ALA D 217 -12.12 -22.21 -32.04
CA ALA D 217 -13.55 -21.92 -31.93
C ALA D 217 -14.13 -22.48 -30.63
N ILE D 218 -13.73 -23.68 -30.25
CA ILE D 218 -14.19 -24.28 -29.00
C ILE D 218 -13.61 -23.53 -27.80
N GLY D 219 -12.37 -23.06 -27.89
CA GLY D 219 -11.79 -22.32 -26.78
C GLY D 219 -12.50 -21.03 -26.49
N PHE D 220 -12.85 -20.27 -27.54
CA PHE D 220 -13.62 -19.04 -27.36
C PHE D 220 -15.04 -19.32 -26.86
N SER D 221 -15.54 -20.54 -27.02
CA SER D 221 -16.82 -20.90 -26.43
C SER D 221 -16.68 -21.10 -24.93
N VAL D 222 -15.56 -21.66 -24.49
CA VAL D 222 -15.31 -21.82 -23.06
C VAL D 222 -15.07 -20.47 -22.40
N ALA D 223 -14.41 -19.55 -23.11
CA ALA D 223 -14.08 -18.26 -22.51
C ALA D 223 -15.32 -17.43 -22.22
N ILE D 224 -16.27 -17.39 -23.16
CA ILE D 224 -17.45 -16.55 -22.96
C ILE D 224 -18.32 -17.09 -21.84
N GLY D 225 -18.35 -18.41 -21.64
CA GLY D 225 -19.04 -18.95 -20.50
C GLY D 225 -18.43 -18.52 -19.18
N HIS D 226 -17.11 -18.32 -19.15
CA HIS D 226 -16.44 -17.86 -17.94
C HIS D 226 -16.62 -16.36 -17.74
N LEU D 227 -16.61 -15.58 -18.82
CA LEU D 227 -16.76 -14.14 -18.69
C LEU D 227 -18.12 -13.76 -18.13
N PHE D 228 -19.08 -14.69 -18.12
CA PHE D 228 -20.43 -14.46 -17.63
C PHE D 228 -20.64 -14.97 -16.21
N ALA D 229 -20.31 -16.23 -15.93
CA ALA D 229 -20.81 -16.91 -14.74
C ALA D 229 -19.74 -17.24 -13.71
N ILE D 230 -18.62 -16.53 -13.71
CA ILE D 230 -17.63 -16.75 -12.64
C ILE D 230 -18.20 -16.35 -11.29
N ASN D 231 -18.92 -15.23 -11.25
CA ASN D 231 -19.49 -14.72 -10.01
C ASN D 231 -20.86 -15.29 -9.70
N TYR D 232 -21.44 -16.09 -10.60
CA TYR D 232 -22.73 -16.73 -10.33
C TYR D 232 -22.54 -18.11 -9.70
N THR D 233 -21.84 -19.01 -10.41
CA THR D 233 -21.68 -20.38 -9.95
C THR D 233 -20.24 -20.89 -10.10
N GLY D 234 -19.29 -20.03 -10.47
CA GLY D 234 -17.93 -20.45 -10.72
C GLY D 234 -17.64 -20.85 -12.14
N ALA D 235 -18.67 -20.97 -12.99
CA ALA D 235 -18.49 -21.28 -14.40
C ALA D 235 -17.74 -22.60 -14.59
N SER D 236 -18.35 -23.68 -14.10
CA SER D 236 -17.73 -24.99 -14.22
C SER D 236 -17.79 -25.49 -15.67
N MET D 237 -19.00 -25.72 -16.18
CA MET D 237 -19.19 -26.23 -17.53
C MET D 237 -18.60 -27.63 -17.68
N ASN D 238 -18.04 -28.18 -16.61
CA ASN D 238 -17.27 -29.40 -16.69
C ASN D 238 -17.35 -30.17 -15.38
N PRO D 239 -18.04 -31.31 -15.34
CA PRO D 239 -18.17 -32.04 -14.07
C PRO D 239 -16.84 -32.48 -13.48
N ALA D 240 -15.88 -32.87 -14.31
CA ALA D 240 -14.59 -33.35 -13.80
C ALA D 240 -13.69 -32.20 -13.34
N ARG D 241 -13.86 -31.02 -13.92
CA ARG D 241 -13.09 -29.86 -13.48
C ARG D 241 -13.44 -29.44 -12.07
N SER D 242 -14.70 -29.64 -11.66
CA SER D 242 -15.12 -29.33 -10.30
C SER D 242 -14.88 -30.48 -9.34
N PHE D 243 -14.88 -31.72 -9.85
CA PHE D 243 -14.63 -32.90 -9.01
C PHE D 243 -13.20 -32.92 -8.48
N GLY D 244 -12.23 -32.45 -9.27
CA GLY D 244 -10.84 -32.52 -8.90
C GLY D 244 -10.51 -31.80 -7.61
N PRO D 245 -10.64 -30.47 -7.62
CA PRO D 245 -10.33 -29.71 -6.39
C PRO D 245 -11.20 -30.08 -5.21
N ALA D 246 -12.43 -30.53 -5.43
CA ALA D 246 -13.30 -30.88 -4.31
C ALA D 246 -12.72 -32.05 -3.52
N VAL D 247 -12.17 -33.06 -4.22
CA VAL D 247 -11.59 -34.22 -3.53
C VAL D 247 -10.40 -33.80 -2.69
N ILE D 248 -9.52 -32.97 -3.27
CA ILE D 248 -8.30 -32.59 -2.57
C ILE D 248 -8.63 -31.76 -1.33
N MET D 249 -9.45 -30.73 -1.49
CA MET D 249 -9.77 -29.82 -0.39
C MET D 249 -10.94 -30.32 0.46
N GLY D 250 -11.69 -31.30 -0.01
CA GLY D 250 -12.84 -31.80 0.74
C GLY D 250 -13.98 -30.82 0.88
N ASN D 251 -14.26 -30.03 -0.15
CA ASN D 251 -15.36 -29.07 -0.15
C ASN D 251 -16.43 -29.59 -1.10
N TRP D 252 -17.55 -30.02 -0.54
CA TRP D 252 -18.56 -30.80 -1.27
C TRP D 252 -19.93 -30.12 -1.26
N GLU D 253 -19.97 -28.80 -1.12
CA GLU D 253 -21.23 -28.09 -0.96
C GLU D 253 -21.85 -27.76 -2.31
N ASN D 254 -23.11 -28.13 -2.48
CA ASN D 254 -23.84 -27.92 -3.74
C ASN D 254 -23.10 -28.55 -4.91
N HIS D 255 -22.45 -29.68 -4.67
CA HIS D 255 -21.65 -30.30 -5.72
C HIS D 255 -22.49 -31.08 -6.73
N TRP D 256 -23.76 -31.35 -6.43
CA TRP D 256 -24.60 -32.12 -7.34
C TRP D 256 -25.06 -31.31 -8.55
N ILE D 257 -25.03 -29.98 -8.47
CA ILE D 257 -25.48 -29.17 -9.59
C ILE D 257 -24.42 -29.10 -10.69
N TYR D 258 -23.18 -29.44 -10.38
CA TYR D 258 -22.10 -29.44 -11.35
C TYR D 258 -22.02 -30.74 -12.14
N TRP D 259 -22.87 -31.71 -11.82
CA TRP D 259 -23.03 -32.92 -12.61
C TRP D 259 -24.36 -32.95 -13.33
N VAL D 260 -25.44 -32.62 -12.64
CA VAL D 260 -26.76 -32.61 -13.26
C VAL D 260 -26.88 -31.45 -14.25
N GLY D 261 -26.39 -30.27 -13.87
CA GLY D 261 -26.48 -29.10 -14.71
C GLY D 261 -25.79 -29.28 -16.05
N PRO D 262 -24.47 -29.43 -16.02
CA PRO D 262 -23.73 -29.61 -17.29
C PRO D 262 -24.19 -30.80 -18.10
N ILE D 263 -24.54 -31.92 -17.46
CA ILE D 263 -24.93 -33.11 -18.20
C ILE D 263 -26.29 -32.91 -18.87
N ILE D 264 -27.22 -32.24 -18.19
CA ILE D 264 -28.53 -32.00 -18.79
C ILE D 264 -28.39 -31.08 -20.01
N GLY D 265 -27.58 -30.03 -19.89
CA GLY D 265 -27.39 -29.12 -21.01
C GLY D 265 -26.67 -29.75 -22.18
N ALA D 266 -25.73 -30.66 -21.92
CA ALA D 266 -25.00 -31.31 -22.99
C ALA D 266 -25.92 -32.20 -23.82
N VAL D 267 -26.85 -32.92 -23.17
CA VAL D 267 -27.72 -33.83 -23.90
C VAL D 267 -28.68 -33.06 -24.80
N LEU D 268 -29.18 -31.91 -24.34
CA LEU D 268 -30.06 -31.11 -25.17
C LEU D 268 -29.33 -30.60 -26.41
N ALA D 269 -28.11 -30.10 -26.24
CA ALA D 269 -27.37 -29.55 -27.37
C ALA D 269 -27.02 -30.64 -28.39
N GLY D 270 -26.55 -31.80 -27.92
CA GLY D 270 -26.24 -32.87 -28.84
C GLY D 270 -27.46 -33.44 -29.53
N GLY D 271 -28.52 -33.68 -28.75
CA GLY D 271 -29.74 -34.24 -29.32
C GLY D 271 -30.46 -33.27 -30.24
N LEU D 272 -30.49 -31.99 -29.87
CA LEU D 272 -31.22 -31.01 -30.65
C LEU D 272 -30.51 -30.75 -31.99
N TYR D 273 -29.18 -30.66 -31.97
CA TYR D 273 -28.43 -30.52 -33.22
C TYR D 273 -28.49 -31.79 -34.06
N GLU D 274 -28.29 -32.94 -33.43
CA GLU D 274 -28.12 -34.19 -34.16
C GLU D 274 -29.45 -34.67 -34.76
N TYR D 275 -30.57 -34.29 -34.16
CA TYR D 275 -31.86 -34.88 -34.50
C TYR D 275 -32.91 -33.88 -34.96
N VAL D 276 -32.67 -32.57 -34.80
CA VAL D 276 -33.65 -31.54 -35.12
C VAL D 276 -33.14 -30.58 -36.20
N PHE D 277 -31.95 -30.02 -35.99
CA PHE D 277 -31.47 -28.98 -36.89
C PHE D 277 -30.80 -29.58 -38.13
N CYS D 278 -29.79 -30.42 -37.92
CA CYS D 278 -29.01 -31.01 -39.02
C CYS D 278 -28.97 -32.53 -38.86
N PRO D 279 -30.08 -33.21 -39.12
CA PRO D 279 -30.19 -34.66 -39.00
C PRO D 279 -29.52 -35.40 -40.15
N GLN E 2 -0.34 -16.36 22.80
CA GLN E 2 0.53 -15.69 21.83
C GLN E 2 1.71 -16.59 21.46
N VAL E 3 2.40 -16.23 20.39
CA VAL E 3 3.55 -17.01 19.92
C VAL E 3 4.75 -16.71 20.80
N GLN E 4 5.51 -17.74 21.13
CA GLN E 4 6.71 -17.60 21.94
C GLN E 4 7.81 -18.47 21.35
N LEU E 5 9.05 -18.03 21.55
CA LEU E 5 10.23 -18.70 21.02
C LEU E 5 11.25 -18.87 22.13
N GLN E 6 11.98 -19.98 22.09
CA GLN E 6 12.99 -20.26 23.11
C GLN E 6 14.19 -20.95 22.44
N GLU E 7 15.38 -20.39 22.64
CA GLU E 7 16.59 -20.93 22.06
C GLU E 7 17.13 -22.09 22.90
N SER E 8 18.15 -22.74 22.38
CA SER E 8 18.81 -23.83 23.09
C SER E 8 20.14 -24.17 22.42
N GLY E 9 21.22 -24.24 23.20
CA GLY E 9 22.52 -24.51 22.65
C GLY E 9 23.58 -24.75 23.71
N PRO E 10 24.81 -25.05 23.26
CA PRO E 10 25.90 -25.35 24.20
C PRO E 10 26.31 -24.15 25.04
N GLY E 11 26.62 -23.03 24.39
CA GLY E 11 27.05 -21.83 25.06
C GLY E 11 28.56 -21.66 25.18
N LEU E 12 29.35 -22.67 24.80
CA LEU E 12 30.80 -22.55 24.85
C LEU E 12 31.38 -23.54 23.86
N VAL E 13 31.95 -23.03 22.77
CA VAL E 13 32.49 -23.83 21.69
C VAL E 13 33.93 -23.43 21.45
N LYS E 14 34.83 -24.42 21.38
CA LYS E 14 36.21 -24.13 21.05
C LYS E 14 36.32 -23.80 19.56
N PRO E 15 37.38 -23.09 19.16
CA PRO E 15 37.48 -22.67 17.76
C PRO E 15 37.51 -23.85 16.80
N SER E 16 36.96 -23.64 15.61
CA SER E 16 36.96 -24.56 14.47
C SER E 16 35.88 -25.64 14.55
N GLN E 17 35.00 -25.64 15.54
CA GLN E 17 33.91 -26.60 15.57
C GLN E 17 32.67 -25.98 14.90
N THR E 18 31.53 -26.62 15.07
CA THR E 18 30.25 -26.10 14.60
C THR E 18 29.42 -25.62 15.79
N LEU E 19 28.50 -24.71 15.50
CA LEU E 19 27.63 -24.12 16.53
C LEU E 19 26.20 -24.60 16.31
N PRO E 20 25.73 -25.61 17.05
CA PRO E 20 24.33 -26.01 16.92
C PRO E 20 23.42 -25.25 17.86
N LEU E 21 22.38 -24.63 17.31
CA LEU E 21 21.36 -23.94 18.10
C LEU E 21 19.99 -24.40 17.64
N THR E 22 19.06 -24.49 18.59
CA THR E 22 17.70 -24.92 18.30
C THR E 22 16.72 -23.93 18.93
N CYS E 23 15.68 -23.60 18.18
CA CYS E 23 14.63 -22.71 18.63
C CYS E 23 13.31 -23.46 18.61
N THR E 24 12.62 -23.47 19.75
CA THR E 24 11.35 -24.19 19.90
C THR E 24 10.22 -23.17 19.96
N VAL E 25 9.19 -23.40 19.15
CA VAL E 25 8.08 -22.46 19.01
C VAL E 25 6.87 -22.99 19.77
N SER E 26 6.23 -22.11 20.53
CA SER E 26 5.01 -22.44 21.26
C SER E 26 3.99 -21.35 21.02
N GLY E 27 2.71 -21.72 21.10
CA GLY E 27 1.64 -20.79 20.83
C GLY E 27 1.33 -20.59 19.36
N GLY E 28 2.06 -21.25 18.47
CA GLY E 28 1.83 -21.15 17.05
C GLY E 28 2.47 -22.31 16.34
N TYR E 29 1.99 -22.56 15.13
CA TYR E 29 2.42 -23.71 14.33
C TYR E 29 3.24 -23.22 13.14
N ILE E 30 4.41 -23.81 12.95
CA ILE E 30 5.29 -23.39 11.86
C ILE E 30 4.62 -23.60 10.52
N SER E 31 3.99 -24.77 10.32
CA SER E 31 3.43 -25.10 9.02
C SER E 31 2.24 -24.21 8.68
N SER E 32 1.29 -24.08 9.60
CA SER E 32 0.08 -23.29 9.33
C SER E 32 0.35 -21.86 9.75
N GLY E 33 0.78 -21.04 8.79
CA GLY E 33 1.06 -19.65 9.07
C GLY E 33 1.72 -18.98 7.89
N SER E 34 1.73 -17.66 7.94
CA SER E 34 2.29 -16.82 6.88
C SER E 34 3.57 -16.13 7.35
N HIS E 35 4.39 -16.86 8.11
CA HIS E 35 5.64 -16.33 8.63
C HIS E 35 6.77 -17.29 8.34
N GLN E 36 7.97 -16.74 8.21
CA GLN E 36 9.22 -17.50 8.15
C GLN E 36 9.92 -17.41 9.49
N TRP E 37 11.02 -18.15 9.62
CA TRP E 37 11.72 -18.23 10.89
C TRP E 37 13.21 -18.15 10.62
N GLY E 38 13.89 -17.21 11.28
CA GLY E 38 15.28 -16.93 11.00
C GLY E 38 16.06 -16.63 12.26
N TRP E 39 17.35 -16.37 12.07
CA TRP E 39 18.29 -16.16 13.17
C TRP E 39 19.00 -14.82 13.01
N ILE E 40 19.24 -14.17 14.15
CA ILE E 40 19.97 -12.92 14.23
C ILE E 40 20.96 -13.05 15.39
N ARG E 41 22.02 -12.25 15.33
CA ARG E 41 23.00 -12.23 16.41
C ARG E 41 23.40 -10.80 16.70
N GLN E 42 24.09 -10.60 17.82
CA GLN E 42 24.52 -9.27 18.24
C GLN E 42 25.81 -9.40 19.04
N PRO E 43 26.96 -9.30 18.37
CA PRO E 43 28.23 -9.38 19.08
C PRO E 43 28.35 -8.26 20.11
N ALA E 44 29.10 -8.54 21.18
CA ALA E 44 29.24 -7.61 22.27
C ALA E 44 29.65 -6.23 21.76
N GLY E 45 28.90 -5.21 22.18
CA GLY E 45 29.21 -3.84 21.80
C GLY E 45 29.13 -3.54 20.31
N LYS E 46 28.18 -4.16 19.61
CA LYS E 46 27.92 -3.81 18.22
C LYS E 46 26.44 -4.04 17.92
N GLY E 47 26.07 -3.91 16.64
CA GLY E 47 24.70 -3.94 16.23
C GLY E 47 24.25 -5.33 15.78
N LEU E 48 22.95 -5.40 15.48
CA LEU E 48 22.34 -6.65 15.07
C LEU E 48 22.81 -7.04 13.66
N GLU E 49 22.97 -8.34 13.43
CA GLU E 49 23.40 -8.84 12.13
C GLU E 49 22.56 -10.05 11.76
N TRP E 50 21.97 -10.01 10.57
CA TRP E 50 21.13 -11.10 10.09
C TRP E 50 21.98 -12.31 9.73
N ILE E 51 21.37 -13.50 9.79
CA ILE E 51 22.06 -14.75 9.46
C ILE E 51 21.33 -15.46 8.33
N GLY E 52 20.07 -15.80 8.54
CA GLY E 52 19.32 -16.50 7.51
C GLY E 52 17.90 -16.77 7.98
N ARG E 53 17.15 -17.44 7.10
CA ARG E 53 15.76 -17.76 7.36
C ARG E 53 15.47 -19.17 6.86
N ILE E 54 14.20 -19.57 7.00
CA ILE E 54 13.71 -20.83 6.43
C ILE E 54 12.20 -20.78 6.38
N TYR E 55 11.62 -21.52 5.45
CA TYR E 55 10.17 -21.67 5.32
C TYR E 55 9.78 -23.11 5.62
N THR E 56 8.47 -23.31 5.84
CA THR E 56 7.98 -24.66 6.10
C THR E 56 8.27 -25.59 4.94
N SER E 57 8.30 -25.07 3.70
CA SER E 57 8.59 -25.89 2.55
C SER E 57 10.03 -26.37 2.51
N GLY E 58 10.92 -25.78 3.30
CA GLY E 58 12.32 -26.13 3.30
C GLY E 58 13.22 -25.19 2.54
N SER E 59 12.69 -24.10 1.99
CA SER E 59 13.49 -23.13 1.27
C SER E 59 14.15 -22.16 2.24
N THR E 60 15.40 -21.80 1.96
CA THR E 60 16.20 -21.00 2.88
C THR E 60 16.84 -19.83 2.13
N ASN E 61 17.17 -18.79 2.90
CA ASN E 61 17.93 -17.65 2.42
C ASN E 61 18.94 -17.28 3.48
N TYR E 62 20.16 -16.94 3.06
CA TYR E 62 21.26 -16.68 3.97
C TYR E 62 21.89 -15.33 3.67
N ASN E 63 22.58 -14.79 4.67
CA ASN E 63 23.36 -13.59 4.48
C ASN E 63 24.47 -13.86 3.47
N PRO E 64 24.68 -13.00 2.47
CA PRO E 64 25.75 -13.28 1.50
C PRO E 64 27.11 -13.43 2.16
N SER E 65 27.40 -12.65 3.20
CA SER E 65 28.67 -12.73 3.89
C SER E 65 28.81 -13.96 4.78
N LEU E 66 27.73 -14.72 4.97
CA LEU E 66 27.76 -15.93 5.79
C LEU E 66 27.20 -17.13 5.03
N LYS E 67 26.91 -17.00 3.73
CA LYS E 67 26.20 -18.06 3.02
C LYS E 67 27.01 -19.35 2.99
N SER E 68 28.34 -19.26 3.07
CA SER E 68 29.18 -20.45 2.97
C SER E 68 29.13 -21.30 4.23
N ARG E 69 28.92 -20.70 5.40
CA ARG E 69 29.05 -21.40 6.67
C ARG E 69 27.73 -21.74 7.34
N VAL E 70 26.69 -20.94 7.12
CA VAL E 70 25.42 -21.13 7.82
C VAL E 70 24.64 -22.27 7.20
N THR E 71 23.85 -22.95 8.01
CA THR E 71 22.95 -24.01 7.54
C THR E 71 21.75 -24.06 8.48
N ILE E 72 20.56 -23.91 7.92
CA ILE E 72 19.32 -23.81 8.70
C ILE E 72 18.38 -24.91 8.25
N SER E 73 17.76 -25.59 9.22
CA SER E 73 16.86 -26.69 8.93
C SER E 73 15.61 -26.54 9.78
N VAL E 74 14.53 -27.15 9.32
CA VAL E 74 13.21 -27.03 9.94
C VAL E 74 12.69 -28.43 10.24
N ASP E 75 12.11 -28.59 11.43
CA ASP E 75 11.54 -29.86 11.88
C ASP E 75 10.10 -29.58 12.30
N THR E 76 9.18 -29.62 11.34
CA THR E 76 7.79 -29.26 11.61
C THR E 76 7.12 -30.24 12.57
N SER E 77 7.59 -31.49 12.61
CA SER E 77 6.96 -32.48 13.49
C SER E 77 7.06 -32.05 14.94
N LYS E 78 8.24 -31.59 15.36
CA LYS E 78 8.45 -31.13 16.73
C LYS E 78 8.27 -29.62 16.88
N ASN E 79 7.96 -28.90 15.80
CA ASN E 79 7.78 -27.46 15.84
C ASN E 79 9.08 -26.75 16.24
N GLN E 80 10.12 -27.02 15.47
CA GLN E 80 11.45 -26.52 15.76
C GLN E 80 12.19 -26.20 14.47
N PHE E 81 13.18 -25.32 14.58
CA PHE E 81 14.15 -25.08 13.53
C PHE E 81 15.51 -24.88 14.17
N SER E 82 16.56 -25.21 13.44
CA SER E 82 17.91 -25.27 13.98
C SER E 82 18.88 -24.45 13.14
N LEU E 83 20.04 -24.19 13.71
CA LEU E 83 21.12 -23.47 13.05
C LEU E 83 22.42 -24.26 13.20
N LYS E 84 23.28 -24.18 12.18
CA LYS E 84 24.57 -24.85 12.19
C LYS E 84 25.59 -23.92 11.56
N LEU E 85 26.41 -23.28 12.39
CA LEU E 85 27.49 -22.42 11.93
C LEU E 85 28.81 -23.16 12.07
N SER E 86 29.56 -23.26 10.97
CA SER E 86 30.78 -24.04 10.93
C SER E 86 32.00 -23.12 10.93
N SER E 87 33.16 -23.71 11.26
CA SER E 87 34.43 -22.98 11.29
C SER E 87 34.34 -21.76 12.20
N VAL E 88 33.81 -21.98 13.41
CA VAL E 88 33.63 -20.88 14.35
C VAL E 88 34.98 -20.30 14.72
N THR E 89 34.99 -19.00 14.99
CA THR E 89 36.20 -18.27 15.35
C THR E 89 35.85 -17.29 16.47
N ALA E 90 36.88 -16.76 17.13
CA ALA E 90 36.64 -15.83 18.22
C ALA E 90 35.79 -14.63 17.79
N ALA E 91 35.79 -14.30 16.50
CA ALA E 91 34.94 -13.24 16.00
C ALA E 91 33.47 -13.64 15.96
N ASP E 92 33.15 -14.91 16.19
CA ASP E 92 31.78 -15.39 16.17
C ASP E 92 31.08 -15.29 17.52
N THR E 93 31.76 -14.77 18.54
CA THR E 93 31.12 -14.57 19.84
C THR E 93 29.98 -13.57 19.72
N ALA E 94 28.81 -13.94 20.26
CA ALA E 94 27.65 -13.06 20.19
C ALA E 94 26.49 -13.65 20.98
N VAL E 95 25.37 -12.93 21.00
CA VAL E 95 24.12 -13.41 21.58
C VAL E 95 23.19 -13.73 20.41
N TYR E 96 22.74 -14.98 20.32
CA TYR E 96 21.97 -15.46 19.18
C TYR E 96 20.49 -15.43 19.49
N TYR E 97 19.71 -14.85 18.59
CA TYR E 97 18.27 -14.73 18.73
C TYR E 97 17.58 -15.48 17.60
N CYS E 98 16.43 -16.06 17.91
CA CYS E 98 15.53 -16.63 16.90
C CYS E 98 14.23 -15.84 16.93
N ALA E 99 13.81 -15.37 15.76
CA ALA E 99 12.64 -14.51 15.63
C ALA E 99 11.65 -15.12 14.66
N ARG E 100 10.56 -14.40 14.42
CA ARG E 100 9.53 -14.78 13.47
C ARG E 100 9.54 -13.76 12.34
N VAL E 101 10.00 -14.18 11.16
CA VAL E 101 10.20 -13.25 10.05
C VAL E 101 8.90 -13.07 9.30
N ASN E 102 8.51 -11.82 9.08
CA ASN E 102 7.44 -11.51 8.14
C ASN E 102 7.96 -11.57 6.71
N TYR E 103 7.05 -11.71 5.77
CA TYR E 103 7.42 -11.72 4.36
C TYR E 103 6.23 -11.25 3.54
N ASP E 104 6.50 -10.92 2.28
CA ASP E 104 5.47 -10.50 1.35
C ASP E 104 5.06 -11.67 0.47
N LEU E 105 3.74 -11.81 0.30
CA LEU E 105 3.21 -13.00 -0.37
C LEU E 105 3.69 -13.09 -1.81
N LEU E 106 3.76 -11.96 -2.51
CA LEU E 106 4.03 -11.96 -3.94
C LEU E 106 5.42 -12.53 -4.25
N THR E 107 6.43 -12.08 -3.51
CA THR E 107 7.81 -12.45 -3.80
C THR E 107 8.44 -13.39 -2.79
N GLY E 108 7.92 -13.46 -1.57
CA GLY E 108 8.46 -14.37 -0.58
C GLY E 108 9.74 -13.91 0.08
N ARG E 109 10.01 -12.61 0.09
CA ARG E 109 11.21 -12.06 0.71
C ARG E 109 10.95 -11.68 2.16
N ALA E 110 12.02 -11.62 2.94
CA ALA E 110 11.93 -11.47 4.38
C ALA E 110 11.73 -10.00 4.75
N ASN E 111 10.63 -9.73 5.45
CA ASN E 111 10.29 -8.44 6.03
C ASN E 111 10.76 -8.39 7.49
N PHE E 112 10.24 -7.42 8.25
CA PHE E 112 10.66 -7.17 9.62
C PHE E 112 10.51 -8.43 10.49
N PHE E 113 11.03 -8.32 11.72
CA PHE E 113 11.41 -9.47 12.54
C PHE E 113 10.65 -9.56 13.86
N ASP E 114 9.33 -9.43 13.86
CA ASP E 114 8.59 -9.50 15.11
C ASP E 114 7.78 -10.78 15.20
N PRO E 115 7.73 -11.45 16.38
CA PRO E 115 8.46 -11.22 17.63
C PRO E 115 9.83 -11.90 17.69
N TRP E 116 10.56 -11.67 18.77
CA TRP E 116 11.91 -12.21 18.96
C TRP E 116 11.92 -13.24 20.08
N GLY E 117 13.03 -13.96 20.16
CA GLY E 117 13.28 -14.88 21.24
C GLY E 117 13.94 -14.18 22.43
N GLN E 118 14.37 -14.99 23.39
CA GLN E 118 15.02 -14.45 24.58
C GLN E 118 16.51 -14.22 24.36
N GLY E 119 17.14 -15.01 23.51
CA GLY E 119 18.57 -14.89 23.26
C GLY E 119 19.37 -15.87 24.09
N THR E 120 20.56 -16.19 23.59
CA THR E 120 21.44 -17.14 24.27
C THR E 120 22.90 -16.80 23.97
N PRO E 121 23.69 -16.39 24.97
CA PRO E 121 25.08 -16.03 24.69
C PRO E 121 25.92 -17.24 24.29
N VAL E 122 26.89 -16.99 23.41
CA VAL E 122 27.81 -17.99 22.95
C VAL E 122 29.22 -17.41 22.97
N THR E 123 30.17 -18.14 23.56
CA THR E 123 31.55 -17.73 23.64
C THR E 123 32.42 -18.72 22.87
N VAL E 124 33.28 -18.20 22.00
CA VAL E 124 34.16 -19.01 21.18
C VAL E 124 35.58 -18.75 21.63
N SER E 125 36.12 -19.65 22.44
CA SER E 125 37.49 -19.53 22.92
C SER E 125 37.98 -20.89 23.36
N SER E 126 39.30 -21.07 23.33
CA SER E 126 39.93 -22.33 23.70
C SER E 126 40.38 -22.36 25.16
N ALA E 127 40.19 -21.28 25.90
CA ALA E 127 40.62 -21.24 27.29
C ALA E 127 39.83 -22.24 28.13
N SER E 128 40.49 -22.82 29.13
CA SER E 128 39.86 -23.75 30.04
C SER E 128 39.34 -23.01 31.27
N THR E 129 38.38 -23.65 31.95
CA THR E 129 37.75 -23.03 33.11
C THR E 129 38.77 -22.79 34.21
N LYS E 130 38.67 -21.64 34.86
CA LYS E 130 39.58 -21.28 35.94
C LYS E 130 38.87 -20.34 36.90
N GLY E 131 39.21 -20.46 38.18
CA GLY E 131 38.63 -19.63 39.21
C GLY E 131 39.27 -18.27 39.28
N PRO E 132 38.68 -17.38 40.06
CA PRO E 132 39.21 -16.01 40.18
C PRO E 132 40.34 -15.95 41.19
N SER E 133 41.01 -14.79 41.19
CA SER E 133 42.09 -14.48 42.14
C SER E 133 41.74 -13.13 42.76
N VAL E 134 41.00 -13.15 43.88
CA VAL E 134 40.56 -11.92 44.50
C VAL E 134 41.74 -11.22 45.14
N PHE E 135 41.85 -9.91 44.92
CA PHE E 135 42.86 -9.10 45.57
C PHE E 135 42.23 -7.84 46.15
N PRO E 136 42.69 -7.38 47.31
CA PRO E 136 42.06 -6.20 47.93
C PRO E 136 42.64 -4.88 47.46
N LEU E 137 41.76 -3.96 47.06
CA LEU E 137 42.15 -2.59 46.74
C LEU E 137 41.96 -1.75 48.01
N ALA E 138 42.91 -1.89 48.92
CA ALA E 138 42.77 -1.27 50.24
C ALA E 138 42.70 0.25 50.11
N PRO E 139 41.87 0.90 50.92
CA PRO E 139 41.83 2.37 50.89
C PRO E 139 43.12 2.99 51.42
N SER E 140 43.38 4.21 50.97
CA SER E 140 44.58 4.93 51.37
C SER E 140 44.30 6.42 51.26
N SER E 141 45.19 7.21 51.86
CA SER E 141 45.05 8.66 51.81
C SER E 141 45.03 9.16 50.35
N LYS E 142 45.67 8.41 49.45
CA LYS E 142 45.59 8.76 48.03
C LYS E 142 44.17 8.57 47.49
N SER E 143 43.41 7.63 48.06
CA SER E 143 42.05 7.35 47.63
C SER E 143 41.00 8.04 48.50
N THR E 144 41.41 8.94 49.38
CA THR E 144 40.50 9.69 50.24
C THR E 144 40.50 11.16 49.79
N SER E 145 39.32 11.70 49.52
CA SER E 145 39.17 13.09 49.09
C SER E 145 37.98 13.70 49.82
N GLY E 146 38.22 14.84 50.48
CA GLY E 146 37.15 15.56 51.14
C GLY E 146 36.43 14.74 52.20
N GLY E 147 37.16 13.93 52.95
CA GLY E 147 36.57 13.13 54.00
C GLY E 147 35.88 11.87 53.51
N THR E 148 35.92 11.59 52.22
CA THR E 148 35.29 10.41 51.64
C THR E 148 36.38 9.53 51.03
N ALA E 149 36.35 8.24 51.38
CA ALA E 149 37.34 7.28 50.91
C ALA E 149 36.69 6.25 50.00
N ALA E 150 37.52 5.66 49.14
CA ALA E 150 37.07 4.64 48.21
C ALA E 150 37.94 3.39 48.38
N LEU E 151 37.36 2.25 48.01
CA LEU E 151 38.05 0.97 48.11
C LEU E 151 37.33 -0.02 47.22
N GLY E 152 38.03 -1.11 46.89
CA GLY E 152 37.45 -2.11 46.02
C GLY E 152 38.11 -3.47 46.22
N CYS E 153 37.57 -4.45 45.52
CA CYS E 153 38.04 -5.83 45.57
C CYS E 153 38.30 -6.28 44.14
N LEU E 154 39.54 -6.68 43.85
CA LEU E 154 40.00 -6.92 42.49
C LEU E 154 39.87 -8.39 42.14
N VAL E 155 39.27 -8.68 40.99
CA VAL E 155 39.12 -10.03 40.47
C VAL E 155 39.93 -10.13 39.18
N LYS E 156 40.72 -11.19 39.05
CA LYS E 156 41.61 -11.35 37.91
C LYS E 156 41.73 -12.82 37.54
N ASP E 157 41.90 -13.08 36.24
CA ASP E 157 42.16 -14.42 35.71
C ASP E 157 41.05 -15.40 36.09
N TYR E 158 39.86 -15.11 35.55
CA TYR E 158 38.72 -16.00 35.67
C TYR E 158 38.10 -16.20 34.29
N PHE E 159 37.51 -17.39 34.10
CA PHE E 159 36.87 -17.72 32.83
C PHE E 159 35.99 -18.96 33.00
N PRO E 160 34.78 -18.98 32.43
CA PRO E 160 34.10 -17.91 31.68
C PRO E 160 33.20 -17.05 32.56
N GLU E 161 32.46 -16.14 31.93
CA GLU E 161 31.52 -15.32 32.66
C GLU E 161 30.33 -16.15 33.12
N PRO E 162 29.57 -15.69 34.12
CA PRO E 162 29.71 -14.43 34.87
C PRO E 162 30.32 -14.61 36.25
N VAL E 163 30.59 -13.49 36.92
CA VAL E 163 31.05 -13.47 38.31
C VAL E 163 30.16 -12.50 39.07
N THR E 164 29.59 -12.97 40.17
CA THR E 164 28.73 -12.15 41.02
C THR E 164 29.52 -11.65 42.20
N VAL E 165 29.55 -10.34 42.39
CA VAL E 165 30.27 -9.70 43.48
C VAL E 165 29.28 -8.93 44.32
N SER E 166 29.28 -9.18 45.63
CA SER E 166 28.39 -8.50 46.56
C SER E 166 29.18 -8.09 47.80
N TRP E 167 28.70 -7.05 48.46
CA TRP E 167 29.36 -6.48 49.63
C TRP E 167 28.50 -6.76 50.87
N ASN E 168 29.12 -7.35 51.89
CA ASN E 168 28.45 -7.62 53.16
C ASN E 168 27.17 -8.45 52.94
N SER E 169 27.25 -9.41 52.03
CA SER E 169 26.13 -10.31 51.74
C SER E 169 24.88 -9.52 51.34
N GLY E 170 25.10 -8.43 50.60
CA GLY E 170 24.01 -7.61 50.13
C GLY E 170 23.54 -6.54 51.11
N ALA E 171 24.10 -6.51 52.32
CA ALA E 171 23.71 -5.48 53.28
C ALA E 171 24.06 -4.09 52.78
N LEU E 172 25.24 -3.94 52.18
CA LEU E 172 25.69 -2.68 51.62
C LEU E 172 25.40 -2.66 50.13
N THR E 173 24.60 -1.69 49.68
CA THR E 173 24.22 -1.59 48.28
C THR E 173 24.49 -0.19 47.74
N SER E 174 24.43 0.81 48.61
CA SER E 174 24.65 2.19 48.18
C SER E 174 26.13 2.40 47.85
N GLY E 175 26.38 3.05 46.72
CA GLY E 175 27.74 3.34 46.31
C GLY E 175 28.50 2.16 45.72
N VAL E 176 27.83 1.05 45.46
CA VAL E 176 28.48 -0.13 44.92
C VAL E 176 28.55 -0.01 43.40
N HIS E 177 29.75 -0.13 42.85
CA HIS E 177 29.97 -0.08 41.41
C HIS E 177 30.63 -1.38 40.96
N THR E 178 30.05 -2.00 39.94
CA THR E 178 30.56 -3.26 39.38
C THR E 178 30.98 -2.99 37.94
N PHE E 179 32.28 -2.99 37.69
CA PHE E 179 32.79 -2.69 36.36
C PHE E 179 32.56 -3.88 35.43
N PRO E 180 32.06 -3.67 34.21
CA PRO E 180 31.94 -4.79 33.28
C PRO E 180 33.29 -5.41 32.98
N ALA E 181 33.28 -6.73 32.83
CA ALA E 181 34.51 -7.47 32.59
C ALA E 181 35.13 -7.09 31.25
N VAL E 182 36.45 -7.18 31.17
CA VAL E 182 37.22 -6.82 29.98
C VAL E 182 38.08 -8.01 29.60
N LEU E 183 38.05 -8.39 28.32
CA LEU E 183 38.87 -9.48 27.84
C LEU E 183 40.33 -9.06 27.76
N GLN E 184 41.21 -9.97 28.16
CA GLN E 184 42.65 -9.72 28.20
C GLN E 184 43.34 -10.47 27.07
N SER E 185 44.59 -10.08 26.80
CA SER E 185 45.34 -10.70 25.72
C SER E 185 45.50 -12.20 25.94
N SER E 186 45.73 -12.62 27.19
CA SER E 186 45.87 -14.03 27.50
C SER E 186 44.59 -14.83 27.29
N GLY E 187 43.45 -14.17 27.12
CA GLY E 187 42.18 -14.85 26.97
C GLY E 187 41.40 -15.03 28.24
N LEU E 188 41.77 -14.33 29.32
CA LEU E 188 41.09 -14.44 30.60
C LEU E 188 40.42 -13.11 30.92
N TYR E 189 39.25 -13.19 31.56
CA TYR E 189 38.50 -12.00 31.93
C TYR E 189 38.97 -11.47 33.30
N SER E 190 38.64 -10.21 33.57
CA SER E 190 39.00 -9.56 34.81
C SER E 190 38.12 -8.32 35.00
N LEU E 191 37.74 -8.07 36.25
CA LEU E 191 36.93 -6.89 36.56
C LEU E 191 37.23 -6.45 37.99
N SER E 192 36.94 -5.18 38.26
CA SER E 192 37.18 -4.57 39.57
C SER E 192 35.90 -3.93 40.07
N SER E 193 35.57 -4.17 41.34
CA SER E 193 34.41 -3.56 41.98
C SER E 193 34.90 -2.62 43.08
N VAL E 194 34.47 -1.37 43.03
CA VAL E 194 34.88 -0.34 43.99
C VAL E 194 33.63 0.29 44.57
N VAL E 195 33.61 0.45 45.89
CA VAL E 195 32.50 1.07 46.60
C VAL E 195 33.05 2.22 47.44
N THR E 196 32.41 3.39 47.36
CA THR E 196 32.84 4.56 48.09
C THR E 196 32.16 4.60 49.45
N VAL E 197 32.95 4.79 50.50
CA VAL E 197 32.46 4.83 51.87
C VAL E 197 33.08 6.00 52.61
N PRO E 198 32.43 6.55 53.64
CA PRO E 198 33.04 7.67 54.37
C PRO E 198 34.36 7.27 55.00
N SER E 199 35.29 8.24 55.01
CA SER E 199 36.60 7.99 55.59
C SER E 199 36.51 7.67 57.08
N SER E 200 35.67 8.40 57.80
CA SER E 200 35.56 8.20 59.24
C SER E 200 35.10 6.79 59.58
N SER E 201 34.42 6.12 58.66
CA SER E 201 33.93 4.77 58.87
C SER E 201 34.95 3.70 58.56
N LEU E 202 36.14 4.08 58.08
CA LEU E 202 37.16 3.08 57.76
C LEU E 202 37.61 2.33 59.01
N GLY E 203 37.78 3.05 60.12
CA GLY E 203 38.18 2.44 61.37
C GLY E 203 37.04 1.87 62.19
N THR E 204 35.85 1.74 61.61
CA THR E 204 34.69 1.20 62.31
C THR E 204 34.18 -0.10 61.70
N GLN E 205 34.20 -0.22 60.38
CA GLN E 205 33.69 -1.39 59.68
C GLN E 205 34.79 -1.99 58.80
N THR E 206 34.91 -3.31 58.83
CA THR E 206 35.82 -4.05 57.97
C THR E 206 34.98 -4.67 56.86
N TYR E 207 34.97 -4.01 55.69
CA TYR E 207 34.11 -4.45 54.60
C TYR E 207 34.58 -5.79 54.03
N ILE E 208 33.66 -6.46 53.36
CA ILE E 208 33.88 -7.81 52.83
C ILE E 208 33.40 -7.83 51.38
N CYS E 209 34.22 -8.40 50.49
CA CYS E 209 33.85 -8.56 49.08
C CYS E 209 33.53 -10.04 48.85
N ASN E 210 32.25 -10.34 48.60
CA ASN E 210 31.80 -11.70 48.37
C ASN E 210 31.87 -12.00 46.89
N VAL E 211 32.71 -12.96 46.51
CA VAL E 211 32.87 -13.38 45.12
C VAL E 211 32.38 -14.81 44.99
N ASN E 212 31.52 -15.05 44.00
CA ASN E 212 31.01 -16.38 43.68
C ASN E 212 31.14 -16.59 42.18
N HIS E 213 31.52 -17.80 41.78
CA HIS E 213 31.85 -18.09 40.39
C HIS E 213 31.21 -19.43 40.02
N LYS E 214 30.03 -19.37 39.40
CA LYS E 214 29.27 -20.59 39.11
C LYS E 214 30.02 -21.56 38.23
N PRO E 215 30.63 -21.14 37.11
CA PRO E 215 31.23 -22.14 36.19
C PRO E 215 32.21 -23.07 36.88
N SER E 216 33.02 -22.56 37.80
CA SER E 216 33.98 -23.38 38.53
C SER E 216 33.49 -23.78 39.91
N ASN E 217 32.27 -23.39 40.28
CA ASN E 217 31.71 -23.72 41.59
C ASN E 217 32.66 -23.28 42.71
N THR E 218 33.23 -22.08 42.55
CA THR E 218 34.20 -21.53 43.48
C THR E 218 33.60 -20.34 44.21
N LYS E 219 33.63 -20.38 45.54
CA LYS E 219 33.11 -19.31 46.38
C LYS E 219 34.21 -18.88 47.33
N VAL E 220 34.59 -17.60 47.26
CA VAL E 220 35.69 -17.06 48.06
C VAL E 220 35.25 -15.74 48.68
N ASP E 221 35.66 -15.51 49.92
CA ASP E 221 35.38 -14.27 50.63
C ASP E 221 36.69 -13.67 51.10
N LYS E 222 36.90 -12.40 50.79
CA LYS E 222 38.12 -11.69 51.15
C LYS E 222 37.77 -10.37 51.80
N LYS E 223 38.45 -10.04 52.89
CA LYS E 223 38.18 -8.84 53.68
C LYS E 223 39.11 -7.71 53.22
N VAL E 224 38.55 -6.52 53.06
CA VAL E 224 39.28 -5.34 52.60
C VAL E 224 39.44 -4.40 53.79
N GLU E 225 40.67 -4.03 54.10
CA GLU E 225 40.99 -3.12 55.17
C GLU E 225 42.12 -2.21 54.72
N PRO E 226 42.26 -1.03 55.33
CA PRO E 226 43.36 -0.13 54.94
C PRO E 226 44.71 -0.80 55.16
N LYS E 227 45.64 -0.53 54.23
CA LYS E 227 46.96 -1.12 54.31
C LYS E 227 47.70 -0.61 55.55
N SER E 228 48.42 -1.53 56.21
CA SER E 228 49.20 -1.15 57.39
C SER E 228 50.34 -0.22 57.06
N CYS E 229 50.74 -0.14 55.80
CA CYS E 229 51.83 0.74 55.38
C CYS E 229 51.31 2.17 55.18
N GLU F 1 24.01 -3.73 -1.66
CA GLU F 1 23.24 -3.63 -0.42
C GLU F 1 23.11 -2.18 0.02
N ILE F 2 21.94 -1.82 0.53
CA ILE F 2 21.71 -0.47 1.03
C ILE F 2 22.34 -0.34 2.40
N VAL F 3 23.18 0.67 2.58
CA VAL F 3 23.89 0.91 3.83
C VAL F 3 23.12 1.98 4.60
N LEU F 4 22.70 1.65 5.81
CA LEU F 4 21.90 2.55 6.64
C LEU F 4 22.80 3.23 7.65
N THR F 5 22.66 4.55 7.77
CA THR F 5 23.44 5.34 8.70
C THR F 5 22.49 6.07 9.64
N GLN F 6 22.79 6.01 10.94
CA GLN F 6 21.95 6.61 11.97
C GLN F 6 22.74 7.67 12.71
N SER F 7 22.17 8.88 12.80
CA SER F 7 22.79 9.97 13.53
C SER F 7 21.71 10.70 14.33
N PRO F 8 22.09 11.35 15.44
CA PRO F 8 23.43 11.38 16.03
C PRO F 8 23.80 10.04 16.67
N GLY F 9 25.11 9.81 16.87
CA GLY F 9 25.53 8.59 17.53
C GLY F 9 24.93 8.45 18.91
N THR F 10 24.89 9.55 19.66
CA THR F 10 24.25 9.61 20.97
C THR F 10 23.38 10.85 21.03
N LEU F 11 22.24 10.73 21.71
CA LEU F 11 21.28 11.82 21.84
C LEU F 11 20.99 12.03 23.32
N SER F 12 21.20 13.25 23.80
CA SER F 12 21.06 13.60 25.20
C SER F 12 19.92 14.58 25.37
N LEU F 13 19.03 14.30 26.30
CA LEU F 13 17.84 15.12 26.50
C LEU F 13 17.31 14.92 27.92
N SER F 14 16.54 15.89 28.37
CA SER F 14 15.82 15.77 29.64
C SER F 14 14.55 14.95 29.45
N PRO F 15 14.05 14.31 30.50
CA PRO F 15 12.76 13.62 30.40
C PRO F 15 11.65 14.59 30.03
N GLY F 16 10.72 14.13 29.20
CA GLY F 16 9.53 14.87 28.86
C GLY F 16 9.62 15.66 27.57
N GLU F 17 10.83 16.00 27.11
CA GLU F 17 11.00 16.75 25.88
C GLU F 17 10.90 15.81 24.68
N ARG F 18 11.02 16.38 23.48
CA ARG F 18 10.77 15.66 22.24
C ARG F 18 12.09 15.15 21.67
N ALA F 19 12.12 13.89 21.27
CA ALA F 19 13.29 13.27 20.68
C ALA F 19 12.97 12.84 19.25
N THR F 20 13.90 13.12 18.33
CA THR F 20 13.76 12.75 16.93
C THR F 20 15.03 12.04 16.49
N LEU F 21 14.87 10.90 15.82
CA LEU F 21 15.98 10.08 15.36
C LEU F 21 15.93 9.94 13.84
N SER F 22 17.11 9.90 13.22
CA SER F 22 17.23 9.90 11.77
C SER F 22 17.94 8.63 11.30
N CYS F 23 17.39 7.98 10.27
CA CYS F 23 18.00 6.84 9.61
C CYS F 23 18.03 7.13 8.11
N ARG F 24 19.21 7.43 7.59
CA ARG F 24 19.39 7.85 6.19
C ARG F 24 19.93 6.68 5.38
N ALA F 25 19.31 6.42 4.23
CA ALA F 25 19.64 5.28 3.38
C ALA F 25 20.53 5.72 2.24
N SER F 26 21.56 4.90 1.95
CA SER F 26 22.48 5.18 0.86
C SER F 26 21.85 5.05 -0.51
N GLN F 27 20.66 4.45 -0.61
CA GLN F 27 19.98 4.26 -1.88
C GLN F 27 18.48 4.29 -1.63
N SER F 28 17.73 4.49 -2.71
CA SER F 28 16.28 4.53 -2.61
C SER F 28 15.75 3.23 -2.01
N VAL F 29 14.84 3.36 -1.05
CA VAL F 29 14.20 2.23 -0.39
C VAL F 29 12.79 2.11 -0.94
N SER F 30 12.48 0.97 -1.55
CA SER F 30 11.22 0.82 -2.26
C SER F 30 10.05 0.71 -1.29
N SER F 31 8.95 1.36 -1.63
CA SER F 31 7.67 1.21 -0.92
C SER F 31 7.80 1.50 0.56
N ARG F 32 8.64 2.47 0.93
CA ARG F 32 8.78 2.89 2.32
C ARG F 32 9.02 1.69 3.24
N SER F 33 9.97 0.86 2.83
CA SER F 33 10.23 -0.42 3.51
C SER F 33 11.34 -0.22 4.54
N VAL F 34 10.95 0.30 5.71
CA VAL F 34 11.85 0.43 6.84
C VAL F 34 11.08 0.22 8.14
N ALA F 35 11.71 -0.48 9.08
CA ALA F 35 11.16 -0.75 10.39
C ALA F 35 12.17 -0.37 11.46
N TRP F 36 11.65 -0.06 12.65
CA TRP F 36 12.45 0.43 13.76
C TRP F 36 12.37 -0.56 14.92
N TYR F 37 13.50 -0.79 15.58
CA TYR F 37 13.55 -1.73 16.69
C TYR F 37 14.11 -1.03 17.93
N GLN F 38 13.62 -1.46 19.08
CA GLN F 38 13.96 -0.86 20.37
C GLN F 38 14.42 -1.94 21.32
N GLN F 39 15.67 -1.85 21.75
CA GLN F 39 16.29 -2.88 22.56
C GLN F 39 16.70 -2.31 23.91
N LYS F 40 16.17 -2.89 24.99
CA LYS F 40 16.68 -2.58 26.31
C LYS F 40 18.04 -3.23 26.49
N PRO F 41 19.02 -2.53 27.07
CA PRO F 41 20.33 -3.16 27.27
C PRO F 41 20.19 -4.46 28.05
N GLY F 42 20.72 -5.54 27.48
CA GLY F 42 20.61 -6.84 28.09
C GLY F 42 19.27 -7.51 27.89
N GLN F 43 18.59 -7.22 26.79
CA GLN F 43 17.28 -7.80 26.50
C GLN F 43 17.13 -7.93 25.00
N ALA F 44 16.21 -8.80 24.60
CA ALA F 44 15.94 -8.98 23.18
C ALA F 44 15.31 -7.71 22.60
N PRO F 45 15.60 -7.38 21.34
CA PRO F 45 14.99 -6.17 20.74
C PRO F 45 13.48 -6.25 20.67
N ARG F 46 12.87 -5.15 20.21
CA ARG F 46 11.42 -5.00 20.15
C ARG F 46 11.07 -4.22 18.89
N LEU F 47 9.90 -4.49 18.33
CA LEU F 47 9.47 -3.85 17.09
C LEU F 47 8.53 -2.69 17.44
N LEU F 48 8.81 -1.52 16.87
CA LEU F 48 7.99 -0.33 17.07
C LEU F 48 7.23 0.06 15.81
N ILE F 49 7.93 0.26 14.70
CA ILE F 49 7.33 0.76 13.47
C ILE F 49 7.71 -0.15 12.32
N TYR F 50 6.77 -0.40 11.42
CA TYR F 50 7.03 -1.13 10.18
C TYR F 50 6.42 -0.37 9.03
N GLY F 51 7.12 -0.33 7.90
CA GLY F 51 6.68 0.47 6.77
C GLY F 51 6.99 1.95 6.90
N ALA F 52 7.66 2.36 7.98
CA ALA F 52 8.06 3.72 8.30
C ALA F 52 6.90 4.57 8.80
N SER F 53 5.66 4.07 8.77
CA SER F 53 4.53 4.85 9.26
C SER F 53 3.53 4.06 10.09
N ASN F 54 3.58 2.73 10.11
CA ASN F 54 2.60 1.93 10.82
C ASN F 54 3.15 1.54 12.19
N ARG F 55 2.28 1.58 13.19
CA ARG F 55 2.65 1.29 14.57
C ARG F 55 2.24 -0.14 14.93
N ALA F 56 3.15 -0.87 15.56
CA ALA F 56 2.86 -2.24 15.95
C ALA F 56 1.84 -2.27 17.08
N THR F 57 1.20 -3.43 17.23
CA THR F 57 0.16 -3.57 18.24
C THR F 57 0.75 -3.44 19.64
N GLY F 58 0.06 -2.69 20.51
CA GLY F 58 0.48 -2.53 21.88
C GLY F 58 1.60 -1.54 22.10
N ILE F 59 1.96 -0.75 21.11
CA ILE F 59 3.04 0.23 21.24
C ILE F 59 2.43 1.55 21.70
N PRO F 60 3.04 2.25 22.66
CA PRO F 60 2.47 3.53 23.10
C PRO F 60 2.34 4.52 21.95
N ASP F 61 1.27 5.33 22.01
CA ASP F 61 0.96 6.26 20.94
C ASP F 61 1.99 7.38 20.81
N ARG F 62 2.88 7.54 21.80
CA ARG F 62 3.91 8.57 21.71
C ARG F 62 4.97 8.26 20.67
N PHE F 63 4.98 7.04 20.13
CA PHE F 63 5.93 6.67 19.09
C PHE F 63 5.29 6.86 17.72
N SER F 64 5.97 7.59 16.85
CA SER F 64 5.48 7.80 15.48
C SER F 64 6.67 7.97 14.55
N GLY F 65 6.54 7.42 13.34
CA GLY F 65 7.56 7.54 12.33
C GLY F 65 6.95 7.94 11.00
N SER F 66 7.80 8.44 10.12
CA SER F 66 7.36 8.93 8.82
C SER F 66 8.57 9.07 7.91
N GLY F 67 8.32 9.38 6.65
CA GLY F 67 9.35 9.64 5.68
C GLY F 67 9.07 8.93 4.37
N SER F 68 9.97 9.16 3.42
CA SER F 68 9.89 8.57 2.09
C SER F 68 11.23 8.81 1.40
N GLY F 69 11.49 8.05 0.35
CA GLY F 69 12.72 8.20 -0.40
C GLY F 69 13.92 7.62 0.31
N THR F 70 14.79 8.48 0.83
CA THR F 70 15.99 8.04 1.55
C THR F 70 16.17 8.79 2.87
N ASP F 71 15.10 9.33 3.44
CA ASP F 71 15.17 10.06 4.70
C ASP F 71 13.98 9.64 5.56
N PHE F 72 14.26 9.00 6.69
CA PHE F 72 13.24 8.47 7.57
C PHE F 72 13.52 8.94 8.99
N THR F 73 12.46 9.21 9.74
CA THR F 73 12.56 9.78 11.08
C THR F 73 11.66 9.02 12.04
N LEU F 74 12.15 8.85 13.26
CA LEU F 74 11.35 8.36 14.38
C LEU F 74 11.26 9.47 15.41
N THR F 75 10.03 9.83 15.79
CA THR F 75 9.79 10.94 16.71
C THR F 75 8.99 10.45 17.91
N ILE F 76 9.39 10.91 19.09
CA ILE F 76 8.69 10.61 20.33
C ILE F 76 8.15 11.93 20.88
N SER F 77 6.83 11.98 21.09
CA SER F 77 6.21 13.22 21.54
C SER F 77 6.74 13.64 22.91
N ARG F 78 6.74 12.70 23.86
CA ARG F 78 7.19 12.99 25.22
C ARG F 78 8.01 11.81 25.72
N LEU F 79 9.24 12.08 26.15
CA LEU F 79 10.11 11.02 26.63
C LEU F 79 9.60 10.47 27.96
N GLU F 80 10.07 9.28 28.28
CA GLU F 80 9.74 8.59 29.51
C GLU F 80 11.02 8.02 30.12
N PRO F 81 11.01 7.68 31.40
CA PRO F 81 12.25 7.18 32.02
C PRO F 81 12.82 5.96 31.34
N GLU F 82 11.97 5.14 30.71
CA GLU F 82 12.38 3.88 30.11
C GLU F 82 12.72 4.01 28.62
N ASP F 83 12.69 5.21 28.06
CA ASP F 83 12.98 5.42 26.65
C ASP F 83 14.41 5.87 26.39
N PHE F 84 15.25 5.97 27.42
CA PHE F 84 16.65 6.33 27.24
C PHE F 84 17.46 5.05 27.00
N VAL F 85 17.35 4.54 25.77
CA VAL F 85 17.84 3.22 25.39
C VAL F 85 18.17 3.21 23.90
N VAL F 86 18.71 2.08 23.44
CA VAL F 86 19.18 1.98 22.06
C VAL F 86 17.99 1.81 21.10
N PHE F 87 18.17 2.29 19.88
CA PHE F 87 17.17 2.17 18.82
C PHE F 87 17.86 1.78 17.52
N TYR F 88 17.24 0.90 16.75
CA TYR F 88 17.77 0.39 15.50
C TYR F 88 16.79 0.62 14.37
N CYS F 89 17.33 0.85 13.17
CA CYS F 89 16.53 0.97 11.96
C CYS F 89 16.95 -0.10 10.96
N GLN F 90 15.96 -0.72 10.34
CA GLN F 90 16.16 -1.75 9.33
C GLN F 90 15.51 -1.34 8.03
N GLN F 91 16.11 -1.76 6.93
CA GLN F 91 15.51 -1.62 5.60
C GLN F 91 15.32 -3.00 4.98
N TYR F 92 14.16 -3.20 4.36
CA TYR F 92 13.88 -4.45 3.67
C TYR F 92 13.25 -4.20 2.31
N GLY F 93 13.62 -3.11 1.65
CA GLY F 93 13.10 -2.80 0.34
C GLY F 93 13.85 -3.49 -0.77
N SER F 94 15.10 -3.90 -0.48
CA SER F 94 15.91 -4.62 -1.46
C SER F 94 16.86 -5.53 -0.71
N SER F 95 16.88 -6.80 -1.10
CA SER F 95 17.71 -7.78 -0.41
C SER F 95 19.19 -7.51 -0.67
N PRO F 96 20.07 -7.88 0.26
CA PRO F 96 19.77 -8.52 1.55
C PRO F 96 19.34 -7.53 2.63
N LEU F 97 18.73 -8.05 3.69
CA LEU F 97 18.32 -7.22 4.80
C LEU F 97 19.52 -6.60 5.49
N THR F 98 19.37 -5.36 5.96
CA THR F 98 20.44 -4.65 6.64
C THR F 98 19.87 -3.88 7.82
N PHE F 99 20.69 -3.72 8.85
CA PHE F 99 20.34 -2.97 10.06
C PHE F 99 21.10 -1.66 10.10
N GLY F 100 20.71 -0.82 11.06
CA GLY F 100 21.41 0.42 11.33
C GLY F 100 22.58 0.22 12.27
N GLY F 101 23.07 1.32 12.80
CA GLY F 101 24.21 1.29 13.71
C GLY F 101 23.79 1.37 15.16
N GLY F 102 22.71 2.08 15.44
CA GLY F 102 22.22 2.25 16.78
C GLY F 102 22.37 3.68 17.26
N THR F 103 21.33 4.19 17.92
CA THR F 103 21.32 5.56 18.45
C THR F 103 20.94 5.49 19.91
N LYS F 104 21.94 5.49 20.79
CA LYS F 104 21.69 5.52 22.22
C LYS F 104 21.10 6.85 22.64
N VAL F 105 20.14 6.80 23.56
CA VAL F 105 19.52 7.99 24.13
C VAL F 105 19.84 8.01 25.62
N GLU F 106 20.37 9.14 26.11
CA GLU F 106 20.82 9.25 27.49
C GLU F 106 20.19 10.47 28.14
N ILE F 107 20.05 10.39 29.47
CA ILE F 107 19.46 11.48 30.23
C ILE F 107 20.48 12.61 30.36
N LYS F 108 20.13 13.80 29.90
CA LYS F 108 21.02 14.94 30.00
C LYS F 108 21.01 15.47 31.43
N ARG F 109 22.16 16.00 31.85
CA ARG F 109 22.33 16.45 33.23
C ARG F 109 23.36 17.56 33.26
N THR F 110 23.34 18.33 34.35
CA THR F 110 24.31 19.39 34.54
C THR F 110 25.72 18.81 34.58
N VAL F 111 26.68 19.57 34.03
CA VAL F 111 28.05 19.08 33.96
C VAL F 111 28.57 18.82 35.36
N ALA F 112 29.26 17.69 35.52
CA ALA F 112 29.89 17.33 36.78
C ALA F 112 31.31 16.86 36.51
N ALA F 113 32.18 17.04 37.51
CA ALA F 113 33.59 16.71 37.33
C ALA F 113 33.92 15.39 38.00
N PRO F 114 34.87 14.63 37.45
CA PRO F 114 35.25 13.36 38.07
C PRO F 114 36.06 13.59 39.33
N SER F 115 36.01 12.58 40.20
CA SER F 115 36.85 12.52 41.41
C SER F 115 37.88 11.42 41.17
N VAL F 116 39.13 11.82 40.97
CA VAL F 116 40.19 10.90 40.59
C VAL F 116 40.73 10.23 41.84
N PHE F 117 40.71 8.90 41.86
CA PHE F 117 41.25 8.11 42.96
C PHE F 117 42.28 7.13 42.41
N ILE F 118 43.30 6.84 43.20
CA ILE F 118 44.39 5.98 42.79
C ILE F 118 44.53 4.86 43.81
N PHE F 119 45.04 3.73 43.34
CA PHE F 119 45.19 2.55 44.20
C PHE F 119 46.48 1.81 43.85
N PRO F 120 47.43 1.71 44.78
CA PRO F 120 48.62 0.91 44.52
C PRO F 120 48.28 -0.57 44.39
N PRO F 121 49.12 -1.35 43.73
CA PRO F 121 48.83 -2.78 43.58
C PRO F 121 48.88 -3.47 44.93
N SER F 122 48.12 -4.55 45.05
CA SER F 122 48.02 -5.30 46.29
C SER F 122 49.18 -6.28 46.41
N ASP F 123 49.56 -6.56 47.67
CA ASP F 123 50.69 -7.44 47.93
C ASP F 123 50.40 -8.86 47.48
N GLU F 124 49.17 -9.35 47.70
CA GLU F 124 48.86 -10.73 47.37
C GLU F 124 49.04 -10.99 45.88
N GLN F 125 48.57 -10.07 45.04
CA GLN F 125 48.80 -10.18 43.61
C GLN F 125 50.29 -10.17 43.28
N LEU F 126 51.07 -9.42 44.07
CA LEU F 126 52.48 -9.24 43.76
C LEU F 126 53.26 -10.54 43.88
N LYS F 127 52.85 -11.44 44.77
CA LYS F 127 53.52 -12.73 44.85
C LYS F 127 53.37 -13.53 43.57
N SER F 128 52.28 -13.33 42.84
CA SER F 128 51.99 -14.16 41.67
C SER F 128 52.74 -13.70 40.43
N GLY F 129 53.58 -12.67 40.56
CA GLY F 129 54.35 -12.16 39.43
C GLY F 129 53.61 -11.18 38.56
N THR F 130 52.44 -10.71 38.98
CA THR F 130 51.65 -9.76 38.21
C THR F 130 51.30 -8.57 39.09
N ALA F 131 51.31 -7.38 38.48
CA ALA F 131 50.98 -6.15 39.18
C ALA F 131 49.91 -5.40 38.41
N SER F 132 48.93 -4.87 39.13
CA SER F 132 47.82 -4.15 38.54
C SER F 132 47.70 -2.79 39.22
N VAL F 133 47.63 -1.73 38.42
CA VAL F 133 47.46 -0.37 38.91
C VAL F 133 46.25 0.23 38.20
N VAL F 134 45.29 0.73 38.98
CA VAL F 134 44.04 1.23 38.45
C VAL F 134 43.80 2.63 38.98
N CYS F 135 43.42 3.54 38.09
CA CYS F 135 42.99 4.88 38.46
C CYS F 135 41.50 5.02 38.16
N LEU F 136 40.74 5.47 39.16
CA LEU F 136 39.29 5.40 39.13
C LEU F 136 38.69 6.80 38.98
N LEU F 137 37.71 6.91 38.10
CA LEU F 137 36.92 8.13 37.92
C LEU F 137 35.49 7.84 38.34
N ASN F 138 34.94 8.71 39.19
CA ASN F 138 33.61 8.51 39.77
C ASN F 138 32.72 9.71 39.50
N ASN F 139 31.47 9.43 39.15
CA ASN F 139 30.40 10.43 39.12
C ASN F 139 30.81 11.66 38.29
N PHE F 140 31.02 11.41 37.00
CA PHE F 140 31.36 12.47 36.06
C PHE F 140 30.34 12.49 34.92
N TYR F 141 30.33 13.60 34.19
CA TYR F 141 29.43 13.79 33.06
C TYR F 141 29.89 15.00 32.27
N PRO F 142 29.86 14.98 30.93
CA PRO F 142 29.43 13.92 30.00
C PRO F 142 30.29 12.65 30.05
N ARG F 143 29.86 11.63 29.30
CA ARG F 143 30.55 10.35 29.33
C ARG F 143 31.98 10.45 28.81
N GLU F 144 32.18 11.18 27.72
CA GLU F 144 33.48 11.17 27.06
C GLU F 144 34.56 11.70 27.99
N ALA F 145 35.69 10.99 28.01
CA ALA F 145 36.84 11.37 28.82
C ALA F 145 38.03 10.56 28.34
N LYS F 146 39.23 11.08 28.62
CA LYS F 146 40.47 10.49 28.14
C LYS F 146 41.46 10.42 29.30
N VAL F 147 42.14 9.29 29.40
CA VAL F 147 43.07 9.03 30.49
C VAL F 147 44.31 8.33 29.93
N GLN F 148 45.47 8.68 30.48
CA GLN F 148 46.73 8.08 30.05
C GLN F 148 47.56 7.70 31.26
N TRP F 149 48.41 6.69 31.08
CA TRP F 149 49.28 6.16 32.11
C TRP F 149 50.72 6.57 31.82
N LYS F 150 51.38 7.14 32.83
CA LYS F 150 52.77 7.57 32.71
C LYS F 150 53.62 6.82 33.73
N VAL F 151 54.70 6.21 33.26
CA VAL F 151 55.64 5.50 34.12
C VAL F 151 56.97 6.24 34.07
N ASP F 152 57.39 6.78 35.21
CA ASP F 152 58.59 7.62 35.28
C ASP F 152 58.51 8.75 34.25
N ASN F 153 57.32 9.33 34.12
CA ASN F 153 57.06 10.39 33.14
C ASN F 153 57.24 9.89 31.72
N ALA F 154 56.95 8.62 31.47
CA ALA F 154 56.99 8.03 30.14
C ALA F 154 55.59 7.54 29.78
N LEU F 155 55.07 8.03 28.65
CA LEU F 155 53.72 7.65 28.23
C LEU F 155 53.65 6.16 27.96
N GLN F 156 52.56 5.54 28.41
CA GLN F 156 52.31 4.11 28.21
C GLN F 156 51.24 3.94 27.15
N SER F 157 51.53 3.11 26.15
CA SER F 157 50.60 2.85 25.05
C SER F 157 50.58 1.36 24.76
N GLY F 158 49.39 0.85 24.46
CA GLY F 158 49.24 -0.55 24.11
C GLY F 158 49.15 -1.51 25.27
N ASN F 159 49.08 -1.00 26.51
CA ASN F 159 49.02 -1.87 27.68
C ASN F 159 48.02 -1.38 28.72
N SER F 160 47.05 -0.56 28.32
CA SER F 160 46.03 -0.03 29.23
C SER F 160 44.65 -0.42 28.73
N GLN F 161 43.78 -0.81 29.66
CA GLN F 161 42.40 -1.17 29.37
C GLN F 161 41.47 -0.21 30.08
N GLU F 162 40.35 0.09 29.43
CA GLU F 162 39.36 1.03 29.94
C GLU F 162 38.00 0.36 30.04
N SER F 163 37.30 0.64 31.13
CA SER F 163 35.97 0.10 31.37
C SER F 163 35.10 1.18 32.02
N VAL F 164 33.86 1.27 31.56
CA VAL F 164 32.93 2.30 32.05
C VAL F 164 31.61 1.62 32.39
N THR F 165 31.04 1.98 33.53
CA THR F 165 29.74 1.46 33.93
C THR F 165 28.63 2.17 33.17
N GLU F 166 27.45 1.55 33.16
CA GLU F 166 26.31 2.15 32.51
C GLU F 166 25.80 3.33 33.32
N GLN F 167 25.10 4.23 32.63
CA GLN F 167 24.59 5.45 33.27
C GLN F 167 23.75 5.08 34.48
N ASP F 168 24.04 5.71 35.61
CA ASP F 168 23.42 5.34 36.87
C ASP F 168 21.95 5.77 36.90
N SER F 169 21.18 5.09 37.75
CA SER F 169 19.74 5.32 37.84
C SER F 169 19.37 6.36 38.90
N LYS F 170 20.32 6.82 39.71
CA LYS F 170 20.04 7.77 40.78
C LYS F 170 20.54 9.16 40.43
N ASP F 171 21.82 9.30 40.11
CA ASP F 171 22.41 10.59 39.74
C ASP F 171 22.73 10.68 38.25
N SER F 172 22.52 9.60 37.49
CA SER F 172 22.75 9.61 36.05
C SER F 172 24.17 10.10 35.72
N THR F 173 25.16 9.45 36.32
CA THR F 173 26.56 9.73 36.07
C THR F 173 27.30 8.42 35.83
N TYR F 174 28.36 8.50 35.04
CA TYR F 174 29.18 7.35 34.71
C TYR F 174 30.35 7.21 35.70
N SER F 175 31.16 6.18 35.49
CA SER F 175 32.31 5.93 36.35
C SER F 175 33.35 5.16 35.52
N LEU F 176 34.40 5.85 35.10
CA LEU F 176 35.43 5.29 34.26
C LEU F 176 36.59 4.76 35.10
N SER F 177 37.36 3.84 34.52
CA SER F 177 38.53 3.32 35.20
C SER F 177 39.49 2.76 34.16
N SER F 178 40.77 3.03 34.34
CA SER F 178 41.84 2.50 33.49
C SER F 178 42.72 1.60 34.33
N THR F 179 42.95 0.39 33.86
CA THR F 179 43.76 -0.60 34.56
C THR F 179 45.09 -0.77 33.84
N LEU F 180 46.18 -0.72 34.60
CA LEU F 180 47.53 -0.86 34.07
C LEU F 180 48.08 -2.21 34.53
N THR F 181 48.48 -3.03 33.58
CA THR F 181 48.99 -4.37 33.86
C THR F 181 50.48 -4.41 33.50
N LEU F 182 51.32 -4.72 34.49
CA LEU F 182 52.75 -4.84 34.30
C LEU F 182 53.29 -5.98 35.13
N SER F 183 54.21 -6.75 34.55
CA SER F 183 54.80 -7.88 35.24
C SER F 183 55.61 -7.42 36.45
N LYS F 184 56.09 -8.40 37.21
CA LYS F 184 56.84 -8.11 38.43
C LYS F 184 58.08 -7.28 38.14
N ALA F 185 58.84 -7.67 37.12
CA ALA F 185 60.10 -6.98 36.82
C ALA F 185 59.85 -5.51 36.48
N ASP F 186 58.84 -5.25 35.64
CA ASP F 186 58.58 -3.88 35.21
C ASP F 186 58.14 -3.02 36.38
N TYR F 187 57.26 -3.55 37.23
CA TYR F 187 56.74 -2.78 38.36
C TYR F 187 57.88 -2.41 39.32
N GLU F 188 58.74 -3.37 39.64
CA GLU F 188 59.81 -3.10 40.60
C GLU F 188 60.81 -2.09 40.05
N LYS F 189 61.14 -2.18 38.76
CA LYS F 189 62.17 -1.31 38.20
C LYS F 189 61.79 0.15 38.31
N HIS F 190 60.54 0.48 37.98
CA HIS F 190 60.08 1.86 38.02
C HIS F 190 59.57 2.21 39.41
N LYS F 191 59.58 3.50 39.72
CA LYS F 191 59.31 3.98 41.06
C LYS F 191 58.14 4.95 41.15
N VAL F 192 57.81 5.66 40.07
CA VAL F 192 56.76 6.67 40.08
C VAL F 192 55.72 6.33 39.02
N TYR F 193 54.45 6.48 39.38
CA TYR F 193 53.33 6.24 38.48
C TYR F 193 52.29 7.33 38.68
N ALA F 194 51.50 7.61 37.64
CA ALA F 194 50.47 8.63 37.72
C ALA F 194 49.44 8.41 36.63
N CYS F 195 48.18 8.71 36.95
CA CYS F 195 47.08 8.68 35.99
C CYS F 195 46.52 10.09 35.86
N GLU F 196 46.37 10.56 34.62
CA GLU F 196 45.94 11.91 34.34
C GLU F 196 44.58 11.89 33.66
N VAL F 197 43.74 12.86 33.99
CA VAL F 197 42.36 12.92 33.49
C VAL F 197 42.14 14.27 32.83
N THR F 198 41.49 14.25 31.66
CA THR F 198 41.04 15.46 30.98
C THR F 198 39.54 15.34 30.77
N HIS F 199 38.79 16.30 31.30
CA HIS F 199 37.33 16.29 31.19
C HIS F 199 36.82 17.72 31.11
N GLN F 200 35.62 17.87 30.54
CA GLN F 200 35.05 19.19 30.34
C GLN F 200 34.91 19.95 31.65
N GLY F 201 34.38 19.28 32.69
CA GLY F 201 34.14 19.95 33.95
C GLY F 201 35.39 20.50 34.60
N LEU F 202 36.56 19.91 34.33
CA LEU F 202 37.81 20.35 34.93
C LEU F 202 38.45 21.43 34.06
N SER F 203 38.68 22.60 34.66
CA SER F 203 39.33 23.69 33.93
C SER F 203 40.74 23.28 33.50
N SER F 204 41.48 22.62 34.37
CA SER F 204 42.82 22.13 34.08
C SER F 204 42.92 20.66 34.43
N PRO F 205 43.74 19.90 33.72
CA PRO F 205 43.89 18.48 34.04
C PRO F 205 44.37 18.26 35.47
N VAL F 206 43.84 17.22 36.11
CA VAL F 206 44.11 16.91 37.51
C VAL F 206 44.88 15.60 37.56
N THR F 207 45.97 15.58 38.33
CA THR F 207 46.84 14.42 38.43
C THR F 207 46.83 13.88 39.86
N LYS F 208 46.69 12.56 39.97
CA LYS F 208 46.88 11.84 41.23
C LYS F 208 47.94 10.77 41.01
N SER F 209 48.87 10.64 41.96
CA SER F 209 49.99 9.73 41.81
C SER F 209 50.36 9.14 43.17
N PHE F 210 51.08 8.02 43.12
CA PHE F 210 51.59 7.36 44.30
C PHE F 210 53.05 6.97 44.06
N ASN F 211 53.79 6.82 45.15
CA ASN F 211 55.18 6.43 45.12
C ASN F 211 55.32 5.02 45.66
N ARG F 212 56.00 4.15 44.90
CA ARG F 212 56.09 2.75 45.29
C ARG F 212 56.79 2.61 46.63
N GLY F 213 56.20 1.81 47.52
CA GLY F 213 56.79 1.53 48.81
C GLY F 213 56.52 2.57 49.88
N GLU F 214 55.88 3.69 49.53
CA GLU F 214 55.59 4.75 50.49
C GLU F 214 54.47 4.31 51.40
N CYS F 215 54.80 3.93 52.64
CA CYS F 215 53.80 3.51 53.61
C CYS F 215 52.81 4.64 53.89
N GLN G 57 24.26 -19.54 -49.64
CA GLN G 57 24.15 -20.70 -48.75
C GLN G 57 22.83 -20.65 -47.99
N ALA G 58 22.06 -21.73 -48.06
CA ALA G 58 20.79 -21.80 -47.34
C ALA G 58 21.00 -21.96 -45.83
N PHE G 59 22.16 -22.47 -45.41
CA PHE G 59 22.40 -22.66 -43.99
C PHE G 59 22.61 -21.33 -43.26
N TRP G 60 23.43 -20.46 -43.84
CA TRP G 60 23.71 -19.18 -43.19
C TRP G 60 22.50 -18.27 -43.15
N LYS G 61 21.52 -18.49 -44.03
CA LYS G 61 20.26 -17.75 -43.94
C LYS G 61 19.39 -18.27 -42.80
N ALA G 62 19.46 -19.57 -42.52
CA ALA G 62 18.69 -20.12 -41.39
C ALA G 62 19.30 -19.71 -40.05
N VAL G 63 20.63 -19.68 -39.98
CA VAL G 63 21.29 -19.24 -38.75
C VAL G 63 21.08 -17.76 -38.52
N THR G 64 21.06 -16.96 -39.59
CA THR G 64 20.83 -15.53 -39.45
C THR G 64 19.40 -15.22 -39.02
N ALA G 65 18.43 -16.01 -39.50
CA ALA G 65 17.04 -15.79 -39.11
C ALA G 65 16.82 -16.14 -37.65
N GLU G 66 17.50 -17.16 -37.13
CA GLU G 66 17.39 -17.50 -35.72
C GLU G 66 17.94 -16.40 -34.84
N PHE G 67 19.04 -15.77 -35.25
CA PHE G 67 19.60 -14.65 -34.50
C PHE G 67 18.66 -13.46 -34.49
N LEU G 68 18.08 -13.13 -35.66
CA LEU G 68 17.23 -11.96 -35.76
C LEU G 68 15.87 -12.19 -35.11
N ALA G 69 15.31 -13.39 -35.27
CA ALA G 69 14.02 -13.69 -34.66
C ALA G 69 14.11 -13.64 -33.14
N MET G 70 15.20 -14.17 -32.58
CA MET G 70 15.37 -14.16 -31.13
C MET G 70 15.62 -12.77 -30.60
N LEU G 71 16.27 -11.91 -31.40
CA LEU G 71 16.54 -10.55 -30.98
C LEU G 71 15.25 -9.75 -30.81
N ILE G 72 14.34 -9.85 -31.78
CA ILE G 72 13.10 -9.09 -31.72
C ILE G 72 12.18 -9.65 -30.64
N PHE G 73 12.14 -10.98 -30.48
CA PHE G 73 11.31 -11.57 -29.46
C PHE G 73 11.72 -11.08 -28.07
N VAL G 74 13.03 -11.03 -27.80
CA VAL G 74 13.50 -10.67 -26.47
C VAL G 74 13.24 -9.19 -26.18
N LEU G 75 13.46 -8.32 -27.17
CA LEU G 75 13.31 -6.88 -26.94
C LEU G 75 11.87 -6.51 -26.65
N LEU G 76 10.94 -6.94 -27.51
CA LEU G 76 9.55 -6.58 -27.33
C LEU G 76 8.93 -7.28 -26.13
N SER G 77 9.25 -8.56 -25.93
CA SER G 77 8.64 -9.31 -24.83
C SER G 77 9.11 -8.78 -23.48
N LEU G 78 10.42 -8.57 -23.32
CA LEU G 78 10.95 -8.08 -22.06
C LEU G 78 10.57 -6.63 -21.80
N GLY G 79 10.37 -5.85 -22.86
CA GLY G 79 9.97 -4.47 -22.68
C GLY G 79 8.60 -4.34 -22.03
N SER G 80 7.70 -5.28 -22.32
CA SER G 80 6.37 -5.26 -21.72
C SER G 80 6.40 -5.53 -20.22
N THR G 81 7.50 -6.07 -19.70
CA THR G 81 7.62 -6.37 -18.27
C THR G 81 8.12 -5.20 -17.45
N ILE G 82 8.47 -4.09 -18.09
CA ILE G 82 8.99 -2.93 -17.36
C ILE G 82 7.89 -2.35 -16.48
N ASN G 83 8.22 -2.06 -15.23
CA ASN G 83 7.30 -1.42 -14.30
C ASN G 83 7.53 0.08 -14.38
N TRP G 84 6.58 0.81 -14.95
CA TRP G 84 6.74 2.23 -15.22
C TRP G 84 6.40 3.10 -14.03
N GLY G 85 5.95 2.50 -12.92
CA GLY G 85 5.76 3.23 -11.69
C GLY G 85 7.03 3.45 -10.89
N GLY G 86 8.15 2.89 -11.34
CA GLY G 86 9.42 3.10 -10.67
C GLY G 86 9.56 2.22 -9.43
N THR G 87 10.70 2.40 -8.76
CA THR G 87 10.97 1.69 -7.52
C THR G 87 10.32 2.37 -6.32
N GLU G 88 9.88 3.62 -6.46
CA GLU G 88 9.24 4.33 -5.36
C GLU G 88 7.82 3.83 -5.12
N LYS G 89 6.97 3.92 -6.15
CA LYS G 89 5.56 3.53 -6.06
C LYS G 89 5.26 2.59 -7.22
N PRO G 90 5.63 1.32 -7.10
CA PRO G 90 5.40 0.39 -8.21
C PRO G 90 3.92 0.29 -8.56
N LEU G 91 3.64 0.21 -9.86
CA LEU G 91 2.29 0.02 -10.34
C LEU G 91 1.90 -1.46 -10.25
N PRO G 92 0.61 -1.75 -10.12
CA PRO G 92 0.18 -3.15 -10.12
C PRO G 92 0.59 -3.85 -11.41
N VAL G 93 0.96 -5.11 -11.30
CA VAL G 93 1.42 -5.89 -12.44
C VAL G 93 0.22 -6.36 -13.25
N ASP G 94 0.27 -6.13 -14.56
CA ASP G 94 -0.78 -6.56 -15.47
C ASP G 94 -0.33 -7.87 -16.11
N MET G 95 -0.91 -8.98 -15.62
CA MET G 95 -0.48 -10.29 -16.07
C MET G 95 -0.92 -10.57 -17.50
N VAL G 96 -2.09 -10.08 -17.90
CA VAL G 96 -2.58 -10.32 -19.26
C VAL G 96 -1.71 -9.61 -20.28
N LEU G 97 -1.23 -8.41 -19.95
CA LEU G 97 -0.34 -7.68 -20.86
C LEU G 97 0.94 -8.46 -21.11
N ILE G 98 1.54 -8.99 -20.05
CA ILE G 98 2.80 -9.72 -20.18
C ILE G 98 2.59 -11.05 -20.90
N SER G 99 1.50 -11.74 -20.59
CA SER G 99 1.22 -13.03 -21.22
C SER G 99 0.99 -12.88 -22.71
N LEU G 100 0.21 -11.88 -23.11
CA LEU G 100 -0.13 -11.72 -24.52
C LEU G 100 1.08 -11.29 -25.35
N CYS G 101 1.92 -10.41 -24.80
CA CYS G 101 3.08 -9.94 -25.55
C CYS G 101 4.06 -11.07 -25.81
N PHE G 102 4.31 -11.91 -24.80
CA PHE G 102 5.15 -13.09 -25.01
C PHE G 102 4.52 -14.05 -26.00
N GLY G 103 3.21 -14.30 -25.84
CA GLY G 103 2.54 -15.23 -26.73
C GLY G 103 2.46 -14.73 -28.16
N LEU G 104 2.09 -13.47 -28.35
CA LEU G 104 1.94 -12.92 -29.69
C LEU G 104 3.27 -12.62 -30.37
N SER G 105 4.36 -12.48 -29.60
CA SER G 105 5.67 -12.30 -30.22
C SER G 105 6.16 -13.60 -30.85
N ILE G 106 5.89 -14.73 -30.21
CA ILE G 106 6.29 -16.02 -30.77
C ILE G 106 5.44 -16.35 -31.99
N ALA G 107 4.15 -16.07 -31.94
CA ALA G 107 3.29 -16.31 -33.10
C ALA G 107 3.72 -15.47 -34.30
N THR G 108 4.37 -14.32 -34.05
CA THR G 108 4.77 -13.43 -35.13
C THR G 108 6.09 -13.84 -35.76
N MET G 109 7.06 -14.27 -34.94
CA MET G 109 8.34 -14.70 -35.48
C MET G 109 8.25 -16.07 -36.13
N VAL G 110 7.29 -16.90 -35.71
CA VAL G 110 7.03 -18.14 -36.44
C VAL G 110 6.45 -17.84 -37.80
N GLN G 111 5.53 -16.87 -37.88
CA GLN G 111 4.98 -16.46 -39.16
C GLN G 111 6.04 -15.86 -40.07
N CYS G 112 6.91 -15.02 -39.51
CA CYS G 112 7.90 -14.31 -40.31
C CYS G 112 8.99 -15.25 -40.81
N PHE G 113 9.55 -16.06 -39.93
CA PHE G 113 10.76 -16.83 -40.21
C PHE G 113 10.50 -18.33 -40.29
N GLY G 114 9.24 -18.76 -40.26
CA GLY G 114 8.96 -20.18 -40.18
C GLY G 114 9.50 -20.96 -41.36
N HIS G 115 9.44 -20.37 -42.56
CA HIS G 115 9.90 -21.04 -43.77
C HIS G 115 11.37 -20.81 -44.07
N ILE G 116 12.04 -19.99 -43.28
CA ILE G 116 13.45 -19.65 -43.51
C ILE G 116 14.37 -20.47 -42.61
N SER G 117 14.03 -20.61 -41.34
CA SER G 117 14.89 -21.27 -40.37
C SER G 117 14.23 -22.45 -39.66
N GLY G 118 12.91 -22.62 -39.78
CA GLY G 118 12.19 -23.63 -39.04
C GLY G 118 11.42 -23.10 -37.85
N GLY G 119 11.69 -21.86 -37.44
CA GLY G 119 10.95 -21.24 -36.35
C GLY G 119 11.11 -21.89 -35.00
N HIS G 120 12.35 -22.22 -34.62
CA HIS G 120 12.59 -22.77 -33.30
C HIS G 120 12.52 -21.70 -32.22
N ILE G 121 13.44 -20.73 -32.28
CA ILE G 121 13.46 -19.58 -31.38
C ILE G 121 13.38 -20.15 -29.96
N ASN G 122 14.03 -21.28 -29.73
CA ASN G 122 14.07 -21.86 -28.39
C ASN G 122 15.15 -22.93 -28.32
N PRO G 123 16.14 -22.79 -27.44
CA PRO G 123 17.14 -23.86 -27.30
C PRO G 123 16.55 -25.19 -26.89
N ALA G 124 15.44 -25.18 -26.13
CA ALA G 124 14.81 -26.43 -25.73
C ALA G 124 14.12 -27.11 -26.91
N VAL G 125 13.55 -26.31 -27.82
CA VAL G 125 12.91 -26.89 -29.00
C VAL G 125 13.95 -27.50 -29.93
N THR G 126 15.10 -26.84 -30.08
CA THR G 126 16.14 -27.37 -30.97
C THR G 126 16.70 -28.68 -30.45
N VAL G 127 16.84 -28.81 -29.13
CA VAL G 127 17.36 -30.05 -28.55
C VAL G 127 16.37 -31.19 -28.78
N ALA G 128 15.08 -30.91 -28.68
CA ALA G 128 14.07 -31.94 -28.96
C ALA G 128 14.12 -32.37 -30.41
N MET G 129 14.41 -31.44 -31.32
CA MET G 129 14.50 -31.78 -32.74
C MET G 129 15.67 -32.71 -33.02
N VAL G 130 16.81 -32.49 -32.35
CA VAL G 130 17.98 -33.34 -32.57
C VAL G 130 17.69 -34.76 -32.10
N CYS G 131 17.07 -34.91 -30.93
CA CYS G 131 16.85 -36.23 -30.37
C CYS G 131 15.93 -37.06 -31.26
N THR G 132 14.93 -36.43 -31.87
CA THR G 132 14.00 -37.11 -32.76
C THR G 132 14.51 -37.18 -34.19
N ARG G 133 15.74 -36.73 -34.44
CA ARG G 133 16.37 -36.82 -35.76
C ARG G 133 15.65 -35.97 -36.80
N LYS G 134 15.40 -34.70 -36.45
CA LYS G 134 14.86 -33.74 -37.40
C LYS G 134 15.87 -32.68 -37.84
N ILE G 135 16.94 -32.48 -37.09
CA ILE G 135 18.09 -31.69 -37.52
C ILE G 135 19.35 -32.41 -37.10
N SER G 136 20.45 -32.10 -37.79
CA SER G 136 21.72 -32.75 -37.48
C SER G 136 22.37 -32.08 -36.28
N ILE G 137 23.35 -32.78 -35.70
CA ILE G 137 24.06 -32.26 -34.54
C ILE G 137 24.79 -30.97 -34.90
N ALA G 138 25.44 -30.96 -36.08
CA ALA G 138 26.15 -29.76 -36.51
C ALA G 138 25.21 -28.58 -36.71
N LYS G 139 24.05 -28.82 -37.30
CA LYS G 139 23.10 -27.73 -37.54
C LYS G 139 22.61 -27.13 -36.23
N SER G 140 22.38 -27.96 -35.22
CA SER G 140 21.78 -27.51 -33.97
C SER G 140 22.77 -26.83 -33.04
N VAL G 141 24.08 -27.00 -33.27
CA VAL G 141 25.07 -26.26 -32.49
C VAL G 141 25.02 -24.79 -32.83
N PHE G 142 24.78 -24.46 -34.10
CA PHE G 142 24.75 -23.07 -34.53
C PHE G 142 23.44 -22.37 -34.17
N TYR G 143 22.31 -23.10 -34.15
CA TYR G 143 21.07 -22.48 -33.73
C TYR G 143 21.12 -22.06 -32.27
N ILE G 144 21.67 -22.91 -31.40
CA ILE G 144 21.72 -22.58 -29.98
C ILE G 144 22.66 -21.40 -29.73
N ALA G 145 23.80 -21.37 -30.42
CA ALA G 145 24.69 -20.21 -30.31
C ALA G 145 24.03 -18.95 -30.84
N ALA G 146 23.33 -19.05 -31.98
CA ALA G 146 22.66 -17.88 -32.53
C ALA G 146 21.53 -17.41 -31.64
N GLN G 147 20.76 -18.34 -31.07
CA GLN G 147 19.67 -17.95 -30.18
C GLN G 147 20.20 -17.27 -28.92
N CYS G 148 21.31 -17.78 -28.37
CA CYS G 148 21.88 -17.16 -27.17
C CYS G 148 22.41 -15.78 -27.46
N LEU G 149 23.09 -15.59 -28.60
CA LEU G 149 23.58 -14.26 -28.94
C LEU G 149 22.44 -13.28 -29.16
N GLY G 150 21.38 -13.71 -29.83
CA GLY G 150 20.25 -12.82 -30.06
C GLY G 150 19.60 -12.38 -28.76
N ALA G 151 19.50 -13.28 -27.79
CA ALA G 151 18.94 -12.90 -26.49
C ALA G 151 19.83 -11.89 -25.78
N ILE G 152 21.15 -12.06 -25.88
CA ILE G 152 22.07 -11.10 -25.27
C ILE G 152 21.94 -9.74 -25.94
N ILE G 153 21.90 -9.72 -27.27
CA ILE G 153 21.84 -8.46 -27.99
C ILE G 153 20.49 -7.79 -27.75
N GLY G 154 19.39 -8.56 -27.78
CA GLY G 154 18.08 -7.97 -27.60
C GLY G 154 17.92 -7.34 -26.22
N ALA G 155 18.42 -7.99 -25.18
CA ALA G 155 18.32 -7.42 -23.85
C ALA G 155 19.24 -6.21 -23.68
N GLY G 156 20.37 -6.20 -24.37
CA GLY G 156 21.26 -5.05 -24.29
C GLY G 156 20.64 -3.80 -24.87
N ILE G 157 19.93 -3.93 -25.99
CA ILE G 157 19.28 -2.78 -26.61
C ILE G 157 18.20 -2.22 -25.70
N LEU G 158 17.44 -3.10 -25.05
CA LEU G 158 16.41 -2.65 -24.12
C LEU G 158 17.01 -1.82 -22.99
N TYR G 159 18.18 -2.24 -22.49
CA TYR G 159 18.80 -1.53 -21.38
C TYR G 159 19.27 -0.14 -21.79
N LEU G 160 19.63 0.03 -23.07
CA LEU G 160 20.14 1.32 -23.53
C LEU G 160 19.03 2.36 -23.64
N VAL G 161 17.85 1.97 -24.14
CA VAL G 161 16.76 2.91 -24.34
C VAL G 161 15.88 3.08 -23.12
N THR G 162 16.00 2.21 -22.12
CA THR G 162 15.17 2.28 -20.92
C THR G 162 15.80 3.21 -19.89
N PRO G 163 15.05 4.17 -19.36
CA PRO G 163 15.62 5.08 -18.36
C PRO G 163 16.10 4.32 -17.13
N PRO G 164 17.18 4.78 -16.50
CA PRO G 164 17.71 4.05 -15.34
C PRO G 164 16.72 3.94 -14.19
N SER G 165 15.69 4.78 -14.15
CA SER G 165 14.75 4.77 -13.03
C SER G 165 13.79 3.59 -13.09
N VAL G 166 13.58 3.00 -14.26
CA VAL G 166 12.58 1.95 -14.42
C VAL G 166 13.17 0.65 -14.94
N VAL G 167 14.49 0.55 -15.08
CA VAL G 167 15.10 -0.68 -15.57
C VAL G 167 14.74 -1.85 -14.66
N GLY G 168 14.89 -1.66 -13.35
CA GLY G 168 14.55 -2.71 -12.41
C GLY G 168 15.38 -3.96 -12.66
N GLY G 169 14.71 -5.11 -12.73
CA GLY G 169 15.37 -6.37 -12.99
C GLY G 169 15.62 -6.69 -14.45
N LEU G 170 15.10 -5.89 -15.36
CA LEU G 170 15.26 -6.12 -16.80
C LEU G 170 14.66 -7.46 -17.23
N GLY G 171 13.59 -7.89 -16.56
CA GLY G 171 12.91 -9.10 -16.97
C GLY G 171 13.62 -10.39 -16.66
N VAL G 172 14.51 -10.40 -15.68
CA VAL G 172 15.22 -11.63 -15.32
C VAL G 172 14.28 -12.54 -14.55
N THR G 173 14.25 -13.81 -14.94
CA THR G 173 13.37 -14.79 -14.29
C THR G 173 13.95 -15.21 -12.94
N MET G 174 13.08 -15.24 -11.92
CA MET G 174 13.48 -15.61 -10.58
C MET G 174 12.43 -16.53 -9.97
N VAL G 175 12.89 -17.47 -9.15
CA VAL G 175 12.00 -18.41 -8.49
C VAL G 175 11.43 -17.78 -7.23
N HIS G 176 10.18 -18.11 -6.93
CA HIS G 176 9.51 -17.53 -5.77
C HIS G 176 10.27 -17.89 -4.50
N GLY G 177 10.30 -16.97 -3.55
CA GLY G 177 11.11 -17.16 -2.36
C GLY G 177 10.67 -18.36 -1.53
N ASN G 178 9.37 -18.55 -1.41
CA ASN G 178 8.83 -19.64 -0.61
C ASN G 178 8.76 -20.96 -1.37
N LEU G 179 9.18 -20.97 -2.63
CA LEU G 179 9.08 -22.15 -3.48
C LEU G 179 10.46 -22.75 -3.62
N THR G 180 10.58 -24.04 -3.30
CA THR G 180 11.87 -24.70 -3.32
C THR G 180 12.36 -24.92 -4.76
N ALA G 181 13.68 -25.01 -4.91
CA ALA G 181 14.24 -25.26 -6.24
C ALA G 181 13.73 -26.57 -6.82
N GLY G 182 13.34 -27.51 -5.97
CA GLY G 182 12.72 -28.73 -6.48
C GLY G 182 11.36 -28.47 -7.09
N HIS G 183 10.58 -27.56 -6.50
CA HIS G 183 9.28 -27.22 -7.06
C HIS G 183 9.43 -26.37 -8.31
N GLY G 184 10.38 -25.43 -8.30
CA GLY G 184 10.59 -24.59 -9.47
C GLY G 184 11.02 -25.39 -10.68
N LEU G 185 11.84 -26.41 -10.48
CA LEU G 185 12.27 -27.26 -11.59
C LEU G 185 11.09 -28.01 -12.18
N LEU G 186 10.16 -28.46 -11.33
CA LEU G 186 8.99 -29.18 -11.82
C LEU G 186 8.05 -28.26 -12.59
N VAL G 187 7.89 -27.02 -12.15
CA VAL G 187 7.01 -26.09 -12.83
C VAL G 187 7.53 -25.81 -14.24
N GLU G 188 8.83 -25.56 -14.37
CA GLU G 188 9.41 -25.32 -15.69
C GLU G 188 9.29 -26.54 -16.59
N LEU G 189 9.28 -27.74 -16.00
CA LEU G 189 9.22 -28.96 -16.80
C LEU G 189 7.84 -29.21 -17.38
N ILE G 190 6.79 -28.71 -16.73
CA ILE G 190 5.43 -28.98 -17.19
C ILE G 190 4.97 -27.95 -18.21
N ILE G 191 5.24 -26.66 -17.97
CA ILE G 191 4.84 -25.64 -18.94
C ILE G 191 5.63 -25.77 -20.24
N THR G 192 6.80 -26.40 -20.20
CA THR G 192 7.57 -26.64 -21.41
C THR G 192 7.20 -27.94 -22.09
N PHE G 193 6.72 -28.93 -21.33
CA PHE G 193 6.27 -30.17 -21.94
C PHE G 193 5.10 -29.93 -22.88
N GLN G 194 4.12 -29.13 -22.45
CA GLN G 194 2.94 -28.87 -23.26
C GLN G 194 3.22 -27.92 -24.41
N LEU G 195 4.28 -27.12 -24.32
CA LEU G 195 4.64 -26.24 -25.42
C LEU G 195 5.27 -27.03 -26.57
N VAL G 196 6.17 -27.96 -26.26
CA VAL G 196 6.83 -28.72 -27.30
C VAL G 196 5.90 -29.79 -27.88
N PHE G 197 4.94 -30.27 -27.10
CA PHE G 197 3.94 -31.18 -27.64
C PHE G 197 3.06 -30.48 -28.67
N THR G 198 2.73 -29.21 -28.43
CA THR G 198 1.95 -28.45 -29.40
C THR G 198 2.72 -28.26 -30.72
N ILE G 199 4.02 -28.02 -30.62
CA ILE G 199 4.84 -27.82 -31.82
C ILE G 199 4.85 -29.10 -32.66
N PHE G 200 5.06 -30.24 -32.01
CA PHE G 200 5.11 -31.50 -32.74
C PHE G 200 3.76 -31.85 -33.36
N ALA G 201 2.68 -31.64 -32.60
CA ALA G 201 1.35 -31.99 -33.08
C ALA G 201 0.89 -31.07 -34.21
N SER G 202 1.15 -29.76 -34.07
CA SER G 202 0.74 -28.82 -35.11
C SER G 202 1.51 -29.06 -36.40
N CYS G 203 2.80 -29.38 -36.30
CA CYS G 203 3.68 -29.51 -37.45
C CYS G 203 3.76 -30.95 -37.96
N ASP G 204 2.87 -31.84 -37.50
CA ASP G 204 2.91 -33.23 -37.91
C ASP G 204 2.36 -33.36 -39.32
N SER G 205 3.17 -33.86 -40.25
CA SER G 205 2.79 -33.93 -41.65
C SER G 205 1.86 -35.10 -41.95
N LYS G 206 1.78 -36.10 -41.08
CA LYS G 206 0.84 -37.18 -41.28
C LYS G 206 -0.60 -36.80 -40.97
N ARG G 207 -0.80 -35.72 -40.23
CA ARG G 207 -2.15 -35.28 -39.88
C ARG G 207 -2.85 -34.70 -41.10
N THR G 208 -4.17 -34.86 -41.13
CA THR G 208 -5.01 -34.23 -42.12
C THR G 208 -6.12 -33.38 -41.52
N ASP G 209 -6.14 -33.24 -40.19
CA ASP G 209 -7.21 -32.53 -39.50
C ASP G 209 -6.74 -31.23 -38.85
N VAL G 210 -5.53 -30.76 -39.17
CA VAL G 210 -5.05 -29.51 -38.60
C VAL G 210 -5.66 -28.34 -39.37
N THR G 211 -6.29 -27.44 -38.64
CA THR G 211 -6.96 -26.28 -39.23
C THR G 211 -6.48 -25.02 -38.54
N GLY G 212 -6.62 -23.90 -39.24
CA GLY G 212 -6.22 -22.62 -38.70
C GLY G 212 -4.73 -22.38 -38.84
N SER G 213 -4.26 -21.38 -38.09
CA SER G 213 -2.86 -20.95 -38.16
C SER G 213 -2.02 -21.79 -37.21
N ILE G 214 -0.96 -22.40 -37.74
CA ILE G 214 -0.03 -23.15 -36.89
C ILE G 214 0.77 -22.21 -36.01
N ALA G 215 1.16 -21.05 -36.55
CA ALA G 215 1.92 -20.09 -35.75
C ALA G 215 1.09 -19.57 -34.58
N LEU G 216 -0.19 -19.30 -34.81
CA LEU G 216 -1.04 -18.77 -33.75
C LEU G 216 -1.35 -19.80 -32.69
N ALA G 217 -1.41 -21.08 -33.07
CA ALA G 217 -1.60 -22.15 -32.09
C ALA G 217 -0.43 -22.21 -31.12
N ILE G 218 0.79 -22.07 -31.62
CA ILE G 218 1.97 -22.10 -30.77
C ILE G 218 2.02 -20.88 -29.86
N GLY G 219 1.59 -19.72 -30.35
CA GLY G 219 1.62 -18.53 -29.53
C GLY G 219 0.71 -18.61 -28.32
N PHE G 220 -0.53 -19.10 -28.51
CA PHE G 220 -1.45 -19.27 -27.40
C PHE G 220 -1.00 -20.34 -26.41
N SER G 221 -0.11 -21.25 -26.82
CA SER G 221 0.46 -22.20 -25.88
C SER G 221 1.51 -21.52 -24.99
N VAL G 222 2.23 -20.55 -25.54
CA VAL G 222 3.18 -19.77 -24.75
C VAL G 222 2.43 -18.86 -23.77
N ALA G 223 1.24 -18.40 -24.17
CA ALA G 223 0.47 -17.49 -23.32
C ALA G 223 -0.04 -18.20 -22.07
N ILE G 224 -0.60 -19.40 -22.22
CA ILE G 224 -1.17 -20.08 -21.07
C ILE G 224 -0.09 -20.50 -20.08
N GLY G 225 1.11 -20.84 -20.57
CA GLY G 225 2.21 -21.09 -19.66
C GLY G 225 2.58 -19.87 -18.84
N HIS G 226 2.44 -18.68 -19.43
CA HIS G 226 2.72 -17.44 -18.71
C HIS G 226 1.60 -17.08 -17.75
N LEU G 227 0.35 -17.32 -18.15
CA LEU G 227 -0.78 -17.00 -17.27
C LEU G 227 -0.75 -17.82 -15.99
N PHE G 228 0.03 -18.88 -15.95
CA PHE G 228 0.11 -19.79 -14.81
C PHE G 228 1.31 -19.53 -13.91
N ALA G 229 2.52 -19.44 -14.48
CA ALA G 229 3.74 -19.58 -13.69
C ALA G 229 4.58 -18.30 -13.65
N ILE G 230 4.00 -17.13 -13.91
CA ILE G 230 4.78 -15.90 -13.76
C ILE G 230 5.16 -15.67 -12.30
N ASN G 231 4.24 -15.95 -11.39
CA ASN G 231 4.49 -15.77 -9.96
C ASN G 231 5.14 -16.98 -9.31
N TYR G 232 5.33 -18.08 -10.05
CA TYR G 232 6.00 -19.24 -9.50
C TYR G 232 7.50 -19.22 -9.80
N THR G 233 7.87 -19.19 -11.09
CA THR G 233 9.26 -19.24 -11.50
C THR G 233 9.60 -18.23 -12.59
N GLY G 234 8.69 -17.32 -12.92
CA GLY G 234 8.91 -16.36 -13.99
C GLY G 234 8.48 -16.83 -15.35
N ALA G 235 8.11 -18.10 -15.51
CA ALA G 235 7.61 -18.65 -16.77
C ALA G 235 8.60 -18.43 -17.90
N SER G 236 9.78 -19.04 -17.75
CA SER G 236 10.80 -18.95 -18.80
C SER G 236 10.39 -19.76 -20.02
N MET G 237 10.30 -21.08 -19.87
CA MET G 237 9.95 -21.97 -20.97
C MET G 237 10.99 -21.91 -22.09
N ASN G 238 12.07 -21.16 -21.87
CA ASN G 238 13.06 -20.88 -22.90
C ASN G 238 14.41 -20.62 -22.27
N PRO G 239 15.38 -21.52 -22.42
CA PRO G 239 16.70 -21.28 -21.80
C PRO G 239 17.38 -20.01 -22.27
N ALA G 240 17.22 -19.64 -23.54
CA ALA G 240 17.86 -18.43 -24.06
C ALA G 240 17.16 -17.16 -23.62
N ARG G 241 15.86 -17.23 -23.33
CA ARG G 241 15.13 -16.06 -22.86
C ARG G 241 15.61 -15.63 -21.48
N SER G 242 16.03 -16.57 -20.65
CA SER G 242 16.58 -16.26 -19.33
C SER G 242 18.07 -15.97 -19.36
N PHE G 243 18.78 -16.55 -20.32
CA PHE G 243 20.23 -16.33 -20.43
C PHE G 243 20.55 -14.89 -20.81
N GLY G 244 19.72 -14.26 -21.64
CA GLY G 244 19.97 -12.92 -22.12
C GLY G 244 20.08 -11.89 -21.01
N PRO G 245 18.98 -11.64 -20.31
CA PRO G 245 19.01 -10.63 -19.24
C PRO G 245 19.98 -10.96 -18.12
N ALA G 246 20.23 -12.23 -17.84
CA ALA G 246 21.17 -12.60 -16.78
C ALA G 246 22.58 -12.13 -17.11
N VAL G 247 22.98 -12.26 -18.37
CA VAL G 247 24.32 -11.82 -18.77
C VAL G 247 24.48 -10.31 -18.59
N ILE G 248 23.45 -9.56 -18.97
CA ILE G 248 23.54 -8.10 -18.90
C ILE G 248 23.55 -7.63 -17.45
N MET G 249 22.55 -8.03 -16.68
CA MET G 249 22.44 -7.59 -15.29
C MET G 249 23.29 -8.41 -14.33
N GLY G 250 23.83 -9.54 -14.76
CA GLY G 250 24.66 -10.36 -13.90
C GLY G 250 23.94 -10.98 -12.72
N ASN G 251 22.71 -11.42 -12.92
CA ASN G 251 21.91 -12.08 -11.89
C ASN G 251 21.84 -13.57 -12.23
N TRP G 252 22.48 -14.39 -11.41
CA TRP G 252 22.77 -15.78 -11.75
C TRP G 252 22.17 -16.75 -10.74
N GLU G 253 21.12 -16.35 -10.05
CA GLU G 253 20.56 -17.15 -8.97
C GLU G 253 19.58 -18.18 -9.50
N ASN G 254 19.78 -19.45 -9.15
CA ASN G 254 18.93 -20.55 -9.59
C ASN G 254 18.83 -20.61 -11.11
N HIS G 255 19.93 -20.31 -11.79
CA HIS G 255 19.90 -20.27 -13.25
C HIS G 255 19.99 -21.65 -13.89
N TRP G 256 20.35 -22.68 -13.13
CA TRP G 256 20.49 -24.01 -13.70
C TRP G 256 19.16 -24.70 -13.92
N ILE G 257 18.09 -24.26 -13.25
CA ILE G 257 16.79 -24.89 -13.44
C ILE G 257 16.12 -24.41 -14.72
N TYR G 258 16.56 -23.30 -15.27
CA TYR G 258 16.02 -22.77 -16.52
C TYR G 258 16.68 -23.43 -17.73
N TRP G 259 17.67 -24.28 -17.52
CA TRP G 259 18.24 -25.14 -18.55
C TRP G 259 17.85 -26.59 -18.36
N VAL G 260 17.94 -27.09 -17.12
CA VAL G 260 17.57 -28.48 -16.85
C VAL G 260 16.07 -28.68 -16.99
N GLY G 261 15.29 -27.75 -16.46
CA GLY G 261 13.84 -27.86 -16.49
C GLY G 261 13.30 -27.91 -17.91
N PRO G 262 13.45 -26.80 -18.64
CA PRO G 262 12.91 -26.76 -20.01
C PRO G 262 13.45 -27.86 -20.92
N ILE G 263 14.72 -28.24 -20.78
CA ILE G 263 15.28 -29.23 -21.70
C ILE G 263 14.70 -30.62 -21.44
N ILE G 264 14.51 -30.97 -20.17
CA ILE G 264 13.96 -32.29 -19.86
C ILE G 264 12.53 -32.40 -20.35
N GLY G 265 11.72 -31.36 -20.12
CA GLY G 265 10.35 -31.38 -20.59
C GLY G 265 10.23 -31.43 -22.10
N ALA G 266 11.12 -30.73 -22.81
CA ALA G 266 11.08 -30.75 -24.26
C ALA G 266 11.40 -32.14 -24.81
N VAL G 267 12.38 -32.82 -24.22
CA VAL G 267 12.77 -34.14 -24.72
C VAL G 267 11.67 -35.16 -24.44
N LEU G 268 11.01 -35.05 -23.29
CA LEU G 268 9.91 -35.97 -22.99
C LEU G 268 8.77 -35.80 -23.99
N ALA G 269 8.40 -34.55 -24.29
CA ALA G 269 7.32 -34.29 -25.23
C ALA G 269 7.67 -34.78 -26.63
N GLY G 270 8.89 -34.51 -27.08
CA GLY G 270 9.28 -34.95 -28.41
C GLY G 270 9.36 -36.45 -28.52
N GLY G 271 9.97 -37.10 -27.53
CA GLY G 271 10.08 -38.56 -27.57
C GLY G 271 8.74 -39.25 -27.39
N LEU G 272 7.90 -38.72 -26.51
CA LEU G 272 6.60 -39.34 -26.26
C LEU G 272 5.69 -39.25 -27.48
N TYR G 273 5.68 -38.09 -28.14
CA TYR G 273 4.87 -37.95 -29.35
C TYR G 273 5.43 -38.78 -30.50
N GLU G 274 6.73 -38.68 -30.75
CA GLU G 274 7.30 -39.29 -31.95
C GLU G 274 7.41 -40.80 -31.85
N TYR G 275 7.44 -41.35 -30.64
CA TYR G 275 7.75 -42.76 -30.46
C TYR G 275 6.68 -43.55 -29.73
N VAL G 276 5.68 -42.90 -29.13
CA VAL G 276 4.65 -43.57 -28.36
C VAL G 276 3.26 -43.27 -28.93
N PHE G 277 2.94 -42.00 -29.14
CA PHE G 277 1.59 -41.64 -29.57
C PHE G 277 1.43 -41.74 -31.07
N CYS G 278 2.29 -41.07 -31.84
CA CYS G 278 2.17 -41.00 -33.30
C CYS G 278 3.49 -41.39 -33.94
N PRO G 279 3.84 -42.68 -33.88
CA PRO G 279 5.06 -43.22 -34.50
C PRO G 279 4.89 -43.45 -36.00
N GLN H 2 23.88 14.52 2.85
CA GLN H 2 22.78 14.94 2.00
C GLN H 2 23.30 15.44 0.67
N VAL H 3 22.41 15.67 -0.29
CA VAL H 3 22.79 16.21 -1.57
C VAL H 3 23.01 17.71 -1.43
N GLN H 4 24.05 18.22 -2.08
CA GLN H 4 24.38 19.63 -2.04
C GLN H 4 24.74 20.10 -3.44
N LEU H 5 24.50 21.38 -3.70
CA LEU H 5 24.79 21.98 -5.00
C LEU H 5 25.50 23.30 -4.81
N GLN H 6 26.43 23.61 -5.71
CA GLN H 6 27.22 24.83 -5.64
C GLN H 6 27.41 25.39 -7.03
N GLU H 7 27.03 26.65 -7.24
CA GLU H 7 27.16 27.29 -8.53
C GLU H 7 28.57 27.83 -8.73
N SER H 8 28.84 28.26 -9.96
CA SER H 8 30.14 28.84 -10.30
C SER H 8 30.05 29.56 -11.64
N GLY H 9 30.52 30.81 -11.69
CA GLY H 9 30.44 31.59 -12.90
C GLY H 9 31.22 32.88 -12.84
N PRO H 10 31.22 33.63 -13.94
CA PRO H 10 32.01 34.88 -13.99
C PRO H 10 31.49 35.95 -13.05
N GLY H 11 30.19 36.24 -13.13
CA GLY H 11 29.58 37.25 -12.28
C GLY H 11 29.52 38.64 -12.87
N LEU H 12 30.16 38.86 -14.02
CA LEU H 12 30.10 40.17 -14.66
C LEU H 12 30.38 39.97 -16.14
N VAL H 13 29.34 40.12 -16.97
CA VAL H 13 29.43 39.86 -18.41
C VAL H 13 28.97 41.11 -19.15
N LYS H 14 29.75 41.55 -20.11
CA LYS H 14 29.34 42.66 -20.95
C LYS H 14 28.23 42.21 -21.90
N PRO H 15 27.42 43.14 -22.39
CA PRO H 15 26.32 42.75 -23.27
C PRO H 15 26.80 42.05 -24.52
N SER H 16 25.99 41.11 -25.01
CA SER H 16 26.14 40.38 -26.27
C SER H 16 27.10 39.19 -26.20
N GLN H 17 27.67 38.87 -25.04
CA GLN H 17 28.44 37.64 -24.91
C GLN H 17 27.52 36.52 -24.40
N THR H 18 28.13 35.41 -24.00
CA THR H 18 27.41 34.27 -23.44
C THR H 18 27.64 34.20 -21.93
N LEU H 19 26.72 33.54 -21.24
CA LEU H 19 26.78 33.41 -19.79
C LEU H 19 27.04 31.95 -19.42
N PRO H 20 28.27 31.56 -19.14
CA PRO H 20 28.52 30.18 -18.68
C PRO H 20 28.43 30.04 -17.17
N LEU H 21 27.60 29.10 -16.72
CA LEU H 21 27.48 28.78 -15.30
C LEU H 21 27.59 27.28 -15.12
N THR H 22 28.19 26.86 -14.01
CA THR H 22 28.39 25.46 -13.70
C THR H 22 27.91 25.17 -12.29
N CYS H 23 27.24 24.03 -12.13
CA CYS H 23 26.75 23.58 -10.83
C CYS H 23 27.38 22.24 -10.52
N THR H 24 28.06 22.13 -9.38
CA THR H 24 28.75 20.92 -8.96
C THR H 24 27.96 20.26 -7.83
N VAL H 25 27.69 18.97 -7.99
CA VAL H 25 26.84 18.22 -7.08
C VAL H 25 27.71 17.37 -6.17
N SER H 26 27.41 17.38 -4.88
CA SER H 26 28.08 16.55 -3.91
C SER H 26 27.04 15.87 -3.02
N GLY H 27 27.41 14.71 -2.49
CA GLY H 27 26.50 13.93 -1.67
C GLY H 27 25.51 13.10 -2.45
N GLY H 28 25.54 13.16 -3.78
CA GLY H 28 24.64 12.38 -4.61
C GLY H 28 25.19 12.30 -6.01
N TYR H 29 24.71 11.30 -6.74
CA TYR H 29 25.20 11.00 -8.08
C TYR H 29 24.14 11.34 -9.11
N ILE H 30 24.54 12.08 -10.15
CA ILE H 30 23.60 12.48 -11.18
C ILE H 30 23.02 11.26 -11.89
N SER H 31 23.89 10.31 -12.25
CA SER H 31 23.44 9.15 -13.02
C SER H 31 22.52 8.26 -12.20
N SER H 32 22.94 7.89 -10.99
CA SER H 32 22.18 6.94 -10.17
C SER H 32 21.17 7.73 -9.35
N GLY H 33 19.98 7.87 -9.89
CA GLY H 33 18.93 8.61 -9.20
C GLY H 33 17.74 8.84 -10.10
N SER H 34 16.66 9.27 -9.48
CA SER H 34 15.39 9.54 -10.15
C SER H 34 15.08 11.03 -10.18
N HIS H 35 16.08 11.84 -10.44
CA HIS H 35 15.95 13.29 -10.45
C HIS H 35 16.57 13.87 -11.70
N GLN H 36 16.06 15.02 -12.12
CA GLN H 36 16.65 15.85 -13.16
C GLN H 36 17.32 17.05 -12.50
N TRP H 37 18.00 17.85 -13.31
CA TRP H 37 18.76 18.99 -12.81
C TRP H 37 18.54 20.18 -13.73
N GLY H 38 18.16 21.32 -13.15
CA GLY H 38 17.79 22.48 -13.92
C GLY H 38 18.23 23.76 -13.25
N TRP H 39 17.92 24.88 -13.90
CA TRP H 39 18.33 26.20 -13.46
C TRP H 39 17.11 27.09 -13.29
N ILE H 40 17.20 28.00 -12.31
CA ILE H 40 16.20 29.02 -12.06
C ILE H 40 16.92 30.33 -11.84
N ARG H 41 16.22 31.44 -12.07
CA ARG H 41 16.76 32.76 -11.80
C ARG H 41 15.70 33.61 -11.12
N GLN H 42 16.12 34.79 -10.67
CA GLN H 42 15.23 35.70 -9.95
C GLN H 42 15.73 37.13 -10.16
N PRO H 43 15.24 37.80 -11.20
CA PRO H 43 15.69 39.19 -11.43
C PRO H 43 15.38 40.07 -10.24
N ALA H 44 16.24 41.07 -10.03
CA ALA H 44 16.12 41.93 -8.86
C ALA H 44 14.72 42.48 -8.71
N GLY H 45 14.15 42.32 -7.52
CA GLY H 45 12.81 42.83 -7.26
C GLY H 45 11.73 42.18 -8.10
N LYS H 46 11.84 40.87 -8.34
CA LYS H 46 10.85 40.14 -9.12
C LYS H 46 10.79 38.70 -8.60
N GLY H 47 10.01 37.88 -9.28
CA GLY H 47 9.77 36.51 -8.85
C GLY H 47 10.63 35.51 -9.62
N LEU H 48 10.52 34.25 -9.19
CA LEU H 48 11.33 33.18 -9.76
C LEU H 48 10.86 32.86 -11.17
N GLU H 49 11.82 32.52 -12.04
CA GLU H 49 11.55 32.18 -13.43
C GLU H 49 12.35 30.95 -13.82
N TRP H 50 11.66 29.95 -14.39
CA TRP H 50 12.30 28.72 -14.81
C TRP H 50 13.13 28.93 -16.07
N ILE H 51 14.13 28.08 -16.26
CA ILE H 51 15.01 28.17 -17.43
C ILE H 51 14.98 26.86 -18.20
N GLY H 52 15.41 25.78 -17.56
CA GLY H 52 15.48 24.49 -18.23
C GLY H 52 15.99 23.42 -17.30
N ARG H 53 16.10 22.21 -17.86
CA ARG H 53 16.50 21.03 -17.10
C ARG H 53 17.41 20.17 -17.98
N ILE H 54 17.81 19.02 -17.45
CA ILE H 54 18.56 18.03 -18.20
C ILE H 54 18.50 16.72 -17.44
N TYR H 55 18.59 15.61 -18.16
CA TYR H 55 18.62 14.28 -17.60
C TYR H 55 19.99 13.65 -17.86
N THR H 56 20.27 12.57 -17.13
CA THR H 56 21.54 11.86 -17.33
C THR H 56 21.66 11.34 -18.75
N SER H 57 20.54 10.98 -19.39
CA SER H 57 20.58 10.50 -20.76
C SER H 57 20.91 11.61 -21.76
N GLY H 58 20.86 12.87 -21.36
CA GLY H 58 21.17 13.98 -22.23
C GLY H 58 19.98 14.70 -22.80
N SER H 59 18.76 14.30 -22.45
CA SER H 59 17.57 14.98 -22.94
C SER H 59 17.28 16.20 -22.09
N THR H 60 16.85 17.28 -22.74
CA THR H 60 16.68 18.57 -22.10
C THR H 60 15.30 19.14 -22.41
N ASN H 61 14.85 20.04 -21.54
CA ASN H 61 13.65 20.82 -21.76
C ASN H 61 13.92 22.26 -21.35
N TYR H 62 13.48 23.21 -22.17
CA TYR H 62 13.76 24.62 -21.96
C TYR H 62 12.46 25.42 -21.88
N ASN H 63 12.56 26.59 -21.28
CA ASN H 63 11.43 27.50 -21.24
C ASN H 63 11.09 27.95 -22.66
N PRO H 64 9.82 27.93 -23.07
CA PRO H 64 9.50 28.34 -24.44
C PRO H 64 9.98 29.75 -24.76
N SER H 65 9.93 30.67 -23.80
CA SER H 65 10.40 32.02 -24.02
C SER H 65 11.92 32.13 -24.02
N LEU H 66 12.63 31.07 -23.64
CA LEU H 66 14.09 31.06 -23.63
C LEU H 66 14.67 29.91 -24.43
N LYS H 67 13.85 29.17 -25.17
CA LYS H 67 14.33 27.97 -25.86
C LYS H 67 15.41 28.30 -26.88
N SER H 68 15.37 29.50 -27.47
CA SER H 68 16.31 29.84 -28.52
C SER H 68 17.71 30.12 -27.98
N ARG H 69 17.83 30.70 -26.79
CA ARG H 69 19.10 31.13 -26.25
C ARG H 69 19.70 30.17 -25.22
N VAL H 70 18.86 29.41 -24.53
CA VAL H 70 19.35 28.55 -23.45
C VAL H 70 20.00 27.30 -24.03
N THR H 71 21.02 26.81 -23.34
CA THR H 71 21.70 25.57 -23.71
C THR H 71 22.26 24.95 -22.44
N ILE H 72 21.86 23.71 -22.16
CA ILE H 72 22.23 23.02 -20.93
C ILE H 72 22.89 21.70 -21.29
N SER H 73 23.99 21.38 -20.60
CA SER H 73 24.73 20.16 -20.85
C SER H 73 25.07 19.50 -19.52
N VAL H 74 25.37 18.21 -19.57
CA VAL H 74 25.66 17.40 -18.39
C VAL H 74 27.02 16.75 -18.56
N ASP H 75 27.79 16.70 -17.47
CA ASP H 75 29.09 16.03 -17.43
C ASP H 75 29.06 15.07 -16.25
N THR H 76 28.58 13.85 -16.49
CA THR H 76 28.43 12.88 -15.41
C THR H 76 29.78 12.46 -14.84
N SER H 77 30.83 12.51 -15.66
CA SER H 77 32.15 12.08 -15.19
C SER H 77 32.61 12.92 -14.01
N LYS H 78 32.46 14.24 -14.11
CA LYS H 78 32.83 15.15 -13.02
C LYS H 78 31.64 15.50 -12.13
N ASN H 79 30.46 14.96 -12.40
CA ASN H 79 29.27 15.21 -11.57
C ASN H 79 28.91 16.69 -11.60
N GLN H 80 28.69 17.20 -12.81
CA GLN H 80 28.39 18.60 -13.02
C GLN H 80 27.39 18.75 -14.16
N PHE H 81 26.70 19.89 -14.18
CA PHE H 81 25.90 20.30 -15.32
C PHE H 81 26.07 21.81 -15.48
N SER H 82 25.98 22.26 -16.73
CA SER H 82 26.35 23.62 -17.08
C SER H 82 25.21 24.33 -17.79
N LEU H 83 25.30 25.65 -17.84
CA LEU H 83 24.36 26.50 -18.53
C LEU H 83 25.11 27.42 -19.48
N LYS H 84 24.50 27.72 -20.63
CA LYS H 84 25.09 28.60 -21.63
C LYS H 84 23.97 29.49 -22.17
N LEU H 85 23.90 30.72 -21.69
CA LEU H 85 22.92 31.70 -22.16
C LEU H 85 23.63 32.68 -23.08
N SER H 86 23.11 32.83 -24.30
CA SER H 86 23.73 33.65 -25.33
C SER H 86 22.98 34.96 -25.51
N SER H 87 23.67 35.92 -26.11
CA SER H 87 23.09 37.23 -26.40
C SER H 87 22.55 37.88 -25.13
N VAL H 88 23.38 37.88 -24.08
CA VAL H 88 22.96 38.45 -22.81
C VAL H 88 22.68 39.95 -22.98
N THR H 89 21.75 40.45 -22.18
CA THR H 89 21.34 41.85 -22.22
C THR H 89 21.12 42.31 -20.79
N ALA H 90 21.05 43.64 -20.60
CA ALA H 90 20.89 44.19 -19.27
C ALA H 90 19.65 43.65 -18.57
N ALA H 91 18.65 43.20 -19.32
CA ALA H 91 17.47 42.61 -18.72
C ALA H 91 17.72 41.22 -18.14
N ASP H 92 18.87 40.62 -18.42
CA ASP H 92 19.20 39.29 -17.92
C ASP H 92 19.87 39.31 -16.56
N THR H 93 20.05 40.48 -15.96
CA THR H 93 20.61 40.55 -14.63
C THR H 93 19.69 39.84 -13.64
N ALA H 94 20.25 38.96 -12.82
CA ALA H 94 19.46 38.19 -11.88
C ALA H 94 20.35 37.33 -10.98
N VAL H 95 19.73 36.59 -10.07
CA VAL H 95 20.41 35.63 -9.21
C VAL H 95 20.05 34.25 -9.70
N TYR H 96 21.04 33.47 -10.11
CA TYR H 96 20.83 32.19 -10.76
C TYR H 96 21.01 31.05 -9.76
N TYR H 97 20.05 30.13 -9.73
CA TYR H 97 20.08 28.97 -8.86
C TYR H 97 20.11 27.70 -9.70
N CYS H 98 20.80 26.69 -9.18
CA CYS H 98 20.74 25.33 -9.73
C CYS H 98 20.10 24.44 -8.68
N ALA H 99 19.05 23.72 -9.08
CA ALA H 99 18.26 22.90 -8.17
C ALA H 99 18.24 21.46 -8.67
N ARG H 100 17.53 20.61 -7.93
CA ARG H 100 17.34 19.21 -8.27
C ARG H 100 15.87 19.02 -8.60
N VAL H 101 15.57 18.81 -9.88
CA VAL H 101 14.20 18.77 -10.35
C VAL H 101 13.62 17.37 -10.12
N ASN H 102 12.47 17.32 -9.47
CA ASN H 102 11.70 16.09 -9.39
C ASN H 102 10.92 15.89 -10.70
N TYR H 103 10.52 14.65 -10.94
CA TYR H 103 9.80 14.33 -12.16
C TYR H 103 8.95 13.09 -11.93
N ASP H 104 8.01 12.87 -12.84
CA ASP H 104 7.14 11.71 -12.78
C ASP H 104 7.63 10.65 -13.75
N LEU H 105 7.66 9.40 -13.27
CA LEU H 105 8.27 8.32 -14.04
C LEU H 105 7.54 8.08 -15.35
N LEU H 106 6.20 8.15 -15.31
CA LEU H 106 5.41 7.73 -16.47
C LEU H 106 5.67 8.61 -17.68
N THR H 107 5.71 9.93 -17.49
CA THR H 107 5.83 10.87 -18.60
C THR H 107 7.17 11.56 -18.69
N GLY H 108 7.90 11.68 -17.58
CA GLY H 108 9.20 12.32 -17.61
C GLY H 108 9.18 13.82 -17.61
N ARG H 109 8.13 14.44 -17.07
CA ARG H 109 8.02 15.88 -16.99
C ARG H 109 8.51 16.37 -15.63
N ALA H 110 8.88 17.65 -15.57
CA ALA H 110 9.55 18.22 -14.42
C ALA H 110 8.55 18.64 -13.36
N ASN H 111 8.70 18.09 -12.15
CA ASN H 111 7.95 18.44 -10.96
C ASN H 111 8.72 19.48 -10.13
N PHE H 112 8.34 19.65 -8.87
CA PHE H 112 8.88 20.67 -7.99
C PHE H 112 10.41 20.55 -7.86
N PHE H 113 11.00 21.55 -7.21
CA PHE H 113 12.41 21.88 -7.37
C PHE H 113 13.21 21.80 -6.07
N ASP H 114 13.08 20.71 -5.31
CA ASP H 114 13.82 20.60 -4.06
C ASP H 114 14.97 19.60 -4.18
N PRO H 115 16.17 19.90 -3.64
CA PRO H 115 16.64 21.14 -3.00
C PRO H 115 17.18 22.18 -3.98
N TRP H 116 17.58 23.33 -3.45
CA TRP H 116 18.12 24.42 -4.25
C TRP H 116 19.59 24.64 -3.92
N GLY H 117 20.26 25.43 -4.77
CA GLY H 117 21.63 25.81 -4.56
C GLY H 117 21.74 27.07 -3.73
N GLN H 118 22.97 27.57 -3.63
CA GLN H 118 23.23 28.79 -2.87
C GLN H 118 22.88 30.04 -3.67
N GLY H 119 23.04 30.00 -4.99
CA GLY H 119 22.76 31.14 -5.83
C GLY H 119 24.02 31.93 -6.15
N THR H 120 23.98 32.63 -7.28
CA THR H 120 25.13 33.42 -7.71
C THR H 120 24.68 34.62 -8.53
N PRO H 121 24.87 35.85 -8.05
CA PRO H 121 24.41 37.01 -8.81
C PRO H 121 25.22 37.22 -10.08
N VAL H 122 24.55 37.77 -11.10
CA VAL H 122 25.16 38.12 -12.37
C VAL H 122 24.68 39.51 -12.76
N THR H 123 25.61 40.36 -13.18
CA THR H 123 25.31 41.70 -13.67
C THR H 123 25.72 41.81 -15.12
N VAL H 124 24.82 42.32 -15.95
CA VAL H 124 25.07 42.47 -17.39
C VAL H 124 25.11 43.96 -17.69
N SER H 125 26.32 44.50 -17.82
CA SER H 125 26.50 45.91 -18.12
C SER H 125 27.89 46.11 -18.70
N SER H 126 28.03 47.17 -19.50
CA SER H 126 29.30 47.50 -20.14
C SER H 126 30.14 48.48 -19.33
N ALA H 127 29.63 48.98 -18.21
CA ALA H 127 30.36 49.96 -17.43
C ALA H 127 31.64 49.38 -16.88
N SER H 128 32.68 50.20 -16.81
CA SER H 128 33.98 49.78 -16.28
C SER H 128 34.05 50.07 -14.79
N THR H 129 34.94 49.34 -14.12
CA THR H 129 35.07 49.47 -12.67
C THR H 129 35.49 50.89 -12.30
N LYS H 130 34.89 51.42 -11.23
CA LYS H 130 35.19 52.76 -10.78
C LYS H 130 34.96 52.83 -9.27
N GLY H 131 35.75 53.67 -8.61
CA GLY H 131 35.63 53.86 -7.19
C GLY H 131 34.50 54.82 -6.84
N PRO H 132 34.19 54.89 -5.55
CA PRO H 132 33.12 55.77 -5.09
C PRO H 132 33.62 57.20 -4.89
N SER H 133 32.65 58.10 -4.71
CA SER H 133 32.92 59.52 -4.44
C SER H 133 32.15 59.88 -3.17
N VAL H 134 32.81 59.74 -2.02
CA VAL H 134 32.15 59.98 -0.75
C VAL H 134 31.93 61.48 -0.56
N PHE H 135 30.73 61.86 -0.15
CA PHE H 135 30.41 63.24 0.17
C PHE H 135 29.66 63.30 1.49
N PRO H 136 29.92 64.32 2.32
CA PRO H 136 29.27 64.36 3.64
C PRO H 136 27.91 65.05 3.64
N LEU H 137 26.91 64.37 4.21
CA LEU H 137 25.59 64.95 4.40
C LEU H 137 25.57 65.60 5.79
N ALA H 138 26.16 66.79 5.87
CA ALA H 138 26.37 67.42 7.15
C ALA H 138 25.03 67.73 7.82
N PRO H 139 24.92 67.58 9.13
CA PRO H 139 23.67 67.94 9.82
C PRO H 139 23.44 69.44 9.81
N SER H 140 22.16 69.80 9.92
CA SER H 140 21.77 71.21 9.96
C SER H 140 20.46 71.32 10.72
N SER H 141 20.10 72.56 11.08
CA SER H 141 18.86 72.79 11.80
C SER H 141 17.66 72.28 11.02
N LYS H 142 17.76 72.22 9.68
CA LYS H 142 16.67 71.69 8.88
C LYS H 142 16.47 70.20 9.13
N SER H 143 17.54 69.48 9.44
CA SER H 143 17.48 68.04 9.72
C SER H 143 17.39 67.73 11.20
N THR H 144 17.21 68.74 12.05
CA THR H 144 17.11 68.56 13.49
C THR H 144 15.66 68.81 13.91
N SER H 145 15.07 67.84 14.59
CA SER H 145 13.69 67.93 15.04
C SER H 145 13.59 67.41 16.47
N GLY H 146 13.02 68.21 17.36
CA GLY H 146 12.80 67.78 18.73
C GLY H 146 14.08 67.39 19.46
N GLY H 147 15.16 68.12 19.22
CA GLY H 147 16.42 67.83 19.87
C GLY H 147 17.20 66.68 19.27
N THR H 148 16.71 66.08 18.19
CA THR H 148 17.37 64.95 17.54
C THR H 148 17.79 65.37 16.14
N ALA H 149 19.05 65.13 15.80
CA ALA H 149 19.60 65.49 14.51
C ALA H 149 19.97 64.23 13.73
N ALA H 150 20.05 64.38 12.41
CA ALA H 150 20.42 63.30 11.52
C ALA H 150 21.56 63.76 10.61
N LEU H 151 22.30 62.79 10.10
CA LEU H 151 23.40 63.06 9.19
C LEU H 151 23.73 61.77 8.45
N GLY H 152 24.44 61.91 7.34
CA GLY H 152 24.78 60.76 6.53
C GLY H 152 26.02 61.01 5.69
N CYS H 153 26.44 59.97 4.99
CA CYS H 153 27.62 60.00 4.14
C CYS H 153 27.21 59.50 2.77
N LEU H 154 27.39 60.35 1.75
CA LEU H 154 26.84 60.10 0.43
C LEU H 154 27.87 59.43 -0.47
N VAL H 155 27.47 58.33 -1.10
CA VAL H 155 28.31 57.60 -2.05
C VAL H 155 27.68 57.72 -3.43
N LYS H 156 28.50 58.02 -4.44
CA LYS H 156 28.00 58.23 -5.79
C LYS H 156 29.03 57.75 -6.79
N ASP H 157 28.54 57.26 -7.93
CA ASP H 157 29.36 56.87 -9.07
C ASP H 157 30.37 55.78 -8.68
N TYR H 158 29.82 54.63 -8.31
CA TYR H 158 30.62 53.44 -8.06
C TYR H 158 30.03 52.26 -8.83
N PHE H 159 30.89 51.32 -9.20
CA PHE H 159 30.45 50.14 -9.92
C PHE H 159 31.56 49.09 -9.94
N PRO H 160 31.25 47.80 -9.73
CA PRO H 160 29.95 47.22 -9.40
C PRO H 160 29.72 47.07 -7.90
N GLU H 161 28.64 46.39 -7.51
CA GLU H 161 28.38 46.12 -6.12
C GLU H 161 29.39 45.11 -5.57
N PRO H 162 29.55 45.04 -4.23
CA PRO H 162 28.90 45.82 -3.19
C PRO H 162 29.78 46.89 -2.58
N VAL H 163 29.20 47.73 -1.73
CA VAL H 163 29.92 48.74 -0.98
C VAL H 163 29.56 48.58 0.49
N THR H 164 30.55 48.41 1.34
CA THR H 164 30.35 48.26 2.78
C THR H 164 30.61 49.59 3.46
N VAL H 165 29.61 50.09 4.18
CA VAL H 165 29.69 51.37 4.88
C VAL H 165 29.48 51.12 6.36
N SER H 166 30.41 51.62 7.18
CA SER H 166 30.34 51.47 8.62
C SER H 166 30.66 52.81 9.28
N TRP H 167 30.17 52.98 10.51
CA TRP H 167 30.35 54.20 11.27
C TRP H 167 31.27 53.92 12.45
N ASN H 168 32.33 54.72 12.59
CA ASN H 168 33.26 54.61 13.71
C ASN H 168 33.82 53.20 13.84
N SER H 169 34.15 52.59 12.70
CA SER H 169 34.74 51.25 12.67
C SER H 169 33.84 50.25 13.38
N GLY H 170 32.53 50.41 13.23
CA GLY H 170 31.56 49.54 13.86
C GLY H 170 31.22 49.87 15.28
N ALA H 171 31.87 50.89 15.88
CA ALA H 171 31.54 51.26 17.25
C ALA H 171 30.11 51.74 17.37
N LEU H 172 29.65 52.54 16.40
CA LEU H 172 28.28 53.04 16.38
C LEU H 172 27.44 52.16 15.46
N THR H 173 26.42 51.52 16.03
CA THR H 173 25.56 50.62 15.28
C THR H 173 24.10 51.00 15.42
N SER H 174 23.74 51.62 16.55
CA SER H 174 22.37 52.02 16.78
C SER H 174 22.00 53.18 15.87
N GLY H 175 20.84 53.09 15.23
CA GLY H 175 20.36 54.13 14.36
C GLY H 175 21.00 54.18 13.00
N VAL H 176 21.78 53.16 12.63
CA VAL H 176 22.46 53.15 11.34
C VAL H 176 21.53 52.58 10.28
N HIS H 177 21.33 53.34 9.21
CA HIS H 177 20.50 52.93 8.08
C HIS H 177 21.34 52.93 6.82
N THR H 178 21.30 51.83 6.08
CA THR H 178 22.03 51.68 4.83
C THR H 178 21.00 51.50 3.71
N PHE H 179 20.87 52.52 2.87
CA PHE H 179 19.90 52.47 1.79
C PHE H 179 20.38 51.54 0.68
N PRO H 180 19.55 50.63 0.19
CA PRO H 180 19.98 49.80 -0.95
C PRO H 180 20.33 50.64 -2.16
N ALA H 181 21.34 50.20 -2.89
CA ALA H 181 21.81 50.94 -4.05
C ALA H 181 20.75 50.99 -5.13
N VAL H 182 20.77 52.07 -5.92
CA VAL H 182 19.82 52.29 -7.00
C VAL H 182 20.60 52.53 -8.29
N LEU H 183 20.20 51.85 -9.35
CA LEU H 183 20.85 52.03 -10.64
C LEU H 183 20.47 53.38 -11.25
N GLN H 184 21.45 54.05 -11.83
CA GLN H 184 21.27 55.37 -12.44
C GLN H 184 21.28 55.24 -13.95
N SER H 185 20.81 56.31 -14.61
CA SER H 185 20.73 56.31 -16.06
C SER H 185 22.11 56.13 -16.69
N SER H 186 23.13 56.75 -16.09
CA SER H 186 24.49 56.61 -16.60
C SER H 186 25.03 55.20 -16.47
N GLY H 187 24.38 54.34 -15.71
CA GLY H 187 24.86 52.99 -15.48
C GLY H 187 25.72 52.82 -14.25
N LEU H 188 25.75 53.81 -13.36
CA LEU H 188 26.54 53.76 -12.14
C LEU H 188 25.62 53.73 -10.94
N TYR H 189 26.01 52.97 -9.91
CA TYR H 189 25.21 52.82 -8.71
C TYR H 189 25.53 53.93 -7.71
N SER H 190 24.61 54.13 -6.78
CA SER H 190 24.79 55.13 -5.74
C SER H 190 23.84 54.84 -4.59
N LEU H 191 24.31 55.07 -3.36
CA LEU H 191 23.52 54.84 -2.17
C LEU H 191 23.94 55.83 -1.09
N SER H 192 23.03 56.08 -0.15
CA SER H 192 23.25 57.04 0.92
C SER H 192 22.97 56.36 2.25
N SER H 193 23.87 56.56 3.22
CA SER H 193 23.72 56.02 4.57
C SER H 193 23.53 57.18 5.53
N VAL H 194 22.45 57.15 6.29
CA VAL H 194 22.10 58.21 7.23
C VAL H 194 21.89 57.58 8.61
N VAL H 195 22.48 58.17 9.63
CA VAL H 195 22.35 57.71 11.01
C VAL H 195 21.87 58.87 11.85
N THR H 196 20.87 58.60 12.70
CA THR H 196 20.29 59.61 13.56
C THR H 196 21.05 59.65 14.89
N VAL H 197 21.45 60.84 15.30
CA VAL H 197 22.17 61.02 16.56
C VAL H 197 21.57 62.21 17.31
N PRO H 198 21.68 62.27 18.64
CA PRO H 198 21.15 63.42 19.37
C PRO H 198 21.83 64.71 18.95
N SER H 199 21.04 65.79 18.93
CA SER H 199 21.58 67.09 18.54
C SER H 199 22.67 67.56 19.49
N SER H 200 22.46 67.35 20.80
CA SER H 200 23.42 67.82 21.78
C SER H 200 24.80 67.19 21.59
N SER H 201 24.85 66.02 20.98
CA SER H 201 26.11 65.31 20.76
C SER H 201 26.81 65.72 19.48
N LEU H 202 26.23 66.64 18.70
CA LEU H 202 26.89 67.08 17.49
C LEU H 202 28.21 67.79 17.80
N GLY H 203 28.22 68.62 18.84
CA GLY H 203 29.40 69.34 19.26
C GLY H 203 30.32 68.56 20.18
N THR H 204 30.11 67.26 20.31
CA THR H 204 30.94 66.40 21.15
C THR H 204 31.69 65.35 20.36
N GLN H 205 31.06 64.76 19.35
CA GLN H 205 31.66 63.69 18.55
C GLN H 205 31.67 64.11 17.08
N THR H 206 32.79 63.85 16.41
CA THR H 206 32.93 64.04 14.97
C THR H 206 32.85 62.67 14.32
N TYR H 207 31.67 62.33 13.82
CA TYR H 207 31.44 60.99 13.29
C TYR H 207 32.25 60.76 12.02
N ILE H 208 32.43 59.49 11.69
CA ILE H 208 33.25 59.06 10.57
C ILE H 208 32.47 58.01 9.78
N CYS H 209 32.46 58.15 8.45
CA CYS H 209 31.81 57.17 7.57
C CYS H 209 32.91 56.38 6.88
N ASN H 210 33.02 55.10 7.21
CA ASN H 210 34.03 54.23 6.63
C ASN H 210 33.45 53.60 5.37
N VAL H 211 34.03 53.95 4.22
CA VAL H 211 33.58 53.44 2.92
C VAL H 211 34.70 52.58 2.34
N ASN H 212 34.36 51.34 1.99
CA ASN H 212 35.32 50.39 1.46
C ASN H 212 34.70 49.69 0.25
N HIS H 213 35.52 49.45 -0.77
CA HIS H 213 35.03 48.97 -2.07
C HIS H 213 35.97 47.86 -2.55
N LYS H 214 35.54 46.61 -2.38
CA LYS H 214 36.36 45.47 -2.81
C LYS H 214 36.63 45.48 -4.31
N PRO H 215 35.66 45.70 -5.20
CA PRO H 215 35.94 45.54 -6.64
C PRO H 215 37.10 46.40 -7.13
N SER H 216 37.23 47.62 -6.63
CA SER H 216 38.32 48.51 -7.02
C SER H 216 39.44 48.54 -5.98
N ASN H 217 39.33 47.78 -4.90
CA ASN H 217 40.34 47.77 -3.85
C ASN H 217 40.60 49.18 -3.34
N THR H 218 39.52 49.95 -3.17
CA THR H 218 39.60 51.34 -2.75
C THR H 218 38.99 51.47 -1.36
N LYS H 219 39.75 52.05 -0.43
CA LYS H 219 39.32 52.28 0.94
C LYS H 219 39.44 53.77 1.25
N VAL H 220 38.32 54.40 1.58
CA VAL H 220 38.27 55.85 1.81
C VAL H 220 37.50 56.11 3.09
N ASP H 221 37.96 57.08 3.86
CA ASP H 221 37.30 57.51 5.09
C ASP H 221 37.06 59.02 5.02
N LYS H 222 35.83 59.43 5.31
CA LYS H 222 35.46 60.84 5.30
C LYS H 222 34.77 61.20 6.61
N LYS H 223 35.13 62.35 7.16
CA LYS H 223 34.59 62.82 8.44
C LYS H 223 33.41 63.74 8.18
N VAL H 224 32.33 63.55 8.92
CA VAL H 224 31.10 64.32 8.78
C VAL H 224 30.97 65.23 9.99
N GLU H 225 30.81 66.52 9.73
CA GLU H 225 30.62 67.52 10.76
C GLU H 225 29.59 68.54 10.27
N PRO H 226 28.94 69.25 11.19
CA PRO H 226 27.98 70.28 10.76
C PRO H 226 28.65 71.34 9.91
N LYS H 227 27.93 71.81 8.89
CA LYS H 227 28.48 72.80 7.99
C LYS H 227 28.75 74.10 8.72
N SER H 228 29.90 74.73 8.40
CA SER H 228 30.25 76.00 9.03
C SER H 228 29.31 77.12 8.63
N CYS H 229 28.53 76.94 7.56
CA CYS H 229 27.57 77.95 7.13
C CYS H 229 26.27 77.83 7.92
N GLU I 1 -0.20 28.29 -21.36
CA GLU I 1 0.39 28.18 -20.04
C GLU I 1 -0.59 28.66 -18.97
N ILE I 2 -0.62 27.95 -17.84
CA ILE I 2 -1.47 28.33 -16.73
C ILE I 2 -0.84 29.50 -16.00
N VAL I 3 -1.60 30.57 -15.81
CA VAL I 3 -1.11 31.78 -15.16
C VAL I 3 -1.58 31.74 -13.70
N LEU I 4 -0.63 31.83 -12.78
CA LEU I 4 -0.91 31.78 -11.36
C LEU I 4 -0.91 33.19 -10.79
N THR I 5 -1.94 33.50 -9.98
CA THR I 5 -2.05 34.79 -9.31
C THR I 5 -2.12 34.56 -7.81
N GLN I 6 -1.35 35.34 -7.07
CA GLN I 6 -1.29 35.24 -5.61
C GLN I 6 -1.73 36.56 -5.00
N SER I 7 -2.69 36.49 -4.09
CA SER I 7 -3.20 37.65 -3.40
C SER I 7 -3.37 37.32 -1.92
N PRO I 8 -3.29 38.32 -1.03
CA PRO I 8 -2.97 39.72 -1.30
C PRO I 8 -1.52 39.95 -1.66
N GLY I 9 -1.20 41.08 -2.28
CA GLY I 9 0.19 41.38 -2.60
C GLY I 9 1.06 41.42 -1.36
N THR I 10 0.56 42.03 -0.28
CA THR I 10 1.22 42.02 1.01
C THR I 10 0.19 41.66 2.08
N LEU I 11 0.63 40.90 3.07
CA LEU I 11 -0.25 40.42 4.14
C LEU I 11 0.34 40.80 5.47
N SER I 12 -0.45 41.49 6.30
CA SER I 12 0.02 42.05 7.56
C SER I 12 -0.72 41.41 8.73
N LEU I 13 0.03 40.97 9.74
CA LEU I 13 -0.54 40.43 10.96
C LEU I 13 0.45 40.63 12.10
N SER I 14 -0.06 40.52 13.32
CA SER I 14 0.79 40.45 14.50
C SER I 14 1.34 39.05 14.65
N PRO I 15 2.44 38.88 15.37
CA PRO I 15 2.92 37.52 15.65
C PRO I 15 1.88 36.72 16.40
N GLY I 16 1.77 35.44 16.05
CA GLY I 16 0.88 34.52 16.72
C GLY I 16 -0.46 34.31 16.04
N GLU I 17 -0.88 35.21 15.15
CA GLU I 17 -2.15 35.04 14.47
C GLU I 17 -2.04 33.94 13.42
N ARG I 18 -3.17 33.68 12.75
CA ARG I 18 -3.24 32.70 11.68
C ARG I 18 -3.12 33.40 10.34
N ALA I 19 -2.24 32.90 9.49
CA ALA I 19 -2.00 33.47 8.17
C ALA I 19 -2.45 32.48 7.10
N THR I 20 -3.22 32.97 6.14
CA THR I 20 -3.72 32.15 5.03
C THR I 20 -3.40 32.86 3.72
N LEU I 21 -2.83 32.11 2.78
CA LEU I 21 -2.41 32.64 1.49
C LEU I 21 -3.16 31.92 0.38
N SER I 22 -3.48 32.65 -0.68
CA SER I 22 -4.31 32.15 -1.77
C SER I 22 -3.51 32.16 -3.07
N CYS I 23 -3.54 31.04 -3.79
CA CYS I 23 -2.94 30.91 -5.11
C CYS I 23 -4.01 30.37 -6.05
N ARG I 24 -4.53 31.25 -6.91
CA ARG I 24 -5.62 30.92 -7.81
C ARG I 24 -5.07 30.71 -9.22
N ALA I 25 -5.48 29.62 -9.87
CA ALA I 25 -4.97 29.25 -11.17
C ALA I 25 -5.96 29.66 -12.27
N SER I 26 -5.42 30.17 -13.37
CA SER I 26 -6.25 30.57 -14.50
C SER I 26 -6.86 29.40 -15.24
N GLN I 27 -6.44 28.17 -14.94
CA GLN I 27 -6.96 26.99 -15.61
C GLN I 27 -6.84 25.80 -14.67
N SER I 28 -7.64 24.78 -14.92
CA SER I 28 -7.64 23.60 -14.07
C SER I 28 -6.25 22.97 -14.01
N VAL I 29 -5.81 22.62 -12.80
CA VAL I 29 -4.50 22.02 -12.57
C VAL I 29 -4.73 20.54 -12.26
N SER I 30 -4.13 19.68 -13.06
CA SER I 30 -4.40 18.25 -12.97
C SER I 30 -3.74 17.64 -11.74
N SER I 31 -4.47 16.71 -11.11
CA SER I 31 -3.94 15.89 -10.01
C SER I 31 -3.40 16.73 -8.87
N ARG I 32 -4.02 17.87 -8.59
CA ARG I 32 -3.65 18.71 -7.44
C ARG I 32 -2.14 18.98 -7.45
N SER I 33 -1.65 19.40 -8.62
CA SER I 33 -0.22 19.58 -8.83
C SER I 33 0.16 21.03 -8.55
N VAL I 34 0.31 21.35 -7.27
CA VAL I 34 0.77 22.66 -6.84
C VAL I 34 1.71 22.48 -5.66
N ALA I 35 2.75 23.31 -5.62
CA ALA I 35 3.74 23.29 -4.55
C ALA I 35 4.01 24.72 -4.08
N TRP I 36 4.48 24.83 -2.84
CA TRP I 36 4.71 26.12 -2.20
C TRP I 36 6.17 26.25 -1.80
N TYR I 37 6.71 27.46 -1.91
CA TYR I 37 8.09 27.76 -1.54
C TYR I 37 8.14 28.99 -0.65
N GLN I 38 9.15 29.03 0.21
CA GLN I 38 9.38 30.15 1.12
C GLN I 38 10.83 30.59 0.98
N GLN I 39 11.03 31.87 0.62
CA GLN I 39 12.36 32.41 0.40
C GLN I 39 12.64 33.49 1.42
N LYS I 40 13.69 33.32 2.20
CA LYS I 40 14.19 34.39 3.05
C LYS I 40 14.88 35.44 2.17
N PRO I 41 14.60 36.72 2.38
CA PRO I 41 15.26 37.75 1.55
C PRO I 41 16.77 37.59 1.58
N GLY I 42 17.36 37.47 0.39
CA GLY I 42 18.79 37.24 0.29
C GLY I 42 19.22 35.81 0.53
N GLN I 43 18.35 34.85 0.25
CA GLN I 43 18.68 33.43 0.44
C GLN I 43 17.93 32.61 -0.60
N ALA I 44 18.43 31.41 -0.84
CA ALA I 44 17.80 30.52 -1.80
C ALA I 44 16.41 30.09 -1.30
N PRO I 45 15.46 29.87 -2.21
CA PRO I 45 14.13 29.44 -1.77
C PRO I 45 14.15 28.10 -1.06
N ARG I 46 12.98 27.68 -0.59
CA ARG I 46 12.82 26.46 0.20
C ARG I 46 11.50 25.81 -0.19
N LEU I 47 11.43 24.49 -0.08
CA LEU I 47 10.23 23.76 -0.44
C LEU I 47 9.44 23.44 0.82
N LEU I 48 8.15 23.77 0.80
CA LEU I 48 7.26 23.54 1.94
C LEU I 48 6.24 22.45 1.65
N ILE I 49 5.47 22.60 0.59
CA ILE I 49 4.37 21.68 0.27
C ILE I 49 4.52 21.26 -1.19
N TYR I 50 4.22 19.99 -1.46
CA TYR I 50 4.14 19.48 -2.82
C TYR I 50 2.87 18.65 -2.96
N GLY I 51 2.22 18.78 -4.11
CA GLY I 51 0.93 18.15 -4.32
C GLY I 51 -0.23 18.89 -3.69
N ALA I 52 0.02 20.05 -3.08
CA ALA I 52 -0.95 20.92 -2.43
C ALA I 52 -1.38 20.39 -1.06
N SER I 53 -0.99 19.17 -0.67
CA SER I 53 -1.38 18.63 0.62
C SER I 53 -0.28 17.91 1.37
N ASN I 54 0.84 17.57 0.73
CA ASN I 54 1.90 16.81 1.37
C ASN I 54 3.01 17.75 1.85
N ARG I 55 3.55 17.46 3.03
CA ARG I 55 4.56 18.29 3.66
C ARG I 55 5.94 17.68 3.45
N ALA I 56 6.92 18.53 3.16
CA ALA I 56 8.28 18.07 2.96
C ALA I 56 8.89 17.63 4.28
N THR I 57 9.98 16.87 4.17
CA THR I 57 10.65 16.36 5.37
C THR I 57 11.29 17.50 6.15
N GLY I 58 11.07 17.50 7.47
CA GLY I 58 11.68 18.48 8.33
C GLY I 58 11.01 19.83 8.37
N ILE I 59 9.82 19.96 7.76
CA ILE I 59 9.09 21.23 7.77
C ILE I 59 8.24 21.29 9.02
N PRO I 60 8.19 22.42 9.73
CA PRO I 60 7.37 22.49 10.95
C PRO I 60 5.92 22.17 10.65
N ASP I 61 5.27 21.52 11.62
CA ASP I 61 3.89 21.08 11.47
C ASP I 61 2.90 22.23 11.39
N ARG I 62 3.32 23.46 11.69
CA ARG I 62 2.43 24.60 11.57
C ARG I 62 2.14 24.96 10.11
N PHE I 63 2.87 24.39 9.16
CA PHE I 63 2.62 24.63 7.74
C PHE I 63 1.73 23.53 7.19
N SER I 64 0.62 23.93 6.58
CA SER I 64 -0.31 23.00 5.97
C SER I 64 -0.97 23.68 4.77
N GLY I 65 -1.19 22.92 3.71
CA GLY I 65 -1.85 23.43 2.53
C GLY I 65 -2.94 22.48 2.08
N SER I 66 -3.86 23.02 1.30
CA SER I 66 -4.99 22.23 0.80
C SER I 66 -5.63 23.00 -0.35
N GLY I 67 -6.54 22.32 -1.04
CA GLY I 67 -7.24 22.87 -2.17
C GLY I 67 -7.26 21.89 -3.33
N SER I 68 -7.87 22.34 -4.43
CA SER I 68 -7.98 21.54 -5.64
C SER I 68 -8.65 22.41 -6.70
N GLY I 69 -8.66 21.90 -7.93
CA GLY I 69 -9.29 22.60 -9.02
C GLY I 69 -8.46 23.76 -9.53
N THR I 70 -8.89 24.98 -9.20
CA THR I 70 -8.16 26.19 -9.56
C THR I 70 -7.97 27.11 -8.36
N ASP I 71 -8.05 26.58 -7.14
CA ASP I 71 -7.88 27.38 -5.93
C ASP I 71 -7.17 26.54 -4.88
N PHE I 72 -6.02 27.02 -4.42
CA PHE I 72 -5.21 26.33 -3.41
C PHE I 72 -4.84 27.33 -2.32
N THR I 73 -4.74 26.84 -1.09
CA THR I 73 -4.47 27.70 0.06
C THR I 73 -3.33 27.13 0.89
N LEU I 74 -2.49 28.03 1.39
CA LEU I 74 -1.48 27.72 2.38
C LEU I 74 -1.85 28.42 3.67
N THR I 75 -1.92 27.66 4.76
CA THR I 75 -2.35 28.18 6.06
C THR I 75 -1.30 27.87 7.11
N ILE I 76 -1.03 28.85 7.97
CA ILE I 76 -0.09 28.71 9.08
C ILE I 76 -0.89 28.80 10.37
N SER I 77 -0.78 27.79 11.22
CA SER I 77 -1.53 27.77 12.46
C SER I 77 -1.15 28.94 13.37
N ARG I 78 0.16 29.10 13.60
CA ARG I 78 0.66 30.17 14.46
C ARG I 78 1.91 30.75 13.84
N LEU I 79 1.93 32.07 13.67
CA LEU I 79 3.08 32.73 13.07
C LEU I 79 4.27 32.69 14.03
N GLU I 80 5.45 32.92 13.47
CA GLU I 80 6.72 32.97 14.18
C GLU I 80 7.50 34.17 13.69
N PRO I 81 8.51 34.61 14.45
CA PRO I 81 9.29 35.77 14.01
C PRO I 81 9.95 35.57 12.65
N GLU I 82 10.27 34.34 12.29
CA GLU I 82 10.98 34.05 11.04
C GLU I 82 10.04 33.65 9.90
N ASP I 83 8.73 33.70 10.11
CA ASP I 83 7.77 33.36 9.06
C ASP I 83 7.33 34.56 8.24
N PHE I 84 7.84 35.76 8.53
CA PHE I 84 7.48 36.95 7.76
C PHE I 84 8.46 37.12 6.60
N VAL I 85 8.28 36.26 5.59
CA VAL I 85 9.10 36.25 4.38
C VAL I 85 8.20 35.96 3.19
N VAL I 86 8.78 36.06 1.99
CA VAL I 86 8.01 35.89 0.76
C VAL I 86 7.63 34.42 0.58
N PHE I 87 6.51 34.19 -0.09
CA PHE I 87 5.98 32.86 -0.35
C PHE I 87 5.60 32.75 -1.81
N TYR I 88 5.98 31.64 -2.45
CA TYR I 88 5.72 31.40 -3.86
C TYR I 88 4.92 30.12 -4.02
N CYS I 89 4.04 30.12 -5.02
CA CYS I 89 3.26 28.94 -5.38
C CYS I 89 3.59 28.54 -6.81
N GLN I 90 3.79 27.24 -7.00
CA GLN I 90 4.15 26.67 -8.30
C GLN I 90 3.08 25.68 -8.73
N GLN I 91 2.86 25.60 -10.05
CA GLN I 91 2.01 24.60 -10.64
C GLN I 91 2.81 23.78 -11.64
N TYR I 92 2.59 22.45 -11.62
CA TYR I 92 3.24 21.56 -12.56
C TYR I 92 2.27 20.53 -13.11
N GLY I 93 1.01 20.91 -13.29
CA GLY I 93 0.02 20.02 -13.84
C GLY I 93 0.02 20.02 -15.36
N SER I 94 0.58 21.07 -15.96
CA SER I 94 0.68 21.15 -17.40
C SER I 94 1.90 21.99 -17.76
N SER I 95 2.72 21.48 -18.68
CA SER I 95 3.91 22.20 -19.08
C SER I 95 3.55 23.43 -19.91
N PRO I 96 4.37 24.49 -19.87
CA PRO I 96 5.60 24.60 -19.08
C PRO I 96 5.35 24.96 -17.62
N LEU I 97 6.35 24.73 -16.78
CA LEU I 97 6.25 25.08 -15.37
C LEU I 97 6.10 26.59 -15.21
N THR I 98 5.33 27.00 -14.21
CA THR I 98 5.12 28.41 -13.93
C THR I 98 5.13 28.63 -12.42
N PHE I 99 5.55 29.84 -12.03
CA PHE I 99 5.60 30.25 -10.64
C PHE I 99 4.52 31.30 -10.37
N GLY I 100 4.36 31.63 -9.09
CA GLY I 100 3.48 32.69 -8.68
C GLY I 100 4.17 34.04 -8.73
N GLY I 101 3.53 35.03 -8.12
CA GLY I 101 4.05 36.37 -8.08
C GLY I 101 4.76 36.67 -6.77
N GLY I 102 4.30 36.08 -5.69
CA GLY I 102 4.92 36.27 -4.38
C GLY I 102 4.01 37.07 -3.46
N THR I 103 3.90 36.62 -2.21
CA THR I 103 3.04 37.25 -1.21
C THR I 103 3.90 37.54 0.02
N LYS I 104 4.40 38.76 0.13
CA LYS I 104 5.19 39.16 1.28
C LYS I 104 4.32 39.23 2.53
N VAL I 105 4.87 38.80 3.65
CA VAL I 105 4.22 38.88 4.95
C VAL I 105 5.03 39.84 5.81
N GLU I 106 4.36 40.81 6.43
CA GLU I 106 5.01 41.82 7.24
C GLU I 106 4.38 41.87 8.62
N ILE I 107 5.15 42.34 9.59
CA ILE I 107 4.67 42.47 10.96
C ILE I 107 3.80 43.73 11.04
N LYS I 108 2.55 43.56 11.45
CA LYS I 108 1.65 44.69 11.61
C LYS I 108 2.01 45.45 12.87
N ARG I 109 1.81 46.77 12.83
CA ARG I 109 2.19 47.63 13.93
C ARG I 109 1.28 48.86 13.95
N THR I 110 1.25 49.53 15.10
CA THR I 110 0.45 50.74 15.24
C THR I 110 0.94 51.81 14.27
N VAL I 111 0.01 52.60 13.75
CA VAL I 111 0.37 53.61 12.76
C VAL I 111 1.35 54.60 13.37
N ALA I 112 2.38 54.94 12.60
CA ALA I 112 3.37 55.93 13.01
C ALA I 112 3.63 56.86 11.83
N ALA I 113 4.07 58.09 12.16
CA ALA I 113 4.25 59.11 11.13
C ALA I 113 5.73 59.31 10.80
N PRO I 114 6.04 59.67 9.56
CA PRO I 114 7.43 59.89 9.19
C PRO I 114 7.96 61.21 9.75
N SER I 115 9.28 61.26 9.90
CA SER I 115 9.99 62.47 10.34
C SER I 115 10.78 62.98 9.14
N VAL I 116 10.35 64.12 8.60
CA VAL I 116 10.90 64.63 7.35
C VAL I 116 12.12 65.50 7.65
N PHE I 117 13.28 65.07 7.16
CA PHE I 117 14.52 65.81 7.24
C PHE I 117 14.98 66.16 5.82
N ILE I 118 15.69 67.28 5.70
CA ILE I 118 16.20 67.73 4.42
C ILE I 118 17.70 67.97 4.55
N PHE I 119 18.41 67.83 3.41
CA PHE I 119 19.86 67.98 3.42
C PHE I 119 20.32 68.72 2.16
N PRO I 120 20.94 69.89 2.29
CA PRO I 120 21.48 70.58 1.12
C PRO I 120 22.65 69.82 0.53
N PRO I 121 22.98 70.06 -0.74
CA PRO I 121 24.11 69.37 -1.35
C PRO I 121 25.44 69.81 -0.75
N SER I 122 26.43 68.93 -0.85
CA SER I 122 27.76 69.21 -0.33
C SER I 122 28.61 69.94 -1.36
N ASP I 123 29.56 70.72 -0.86
CA ASP I 123 30.44 71.47 -1.75
C ASP I 123 31.31 70.54 -2.59
N GLU I 124 31.82 69.46 -1.98
CA GLU I 124 32.72 68.57 -2.70
C GLU I 124 32.06 68.00 -3.95
N GLN I 125 30.80 67.57 -3.83
CA GLN I 125 30.07 67.11 -5.02
C GLN I 125 29.89 68.25 -6.02
N LEU I 126 29.64 69.46 -5.51
CA LEU I 126 29.44 70.60 -6.41
C LEU I 126 30.66 70.89 -7.24
N LYS I 127 31.86 70.64 -6.69
CA LYS I 127 33.09 70.89 -7.45
C LYS I 127 33.17 70.01 -8.70
N SER I 128 32.54 68.84 -8.66
CA SER I 128 32.58 67.91 -9.78
C SER I 128 31.53 68.21 -10.83
N GLY I 129 30.69 69.22 -10.63
CA GLY I 129 29.65 69.56 -11.58
C GLY I 129 28.35 68.82 -11.41
N THR I 130 28.16 68.12 -10.28
CA THR I 130 26.93 67.39 -10.00
C THR I 130 26.40 67.82 -8.65
N ALA I 131 25.07 67.89 -8.53
CA ALA I 131 24.40 68.28 -7.30
C ALA I 131 23.34 67.24 -6.96
N SER I 132 23.27 66.87 -5.68
CA SER I 132 22.32 65.88 -5.19
C SER I 132 21.57 66.46 -4.00
N VAL I 133 20.25 66.33 -4.02
CA VAL I 133 19.39 66.77 -2.93
C VAL I 133 18.50 65.60 -2.53
N VAL I 134 18.51 65.27 -1.24
CA VAL I 134 17.79 64.11 -0.74
C VAL I 134 16.95 64.53 0.45
N CYS I 135 15.68 64.12 0.46
CA CYS I 135 14.79 64.30 1.60
C CYS I 135 14.51 62.94 2.21
N LEU I 136 14.69 62.83 3.53
CA LEU I 136 14.67 61.55 4.23
C LEU I 136 13.38 61.40 5.03
N LEU I 137 12.81 60.20 4.97
CA LEU I 137 11.68 59.81 5.80
C LEU I 137 12.13 58.69 6.73
N ASN I 138 11.88 58.85 8.03
CA ASN I 138 12.40 57.95 9.04
C ASN I 138 11.27 57.37 9.90
N ASN I 139 11.37 56.08 10.19
CA ASN I 139 10.54 55.42 11.19
C ASN I 139 9.05 55.72 10.97
N PHE I 140 8.54 55.23 9.84
CA PHE I 140 7.15 55.40 9.48
C PHE I 140 6.50 54.04 9.22
N TYR I 141 5.17 54.04 9.20
CA TYR I 141 4.38 52.85 8.93
C TYR I 141 2.94 53.28 8.68
N PRO I 142 2.22 52.66 7.72
CA PRO I 142 2.59 51.59 6.79
C PRO I 142 3.66 51.98 5.78
N ARG I 143 4.09 51.00 4.98
CA ARG I 143 5.18 51.24 4.03
C ARG I 143 4.80 52.27 2.99
N GLU I 144 3.59 52.20 2.45
CA GLU I 144 3.23 53.05 1.33
C GLU I 144 3.30 54.52 1.71
N ALA I 145 3.86 55.32 0.80
CA ALA I 145 3.97 56.76 0.96
C ALA I 145 4.35 57.34 -0.39
N LYS I 146 4.08 58.63 -0.56
CA LYS I 146 4.33 59.31 -1.83
C LYS I 146 5.08 60.61 -1.56
N VAL I 147 6.07 60.89 -2.41
CA VAL I 147 6.91 62.07 -2.27
C VAL I 147 7.16 62.66 -3.64
N GLN I 148 7.21 64.00 -3.71
CA GLN I 148 7.47 64.71 -4.95
C GLN I 148 8.46 65.83 -4.68
N TRP I 149 9.21 66.19 -5.73
CA TRP I 149 10.22 67.24 -5.68
C TRP I 149 9.72 68.46 -6.42
N LYS I 150 9.81 69.62 -5.79
CA LYS I 150 9.39 70.89 -6.38
C LYS I 150 10.59 71.83 -6.45
N VAL I 151 10.82 72.39 -7.62
CA VAL I 151 11.88 73.37 -7.85
C VAL I 151 11.21 74.69 -8.21
N ASP I 152 11.40 75.71 -7.38
CA ASP I 152 10.73 77.00 -7.56
C ASP I 152 9.22 76.80 -7.71
N ASN I 153 8.68 75.89 -6.90
CA ASN I 153 7.26 75.54 -6.94
C ASN I 153 6.88 74.93 -8.29
N ALA I 154 7.82 74.23 -8.92
CA ALA I 154 7.58 73.53 -10.18
C ALA I 154 7.80 72.05 -9.95
N LEU I 155 6.78 71.24 -10.28
CA LEU I 155 6.87 69.81 -10.06
C LEU I 155 7.97 69.20 -10.92
N GLN I 156 8.73 68.29 -10.32
CA GLN I 156 9.80 67.59 -11.00
C GLN I 156 9.37 66.17 -11.29
N SER I 157 9.50 65.75 -12.55
CA SER I 157 9.12 64.42 -12.99
C SER I 157 10.19 63.85 -13.89
N GLY I 158 10.45 62.55 -13.74
CA GLY I 158 11.43 61.88 -14.58
C GLY I 158 12.87 62.04 -14.14
N ASN I 159 13.11 62.63 -12.96
CA ASN I 159 14.48 62.83 -12.49
C ASN I 159 14.62 62.55 -10.99
N SER I 160 13.71 61.79 -10.40
CA SER I 160 13.74 61.49 -8.97
C SER I 160 13.78 59.98 -8.77
N GLN I 161 14.61 59.54 -7.82
CA GLN I 161 14.75 58.13 -7.47
C GLN I 161 14.32 57.91 -6.02
N GLU I 162 13.76 56.74 -5.76
CA GLU I 162 13.25 56.38 -4.44
C GLU I 162 13.88 55.08 -3.99
N SER I 163 14.25 55.03 -2.71
CA SER I 163 14.83 53.83 -2.10
C SER I 163 14.27 53.68 -0.70
N VAL I 164 13.91 52.44 -0.33
CA VAL I 164 13.30 52.15 0.95
C VAL I 164 14.03 50.97 1.58
N THR I 165 14.37 51.09 2.87
CA THR I 165 15.02 50.02 3.58
C THR I 165 14.00 48.95 3.97
N GLU I 166 14.51 47.76 4.26
CA GLU I 166 13.66 46.66 4.67
C GLU I 166 13.14 46.91 6.09
N GLN I 167 12.03 46.24 6.40
CA GLN I 167 11.40 46.40 7.71
C GLN I 167 12.39 46.12 8.82
N ASP I 168 12.47 47.03 9.79
CA ASP I 168 13.47 46.92 10.84
C ASP I 168 13.13 45.78 11.78
N SER I 169 14.16 45.28 12.47
CA SER I 169 14.01 44.17 13.40
C SER I 169 13.70 44.61 14.83
N LYS I 170 13.75 45.90 15.12
CA LYS I 170 13.51 46.41 16.47
C LYS I 170 12.15 47.07 16.60
N ASP I 171 11.85 48.05 15.76
CA ASP I 171 10.56 48.74 15.77
C ASP I 171 9.70 48.40 14.55
N SER I 172 10.22 47.61 13.61
CA SER I 172 9.46 47.20 12.43
C SER I 172 8.88 48.41 11.70
N THR I 173 9.76 49.35 11.36
CA THR I 173 9.38 50.54 10.61
C THR I 173 10.36 50.74 9.46
N TYR I 174 9.86 51.32 8.37
CA TYR I 174 10.64 51.54 7.18
C TYR I 174 11.29 52.93 7.22
N SER I 175 12.03 53.26 6.16
CA SER I 175 12.72 54.54 6.07
C SER I 175 12.90 54.86 4.59
N LEU I 176 12.09 55.79 4.08
CA LEU I 176 12.11 56.14 2.68
C LEU I 176 13.00 57.35 2.44
N SER I 177 13.44 57.51 1.19
CA SER I 177 14.25 58.65 0.82
C SER I 177 14.15 58.86 -0.69
N SER I 178 14.01 60.11 -1.09
CA SER I 178 13.99 60.50 -2.50
C SER I 178 15.20 61.36 -2.79
N THR I 179 15.95 61.01 -3.84
CA THR I 179 17.17 61.72 -4.21
C THR I 179 16.92 62.48 -5.50
N LEU I 180 17.28 63.76 -5.51
CA LEU I 180 17.13 64.63 -6.67
C LEU I 180 18.50 64.91 -7.25
N THR I 181 18.69 64.56 -8.53
CA THR I 181 19.94 64.76 -9.22
C THR I 181 19.76 65.85 -10.27
N LEU I 182 20.54 66.93 -10.15
CA LEU I 182 20.52 68.03 -11.10
C LEU I 182 21.94 68.52 -11.32
N SER I 183 22.27 68.82 -12.57
CA SER I 183 23.60 69.30 -12.88
C SER I 183 23.88 70.62 -12.16
N LYS I 184 25.14 71.05 -12.22
CA LYS I 184 25.54 72.27 -11.53
C LYS I 184 24.76 73.47 -12.03
N ALA I 185 24.58 73.57 -13.36
CA ALA I 185 23.89 74.73 -13.93
C ALA I 185 22.45 74.80 -13.43
N ASP I 186 21.75 73.67 -13.41
CA ASP I 186 20.36 73.67 -12.97
C ASP I 186 20.25 74.05 -11.49
N TYR I 187 21.15 73.52 -10.67
CA TYR I 187 21.10 73.81 -9.24
C TYR I 187 21.32 75.30 -8.98
N GLU I 188 22.30 75.90 -9.64
CA GLU I 188 22.62 77.30 -9.39
C GLU I 188 21.47 78.22 -9.81
N LYS I 189 20.85 77.93 -10.96
CA LYS I 189 19.81 78.81 -11.48
C LYS I 189 18.65 78.93 -10.50
N HIS I 190 18.20 77.81 -9.96
CA HIS I 190 17.06 77.80 -9.05
C HIS I 190 17.53 78.06 -7.62
N LYS I 191 16.62 78.56 -6.80
CA LYS I 191 16.96 79.06 -5.47
C LYS I 191 16.21 78.37 -4.35
N VAL I 192 15.01 77.82 -4.60
CA VAL I 192 14.16 77.25 -3.57
C VAL I 192 13.82 75.81 -3.94
N TYR I 193 13.91 74.92 -2.95
CA TYR I 193 13.59 73.51 -3.12
C TYR I 193 12.79 73.02 -1.92
N ALA I 194 11.98 72.00 -2.13
CA ALA I 194 11.15 71.48 -1.05
C ALA I 194 10.73 70.04 -1.36
N CYS I 195 10.62 69.22 -0.31
CA CYS I 195 10.14 67.85 -0.40
C CYS I 195 8.85 67.73 0.39
N GLU I 196 7.82 67.15 -0.22
CA GLU I 196 6.51 66.99 0.40
C GLU I 196 6.23 65.51 0.62
N VAL I 197 5.57 65.20 1.73
CA VAL I 197 5.26 63.82 2.11
C VAL I 197 3.76 63.72 2.38
N THR I 198 3.14 62.68 1.84
CA THR I 198 1.75 62.35 2.10
C THR I 198 1.69 60.94 2.67
N HIS I 199 1.26 60.82 3.93
CA HIS I 199 1.28 59.54 4.61
C HIS I 199 0.10 59.49 5.57
N GLN I 200 -0.37 58.27 5.87
CA GLN I 200 -1.63 58.10 6.57
C GLN I 200 -1.63 58.80 7.92
N GLY I 201 -0.62 58.54 8.75
CA GLY I 201 -0.58 59.09 10.09
C GLY I 201 -0.60 60.61 10.12
N LEU I 202 -0.15 61.26 9.05
CA LEU I 202 -0.14 62.72 8.99
C LEU I 202 -1.49 63.21 8.49
N SER I 203 -2.15 64.05 9.29
CA SER I 203 -3.45 64.60 8.89
C SER I 203 -3.31 65.45 7.63
N SER I 204 -2.26 66.27 7.56
CA SER I 204 -1.99 67.13 6.43
C SER I 204 -0.53 66.96 6.01
N PRO I 205 -0.23 67.18 4.73
CA PRO I 205 1.17 67.04 4.28
C PRO I 205 2.09 67.98 5.05
N VAL I 206 3.29 67.50 5.34
CA VAL I 206 4.31 68.25 6.06
C VAL I 206 5.44 68.55 5.09
N THR I 207 5.82 69.83 5.02
CA THR I 207 6.82 70.29 4.06
C THR I 207 8.06 70.78 4.79
N LYS I 208 9.23 70.31 4.37
CA LYS I 208 10.52 70.81 4.82
C LYS I 208 11.30 71.29 3.60
N SER I 209 11.91 72.46 3.72
CA SER I 209 12.58 73.10 2.60
C SER I 209 13.82 73.84 3.08
N PHE I 210 14.71 74.11 2.14
CA PHE I 210 15.93 74.88 2.40
C PHE I 210 16.11 75.90 1.30
N ASN I 211 16.83 76.97 1.64
CA ASN I 211 17.14 78.05 0.70
C ASN I 211 18.63 77.98 0.37
N ARG I 212 18.95 77.98 -0.92
CA ARG I 212 20.33 77.83 -1.35
C ARG I 212 21.18 78.97 -0.80
N GLY I 213 22.33 78.62 -0.23
CA GLY I 213 23.28 79.61 0.26
C GLY I 213 22.99 80.14 1.64
N GLU I 214 21.87 79.77 2.25
CA GLU I 214 21.52 80.26 3.59
C GLU I 214 22.39 79.56 4.62
N CYS I 215 23.39 80.26 5.14
CA CYS I 215 24.27 79.72 6.15
C CYS I 215 23.49 79.34 7.41
N GLN J 57 -13.17 2.93 -63.46
CA GLN J 57 -11.74 3.01 -63.22
C GLN J 57 -11.39 2.33 -61.90
N ALA J 58 -10.57 1.28 -61.98
CA ALA J 58 -10.16 0.57 -60.79
C ALA J 58 -9.22 1.39 -59.92
N PHE J 59 -8.59 2.42 -60.48
CA PHE J 59 -7.63 3.21 -59.70
C PHE J 59 -8.32 4.07 -58.67
N TRP J 60 -9.41 4.75 -59.06
CA TRP J 60 -10.10 5.64 -58.14
C TRP J 60 -10.82 4.88 -57.03
N LYS J 61 -11.13 3.60 -57.25
CA LYS J 61 -11.70 2.80 -56.17
C LYS J 61 -10.66 2.42 -55.14
N ALA J 62 -9.42 2.18 -55.57
CA ALA J 62 -8.35 1.86 -54.63
C ALA J 62 -7.95 3.08 -53.81
N VAL J 63 -7.95 4.27 -54.43
CA VAL J 63 -7.62 5.48 -53.70
C VAL J 63 -8.71 5.82 -52.70
N THR J 64 -9.97 5.59 -53.07
CA THR J 64 -11.07 5.85 -52.15
C THR J 64 -11.07 4.88 -50.98
N ALA J 65 -10.68 3.63 -51.21
CA ALA J 65 -10.60 2.67 -50.12
C ALA J 65 -9.50 3.03 -49.13
N GLU J 66 -8.39 3.58 -49.61
CA GLU J 66 -7.32 4.01 -48.71
C GLU J 66 -7.76 5.17 -47.83
N PHE J 67 -8.51 6.11 -48.40
CA PHE J 67 -9.06 7.20 -47.60
C PHE J 67 -10.07 6.69 -46.59
N LEU J 68 -10.95 5.78 -47.01
CA LEU J 68 -12.00 5.30 -46.12
C LEU J 68 -11.48 4.35 -45.06
N ALA J 69 -10.53 3.49 -45.44
CA ALA J 69 -9.94 2.56 -44.47
C ALA J 69 -9.19 3.32 -43.39
N MET J 70 -8.45 4.37 -43.77
CA MET J 70 -7.66 5.13 -42.81
C MET J 70 -8.54 5.98 -41.91
N LEU J 71 -9.68 6.44 -42.43
CA LEU J 71 -10.60 7.25 -41.63
C LEU J 71 -11.16 6.45 -40.45
N ILE J 72 -11.62 5.23 -40.72
CA ILE J 72 -12.23 4.41 -39.67
C ILE J 72 -11.16 3.93 -38.69
N PHE J 73 -9.97 3.58 -39.19
CA PHE J 73 -8.90 3.13 -38.30
C PHE J 73 -8.54 4.19 -37.28
N VAL J 74 -8.39 5.44 -37.72
CA VAL J 74 -7.94 6.51 -36.82
C VAL J 74 -9.02 6.85 -35.81
N LEU J 75 -10.28 6.91 -36.24
CA LEU J 75 -11.35 7.31 -35.34
C LEU J 75 -11.52 6.31 -34.20
N LEU J 76 -11.66 5.02 -34.52
CA LEU J 76 -11.86 4.03 -33.48
C LEU J 76 -10.62 3.85 -32.62
N SER J 77 -9.45 3.83 -33.25
CA SER J 77 -8.22 3.59 -32.50
C SER J 77 -7.91 4.74 -31.54
N LEU J 78 -8.01 5.98 -32.02
CA LEU J 78 -7.74 7.13 -31.16
C LEU J 78 -8.82 7.30 -30.10
N GLY J 79 -10.05 6.87 -30.40
CA GLY J 79 -11.12 6.99 -29.41
C GLY J 79 -10.88 6.14 -28.19
N SER J 80 -10.26 4.97 -28.36
CA SER J 80 -9.96 4.11 -27.23
C SER J 80 -8.88 4.68 -26.32
N THR J 81 -8.12 5.67 -26.80
CA THR J 81 -7.08 6.29 -25.99
C THR J 81 -7.60 7.45 -25.14
N ILE J 82 -8.87 7.81 -25.28
CA ILE J 82 -9.43 8.91 -24.52
C ILE J 82 -9.49 8.53 -23.05
N ASN J 83 -9.05 9.43 -22.18
CA ASN J 83 -9.08 9.21 -20.74
C ASN J 83 -10.38 9.79 -20.20
N TRP J 84 -11.27 8.91 -19.75
CA TRP J 84 -12.62 9.30 -19.34
C TRP J 84 -12.68 9.76 -17.88
N GLY J 85 -11.57 9.72 -17.16
CA GLY J 85 -11.53 10.28 -15.83
C GLY J 85 -11.33 11.77 -15.78
N GLY J 86 -11.12 12.41 -16.92
CA GLY J 86 -10.94 13.85 -16.98
C GLY J 86 -9.56 14.28 -16.55
N THR J 87 -9.35 15.59 -16.57
CA THR J 87 -8.08 16.18 -16.13
C THR J 87 -7.99 16.31 -14.61
N GLU J 88 -9.12 16.19 -13.91
CA GLU J 88 -9.12 16.33 -12.46
C GLU J 88 -8.52 15.09 -11.80
N LYS J 89 -9.12 13.92 -12.06
CA LYS J 89 -8.66 12.66 -11.49
C LYS J 89 -8.56 11.63 -12.62
N PRO J 90 -7.47 11.63 -13.36
CA PRO J 90 -7.33 10.69 -14.48
C PRO J 90 -7.44 9.24 -14.00
N LEU J 91 -8.07 8.42 -14.83
CA LEU J 91 -8.16 6.98 -14.57
C LEU J 91 -6.87 6.29 -14.97
N PRO J 92 -6.56 5.14 -14.38
CA PRO J 92 -5.39 4.38 -14.82
C PRO J 92 -5.51 3.99 -16.28
N VAL J 93 -4.38 4.02 -16.99
CA VAL J 93 -4.37 3.70 -18.41
C VAL J 93 -4.38 2.19 -18.59
N ASP J 94 -5.28 1.70 -19.43
CA ASP J 94 -5.40 0.28 -19.73
C ASP J 94 -4.62 0.02 -21.01
N MET J 95 -3.42 -0.55 -20.88
CA MET J 95 -2.57 -0.77 -22.04
C MET J 95 -3.11 -1.87 -22.94
N VAL J 96 -3.77 -2.88 -22.37
CA VAL J 96 -4.33 -3.95 -23.17
C VAL J 96 -5.48 -3.43 -24.04
N LEU J 97 -6.27 -2.48 -23.51
CA LEU J 97 -7.36 -1.91 -24.27
C LEU J 97 -6.85 -1.19 -25.51
N ILE J 98 -5.80 -0.38 -25.35
CA ILE J 98 -5.27 0.39 -26.46
C ILE J 98 -4.58 -0.52 -27.47
N SER J 99 -3.83 -1.51 -26.98
CA SER J 99 -3.11 -2.40 -27.88
C SER J 99 -4.06 -3.22 -28.75
N LEU J 100 -5.11 -3.77 -28.14
CA LEU J 100 -6.04 -4.62 -28.88
C LEU J 100 -6.84 -3.82 -29.90
N CYS J 101 -7.28 -2.61 -29.52
CA CYS J 101 -8.07 -1.81 -30.45
C CYS J 101 -7.28 -1.42 -31.67
N PHE J 102 -6.02 -1.02 -31.49
CA PHE J 102 -5.16 -0.69 -32.63
C PHE J 102 -4.91 -1.92 -33.49
N GLY J 103 -4.57 -3.05 -32.85
CA GLY J 103 -4.29 -4.25 -33.61
C GLY J 103 -5.50 -4.81 -34.32
N LEU J 104 -6.64 -4.88 -33.63
CA LEU J 104 -7.85 -5.43 -34.24
C LEU J 104 -8.49 -4.47 -35.24
N SER J 105 -8.19 -3.17 -35.16
CA SER J 105 -8.67 -2.23 -36.17
C SER J 105 -7.95 -2.44 -37.49
N ILE J 106 -6.65 -2.75 -37.43
CA ILE J 106 -5.89 -3.02 -38.65
C ILE J 106 -6.32 -4.36 -39.25
N ALA J 107 -6.54 -5.36 -38.40
CA ALA J 107 -6.99 -6.66 -38.91
C ALA J 107 -8.33 -6.56 -39.61
N THR J 108 -9.16 -5.58 -39.23
CA THR J 108 -10.49 -5.47 -39.80
C THR J 108 -10.47 -4.73 -41.14
N MET J 109 -9.69 -3.65 -41.24
CA MET J 109 -9.63 -2.91 -42.49
C MET J 109 -8.81 -3.65 -43.55
N VAL J 110 -7.88 -4.51 -43.14
CA VAL J 110 -7.21 -5.38 -44.10
C VAL J 110 -8.19 -6.39 -44.66
N GLN J 111 -9.05 -6.96 -43.80
CA GLN J 111 -10.09 -7.87 -44.26
C GLN J 111 -11.09 -7.15 -45.16
N CYS J 112 -11.48 -5.93 -44.80
CA CYS J 112 -12.51 -5.21 -45.54
C CYS J 112 -12.01 -4.77 -46.91
N PHE J 113 -10.83 -4.15 -46.94
CA PHE J 113 -10.34 -3.46 -48.13
C PHE J 113 -9.12 -4.12 -48.75
N GLY J 114 -8.73 -5.30 -48.28
CA GLY J 114 -7.51 -5.92 -48.77
C GLY J 114 -7.57 -6.23 -50.26
N HIS J 115 -8.74 -6.59 -50.76
CA HIS J 115 -8.92 -6.95 -52.15
C HIS J 115 -9.24 -5.75 -53.04
N ILE J 116 -9.44 -4.57 -52.47
CA ILE J 116 -9.81 -3.39 -53.23
C ILE J 116 -8.61 -2.49 -53.48
N SER J 117 -7.78 -2.26 -52.47
CA SER J 117 -6.65 -1.35 -52.57
C SER J 117 -5.32 -1.98 -52.21
N GLY J 118 -5.30 -3.19 -51.66
CA GLY J 118 -4.09 -3.79 -51.15
C GLY J 118 -3.96 -3.73 -49.65
N GLY J 119 -4.78 -2.92 -48.96
CA GLY J 119 -4.78 -2.87 -47.52
C GLY J 119 -3.50 -2.35 -46.90
N HIS J 120 -2.96 -1.25 -47.44
CA HIS J 120 -1.74 -0.68 -46.88
C HIS J 120 -2.03 0.06 -45.58
N ILE J 121 -2.87 1.10 -45.65
CA ILE J 121 -3.30 1.85 -44.47
C ILE J 121 -2.03 2.21 -43.72
N ASN J 122 -0.97 2.54 -44.44
CA ASN J 122 0.26 2.99 -43.80
C ASN J 122 1.20 3.61 -44.82
N PRO J 123 1.57 4.89 -44.67
CA PRO J 123 2.52 5.48 -45.61
C PRO J 123 3.88 4.80 -45.62
N ALA J 124 4.30 4.23 -44.49
CA ALA J 124 5.58 3.53 -44.45
C ALA J 124 5.52 2.21 -45.21
N VAL J 125 4.38 1.53 -45.15
CA VAL J 125 4.20 0.30 -45.94
C VAL J 125 4.14 0.63 -47.42
N THR J 126 3.50 1.75 -47.77
CA THR J 126 3.41 2.13 -49.18
C THR J 126 4.79 2.42 -49.75
N VAL J 127 5.66 3.06 -48.98
CA VAL J 127 6.99 3.38 -49.46
C VAL J 127 7.80 2.11 -49.70
N ALA J 128 7.64 1.11 -48.83
CA ALA J 128 8.36 -0.14 -49.00
C ALA J 128 7.96 -0.84 -50.29
N MET J 129 6.67 -0.80 -50.63
CA MET J 129 6.20 -1.47 -51.84
C MET J 129 6.77 -0.81 -53.10
N VAL J 130 6.93 0.51 -53.07
CA VAL J 130 7.53 1.19 -54.23
C VAL J 130 8.97 0.75 -54.42
N CYS J 131 9.73 0.68 -53.32
CA CYS J 131 11.15 0.35 -53.44
C CYS J 131 11.35 -1.07 -53.99
N THR J 132 10.50 -2.00 -53.58
CA THR J 132 10.57 -3.38 -54.06
C THR J 132 9.82 -3.57 -55.38
N ARG J 133 9.33 -2.48 -55.97
CA ARG J 133 8.70 -2.52 -57.30
C ARG J 133 7.43 -3.36 -57.30
N LYS J 134 6.54 -3.08 -56.33
CA LYS J 134 5.24 -3.70 -56.29
C LYS J 134 4.11 -2.74 -56.66
N ILE J 135 4.33 -1.43 -56.58
CA ILE J 135 3.39 -0.43 -57.06
C ILE J 135 4.19 0.66 -57.77
N SER J 136 3.51 1.39 -58.64
CA SER J 136 4.16 2.44 -59.40
C SER J 136 4.35 3.68 -58.53
N ILE J 137 5.26 4.56 -58.97
CA ILE J 137 5.55 5.78 -58.23
C ILE J 137 4.32 6.68 -58.20
N ALA J 138 3.67 6.86 -59.35
CA ALA J 138 2.46 7.68 -59.41
C ALA J 138 1.34 7.07 -58.59
N LYS J 139 1.19 5.75 -58.65
CA LYS J 139 0.17 5.07 -57.86
C LYS J 139 0.37 5.31 -56.38
N SER J 140 1.62 5.35 -55.92
CA SER J 140 1.91 5.48 -54.49
C SER J 140 1.87 6.91 -54.00
N VAL J 141 1.90 7.90 -54.90
CA VAL J 141 1.73 9.28 -54.47
C VAL J 141 0.31 9.51 -53.97
N PHE J 142 -0.67 8.89 -54.61
CA PHE J 142 -2.07 9.09 -54.24
C PHE J 142 -2.45 8.32 -52.99
N TYR J 143 -1.85 7.15 -52.74
CA TYR J 143 -2.09 6.47 -51.47
C TYR J 143 -1.61 7.30 -50.30
N ILE J 144 -0.44 7.91 -50.42
CA ILE J 144 0.10 8.70 -49.31
C ILE J 144 -0.76 9.93 -49.07
N ALA J 145 -1.21 10.58 -50.14
CA ALA J 145 -2.11 11.72 -49.99
C ALA J 145 -3.45 11.30 -49.39
N ALA J 146 -3.99 10.17 -49.85
CA ALA J 146 -5.27 9.71 -49.33
C ALA J 146 -5.17 9.28 -47.88
N GLN J 147 -4.08 8.61 -47.50
CA GLN J 147 -3.91 8.19 -46.12
C GLN J 147 -3.83 9.38 -45.18
N CYS J 148 -3.12 10.44 -45.59
CA CYS J 148 -2.99 11.61 -44.72
C CYS J 148 -4.32 12.32 -44.56
N LEU J 149 -5.08 12.48 -45.64
CA LEU J 149 -6.38 13.14 -45.55
C LEU J 149 -7.35 12.34 -44.68
N GLY J 150 -7.32 11.01 -44.80
CA GLY J 150 -8.20 10.20 -43.98
C GLY J 150 -7.91 10.34 -42.50
N ALA J 151 -6.63 10.40 -42.13
CA ALA J 151 -6.28 10.58 -40.73
C ALA J 151 -6.69 11.95 -40.22
N ILE J 152 -6.56 12.99 -41.04
CA ILE J 152 -6.98 14.32 -40.65
C ILE J 152 -8.48 14.36 -40.41
N ILE J 153 -9.26 13.75 -41.30
CA ILE J 153 -10.71 13.73 -41.15
C ILE J 153 -11.13 12.84 -39.99
N GLY J 154 -10.46 11.71 -39.83
CA GLY J 154 -10.82 10.80 -38.75
C GLY J 154 -10.61 11.42 -37.38
N ALA J 155 -9.51 12.16 -37.20
CA ALA J 155 -9.27 12.85 -35.93
C ALA J 155 -10.19 14.05 -35.78
N GLY J 156 -10.57 14.69 -36.88
CA GLY J 156 -11.51 15.80 -36.80
C GLY J 156 -12.87 15.38 -36.30
N ILE J 157 -13.35 14.22 -36.74
CA ILE J 157 -14.63 13.71 -36.26
C ILE J 157 -14.54 13.35 -34.79
N LEU J 158 -13.43 12.77 -34.36
CA LEU J 158 -13.25 12.44 -32.96
C LEU J 158 -13.31 13.67 -32.07
N TYR J 159 -12.72 14.78 -32.53
CA TYR J 159 -12.73 16.00 -31.73
C TYR J 159 -14.13 16.56 -31.59
N LEU J 160 -14.99 16.38 -32.60
CA LEU J 160 -16.32 16.96 -32.55
C LEU J 160 -17.24 16.21 -31.59
N VAL J 161 -17.18 14.88 -31.58
CA VAL J 161 -18.09 14.09 -30.75
C VAL J 161 -17.60 13.92 -29.32
N THR J 162 -16.35 14.24 -29.03
CA THR J 162 -15.81 14.06 -27.69
C THR J 162 -16.09 15.27 -26.83
N PRO J 163 -16.61 15.10 -25.62
CA PRO J 163 -16.82 16.25 -24.73
C PRO J 163 -15.51 16.96 -24.44
N PRO J 164 -15.54 18.29 -24.33
CA PRO J 164 -14.28 19.03 -24.14
C PRO J 164 -13.55 18.68 -22.85
N SER J 165 -14.24 18.07 -21.88
CA SER J 165 -13.60 17.76 -20.60
C SER J 165 -12.62 16.59 -20.70
N VAL J 166 -12.76 15.73 -21.70
CA VAL J 166 -11.96 14.52 -21.79
C VAL J 166 -11.13 14.46 -23.07
N VAL J 167 -11.13 15.52 -23.88
CA VAL J 167 -10.40 15.47 -25.15
C VAL J 167 -8.92 15.23 -24.90
N GLY J 168 -8.34 15.96 -23.95
CA GLY J 168 -6.94 15.77 -23.62
C GLY J 168 -6.05 16.01 -24.83
N GLY J 169 -5.13 15.08 -25.07
CA GLY J 169 -4.21 15.19 -26.19
C GLY J 169 -4.74 14.66 -27.50
N LEU J 170 -5.92 14.04 -27.50
CA LEU J 170 -6.53 13.48 -28.71
C LEU J 170 -5.64 12.41 -29.34
N GLY J 171 -4.90 11.67 -28.51
CA GLY J 171 -4.12 10.56 -29.01
C GLY J 171 -2.87 10.92 -29.78
N VAL J 172 -2.32 12.12 -29.58
CA VAL J 172 -1.11 12.53 -30.25
C VAL J 172 0.08 11.82 -29.60
N THR J 173 0.95 11.24 -30.44
CA THR J 173 2.10 10.50 -29.95
C THR J 173 3.21 11.44 -29.50
N MET J 174 3.80 11.14 -28.35
CA MET J 174 4.88 11.94 -27.79
C MET J 174 5.98 11.03 -27.28
N VAL J 175 7.22 11.51 -27.37
CA VAL J 175 8.37 10.78 -26.87
C VAL J 175 8.52 11.04 -25.37
N HIS J 176 8.97 10.02 -24.65
CA HIS J 176 9.11 10.13 -23.20
C HIS J 176 10.08 11.24 -22.84
N GLY J 177 9.80 11.91 -21.73
CA GLY J 177 10.61 13.06 -21.35
C GLY J 177 12.06 12.71 -21.10
N ASN J 178 12.30 11.58 -20.45
CA ASN J 178 13.66 11.15 -20.12
C ASN J 178 14.34 10.43 -21.27
N LEU J 179 13.66 10.25 -22.39
CA LEU J 179 14.18 9.50 -23.52
C LEU J 179 14.58 10.47 -24.62
N THR J 180 15.81 10.36 -25.09
CA THR J 180 16.31 11.26 -26.12
C THR J 180 15.65 10.98 -27.46
N ALA J 181 15.61 12.00 -28.32
CA ALA J 181 15.07 11.81 -29.66
C ALA J 181 15.87 10.77 -30.43
N GLY J 182 17.14 10.57 -30.07
CA GLY J 182 17.91 9.52 -30.70
C GLY J 182 17.41 8.13 -30.34
N HIS J 183 17.04 7.92 -29.08
CA HIS J 183 16.48 6.63 -28.68
C HIS J 183 15.07 6.46 -29.19
N GLY J 184 14.29 7.54 -29.23
CA GLY J 184 12.94 7.44 -29.76
C GLY J 184 12.92 7.05 -31.22
N LEU J 185 13.87 7.56 -32.00
CA LEU J 185 13.97 7.18 -33.40
C LEU J 185 14.31 5.70 -33.55
N LEU J 186 15.16 5.18 -32.68
CA LEU J 186 15.54 3.77 -32.74
C LEU J 186 14.37 2.85 -32.38
N VAL J 187 13.57 3.24 -31.39
CA VAL J 187 12.42 2.42 -31.01
C VAL J 187 11.41 2.34 -32.14
N GLU J 188 11.10 3.49 -32.76
CA GLU J 188 10.17 3.49 -33.88
C GLU J 188 10.69 2.67 -35.05
N LEU J 189 12.02 2.58 -35.18
CA LEU J 189 12.61 1.88 -36.32
C LEU J 189 12.50 0.37 -36.20
N ILE J 190 12.45 -0.16 -34.98
CA ILE J 190 12.44 -1.61 -34.78
C ILE J 190 11.02 -2.16 -34.78
N ILE J 191 10.09 -1.51 -34.06
CA ILE J 191 8.72 -1.98 -34.06
C ILE J 191 8.08 -1.88 -35.44
N THR J 192 8.62 -1.03 -36.31
CA THR J 192 8.14 -0.93 -37.68
C THR J 192 8.85 -1.92 -38.60
N PHE J 193 10.08 -2.31 -38.28
CA PHE J 193 10.76 -3.32 -39.07
C PHE J 193 10.03 -4.65 -39.01
N GLN J 194 9.58 -5.05 -37.83
CA GLN J 194 8.88 -6.33 -37.67
C GLN J 194 7.45 -6.28 -38.18
N LEU J 195 6.85 -5.10 -38.31
CA LEU J 195 5.53 -5.00 -38.90
C LEU J 195 5.57 -5.24 -40.40
N VAL J 196 6.53 -4.61 -41.09
CA VAL J 196 6.61 -4.75 -42.53
C VAL J 196 7.17 -6.10 -42.93
N PHE J 197 7.98 -6.73 -42.08
CA PHE J 197 8.48 -8.07 -42.37
C PHE J 197 7.34 -9.08 -42.35
N THR J 198 6.39 -8.92 -41.43
CA THR J 198 5.22 -9.80 -41.38
C THR J 198 4.36 -9.63 -42.63
N ILE J 199 4.20 -8.39 -43.09
CA ILE J 199 3.39 -8.16 -44.29
C ILE J 199 3.99 -8.86 -45.49
N PHE J 200 5.31 -8.74 -45.67
CA PHE J 200 5.97 -9.38 -46.80
C PHE J 200 5.93 -10.91 -46.67
N ALA J 201 6.16 -11.43 -45.47
CA ALA J 201 6.18 -12.87 -45.27
C ALA J 201 4.79 -13.48 -45.47
N SER J 202 3.76 -12.84 -44.92
CA SER J 202 2.41 -13.38 -45.05
C SER J 202 1.93 -13.34 -46.50
N CYS J 203 2.26 -12.28 -47.23
CA CYS J 203 1.73 -12.05 -48.56
C CYS J 203 2.64 -12.58 -49.66
N ASP J 204 3.66 -13.36 -49.31
CA ASP J 204 4.59 -13.88 -50.30
C ASP J 204 3.93 -15.01 -51.06
N SER J 205 3.85 -14.87 -52.38
CA SER J 205 3.14 -15.83 -53.22
C SER J 205 3.93 -17.10 -53.48
N LYS J 206 5.24 -17.10 -53.21
CA LYS J 206 6.03 -18.31 -53.37
C LYS J 206 5.83 -19.30 -52.23
N ARG J 207 5.32 -18.85 -51.09
CA ARG J 207 5.14 -19.74 -49.95
C ARG J 207 3.97 -20.69 -50.19
N THR J 208 4.08 -21.88 -49.61
CA THR J 208 2.98 -22.82 -49.57
C THR J 208 2.61 -23.21 -48.15
N ASP J 209 3.23 -22.61 -47.14
CA ASP J 209 3.04 -22.98 -45.75
C ASP J 209 2.32 -21.92 -44.93
N VAL J 210 1.76 -20.89 -45.57
CA VAL J 210 1.04 -19.86 -44.84
C VAL J 210 -0.35 -20.36 -44.53
N THR J 211 -0.72 -20.33 -43.25
CA THR J 211 -1.98 -20.87 -42.78
C THR J 211 -2.72 -19.82 -41.96
N GLY J 212 -4.04 -19.98 -41.88
CA GLY J 212 -4.85 -19.08 -41.08
C GLY J 212 -5.12 -17.77 -41.80
N SER J 213 -5.53 -16.78 -41.02
CA SER J 213 -5.92 -15.49 -41.56
C SER J 213 -4.69 -14.60 -41.70
N ILE J 214 -4.46 -14.07 -42.90
CA ILE J 214 -3.38 -13.13 -43.11
C ILE J 214 -3.69 -11.80 -42.43
N ALA J 215 -4.95 -11.36 -42.48
CA ALA J 215 -5.31 -10.09 -41.86
C ALA J 215 -5.07 -10.11 -40.36
N LEU J 216 -5.40 -11.22 -39.71
CA LEU J 216 -5.23 -11.31 -38.26
C LEU J 216 -3.77 -11.45 -37.86
N ALA J 217 -2.94 -12.04 -38.72
CA ALA J 217 -1.51 -12.10 -38.45
C ALA J 217 -0.91 -10.71 -38.43
N ILE J 218 -1.32 -9.85 -39.38
CA ILE J 218 -0.85 -8.47 -39.41
C ILE J 218 -1.38 -7.70 -38.21
N GLY J 219 -2.60 -7.98 -37.77
CA GLY J 219 -3.15 -7.28 -36.62
C GLY J 219 -2.39 -7.55 -35.34
N PHE J 220 -2.04 -8.81 -35.09
CA PHE J 220 -1.27 -9.16 -33.90
C PHE J 220 0.14 -8.59 -33.93
N SER J 221 0.66 -8.25 -35.12
CA SER J 221 1.95 -7.60 -35.19
C SER J 221 1.88 -6.16 -34.74
N VAL J 222 0.76 -5.48 -35.06
CA VAL J 222 0.57 -4.11 -34.61
C VAL J 222 0.38 -4.07 -33.10
N ALA J 223 -0.29 -5.08 -32.54
CA ALA J 223 -0.57 -5.08 -31.11
C ALA J 223 0.69 -5.20 -30.28
N ILE J 224 1.61 -6.10 -30.67
CA ILE J 224 2.80 -6.32 -29.87
C ILE J 224 3.70 -5.09 -29.90
N GLY J 225 3.72 -4.36 -31.02
CA GLY J 225 4.45 -3.10 -31.05
C GLY J 225 3.88 -2.07 -30.10
N HIS J 226 2.56 -2.10 -29.88
CA HIS J 226 1.93 -1.20 -28.92
C HIS J 226 2.16 -1.66 -27.49
N LEU J 227 2.13 -2.97 -27.25
CA LEU J 227 2.35 -3.48 -25.91
C LEU J 227 3.74 -3.14 -25.39
N PHE J 228 4.66 -2.76 -26.27
CA PHE J 228 6.04 -2.46 -25.93
C PHE J 228 6.31 -0.96 -25.79
N ALA J 229 5.92 -0.16 -26.79
CA ALA J 229 6.45 1.20 -26.94
C ALA J 229 5.41 2.29 -26.73
N ILE J 230 4.30 2.01 -26.06
CA ILE J 230 3.35 3.08 -25.77
C ILE J 230 3.97 4.10 -24.83
N ASN J 231 4.75 3.64 -23.86
CA ASN J 231 5.37 4.53 -22.89
C ASN J 231 6.74 5.04 -23.34
N TYR J 232 7.24 4.59 -24.48
CA TYR J 232 8.52 5.07 -25.00
C TYR J 232 8.33 6.22 -25.98
N THR J 233 7.61 5.97 -27.08
CA THR J 233 7.43 6.96 -28.13
C THR J 233 5.99 7.06 -28.61
N GLY J 234 5.05 6.44 -27.91
CA GLY J 234 3.67 6.42 -28.33
C GLY J 234 3.29 5.29 -29.26
N ALA J 235 4.28 4.52 -29.74
CA ALA J 235 4.04 3.37 -30.60
C ALA J 235 3.25 3.78 -31.86
N SER J 236 3.83 4.72 -32.61
CA SER J 236 3.16 5.20 -33.81
C SER J 236 3.16 4.14 -34.90
N MET J 237 4.34 3.76 -35.38
CA MET J 237 4.46 2.72 -36.40
C MET J 237 3.83 3.17 -37.72
N ASN J 238 3.33 4.40 -37.76
CA ASN J 238 2.56 4.88 -38.89
C ASN J 238 2.69 6.40 -39.00
N PRO J 239 3.34 6.92 -40.04
CA PRO J 239 3.46 8.38 -40.16
C PRO J 239 2.12 9.10 -40.23
N ALA J 240 1.13 8.52 -40.90
CA ALA J 240 -0.16 9.17 -41.07
C ALA J 240 -1.01 9.11 -39.81
N ARG J 241 -0.82 8.10 -38.97
CA ARG J 241 -1.53 8.02 -37.70
C ARG J 241 -1.10 9.14 -36.76
N SER J 242 0.16 9.59 -36.85
CA SER J 242 0.64 10.70 -36.04
C SER J 242 0.37 12.05 -36.69
N PHE J 243 0.31 12.10 -38.02
CA PHE J 243 0.05 13.35 -38.72
C PHE J 243 -1.36 13.88 -38.46
N GLY J 244 -2.34 12.98 -38.35
CA GLY J 244 -3.72 13.37 -38.20
C GLY J 244 -3.97 14.26 -36.98
N PRO J 245 -3.79 13.70 -35.78
CA PRO J 245 -4.02 14.50 -34.57
C PRO J 245 -3.13 15.72 -34.45
N ALA J 246 -1.91 15.66 -34.98
CA ALA J 246 -1.01 16.81 -34.88
C ALA J 246 -1.57 18.02 -35.62
N VAL J 247 -2.14 17.80 -36.80
CA VAL J 247 -2.71 18.90 -37.57
C VAL J 247 -3.87 19.53 -36.81
N ILE J 248 -4.71 18.70 -36.19
CA ILE J 248 -5.89 19.20 -35.49
C ILE J 248 -5.47 19.98 -34.24
N MET J 249 -4.75 19.31 -33.35
CA MET J 249 -4.40 19.89 -32.06
C MET J 249 -3.20 20.82 -32.12
N GLY J 250 -2.46 20.82 -33.23
CA GLY J 250 -1.28 21.66 -33.35
C GLY J 250 -0.13 21.31 -32.44
N ASN J 251 0.14 20.02 -32.25
CA ASN J 251 1.28 19.54 -31.47
C ASN J 251 2.29 18.94 -32.44
N TRP J 252 3.42 19.63 -32.60
CA TRP J 252 4.39 19.31 -33.65
C TRP J 252 5.76 18.99 -33.08
N GLU J 253 5.82 18.52 -31.84
CA GLU J 253 7.09 18.31 -31.15
C GLU J 253 7.66 16.94 -31.50
N ASN J 254 8.92 16.93 -31.95
CA ASN J 254 9.62 15.70 -32.34
C ASN J 254 8.83 14.93 -33.39
N HIS J 255 8.18 15.65 -34.30
CA HIS J 255 7.37 15.00 -35.31
C HIS J 255 8.18 14.42 -36.46
N TRP J 256 9.47 14.75 -36.55
CA TRP J 256 10.30 14.24 -37.63
C TRP J 256 10.74 12.80 -37.40
N ILE J 257 10.67 12.31 -36.15
CA ILE J 257 11.07 10.93 -35.89
C ILE J 257 9.98 9.95 -36.27
N TYR J 258 8.74 10.41 -36.41
CA TYR J 258 7.61 9.57 -36.80
C TYR J 258 7.50 9.43 -38.31
N TRP J 259 8.36 10.11 -39.06
CA TRP J 259 8.48 9.92 -40.51
C TRP J 259 9.77 9.21 -40.89
N VAL J 260 10.90 9.66 -40.33
CA VAL J 260 12.17 9.01 -40.64
C VAL J 260 12.25 7.62 -40.03
N GLY J 261 11.81 7.48 -38.78
CA GLY J 261 11.89 6.23 -38.08
C GLY J 261 11.13 5.11 -38.79
N PRO J 262 9.81 5.23 -38.85
CA PRO J 262 9.02 4.17 -39.50
C PRO J 262 9.42 3.91 -40.94
N ILE J 263 9.76 4.95 -41.70
CA ILE J 263 10.09 4.74 -43.11
C ILE J 263 11.41 4.02 -43.27
N ILE J 264 12.40 4.33 -42.42
CA ILE J 264 13.69 3.65 -42.51
C ILE J 264 13.53 2.17 -42.20
N GLY J 265 12.80 1.84 -41.14
CA GLY J 265 12.58 0.44 -40.80
C GLY J 265 11.77 -0.31 -41.84
N ALA J 266 10.82 0.37 -42.49
CA ALA J 266 10.02 -0.29 -43.52
C ALA J 266 10.85 -0.63 -44.74
N VAL J 267 11.77 0.25 -45.15
CA VAL J 267 12.57 0.00 -46.34
C VAL J 267 13.55 -1.14 -46.09
N LEU J 268 14.12 -1.23 -44.88
CA LEU J 268 15.03 -2.33 -44.58
C LEU J 268 14.31 -3.66 -44.60
N ALA J 269 13.12 -3.74 -43.98
CA ALA J 269 12.38 -4.99 -43.94
C ALA J 269 11.96 -5.44 -45.33
N GLY J 270 11.48 -4.51 -46.15
CA GLY J 270 11.11 -4.86 -47.51
C GLY J 270 12.30 -5.25 -48.35
N GLY J 271 13.38 -4.48 -48.27
CA GLY J 271 14.58 -4.80 -49.03
C GLY J 271 15.26 -6.06 -48.54
N LEU J 272 15.31 -6.26 -47.23
CA LEU J 272 15.99 -7.42 -46.68
C LEU J 272 15.27 -8.72 -47.04
N TYR J 273 13.94 -8.72 -46.97
CA TYR J 273 13.18 -9.90 -47.34
C TYR J 273 13.24 -10.17 -48.84
N GLU J 274 13.00 -9.13 -49.65
CA GLU J 274 12.85 -9.33 -51.08
C GLU J 274 14.17 -9.67 -51.76
N TYR J 275 15.29 -9.25 -51.19
CA TYR J 275 16.56 -9.29 -51.89
C TYR J 275 17.62 -10.15 -51.21
N VAL J 276 17.40 -10.59 -49.98
CA VAL J 276 18.39 -11.34 -49.20
C VAL J 276 17.83 -12.69 -48.75
N PHE J 277 16.68 -12.68 -48.08
CA PHE J 277 16.16 -13.91 -47.51
C PHE J 277 15.40 -14.74 -48.55
N CYS J 278 14.43 -14.12 -49.22
CA CYS J 278 13.59 -14.80 -50.20
C CYS J 278 13.60 -14.04 -51.51
N PRO J 279 14.73 -14.09 -52.25
CA PRO J 279 14.89 -13.41 -53.53
C PRO J 279 14.23 -14.15 -54.69
#